data_3F3X
# 
_entry.id   3F3X 
# 
_audit_conform.dict_name       mmcif_pdbx.dic 
_audit_conform.dict_version    5.383 
_audit_conform.dict_location   http://mmcif.pdb.org/dictionaries/ascii/mmcif_pdbx.dic 
# 
loop_
_database_2.database_id 
_database_2.database_code 
_database_2.pdbx_database_accession 
_database_2.pdbx_DOI 
PDB   3F3X         pdb_00003f3x 10.2210/pdb3f3x/pdb 
RCSB  RCSB050115   ?            ?                   
WWPDB D_1000050115 ?            ?                   
# 
loop_
_pdbx_audit_revision_history.ordinal 
_pdbx_audit_revision_history.data_content_type 
_pdbx_audit_revision_history.major_revision 
_pdbx_audit_revision_history.minor_revision 
_pdbx_audit_revision_history.revision_date 
1 'Structure model' 1 0 2009-05-05 
2 'Structure model' 1 1 2011-07-13 
3 'Structure model' 1 2 2017-10-25 
4 'Structure model' 1 3 2023-12-27 
# 
_pdbx_audit_revision_details.ordinal             1 
_pdbx_audit_revision_details.revision_ordinal    1 
_pdbx_audit_revision_details.data_content_type   'Structure model' 
_pdbx_audit_revision_details.provider            repository 
_pdbx_audit_revision_details.type                'Initial release' 
_pdbx_audit_revision_details.description         ? 
_pdbx_audit_revision_details.details             ? 
# 
loop_
_pdbx_audit_revision_group.ordinal 
_pdbx_audit_revision_group.revision_ordinal 
_pdbx_audit_revision_group.data_content_type 
_pdbx_audit_revision_group.group 
1 2 'Structure model' 'Version format compliance' 
2 3 'Structure model' 'Refinement description'    
3 4 'Structure model' 'Data collection'           
4 4 'Structure model' 'Database references'       
5 4 'Structure model' 'Derived calculations'      
# 
loop_
_pdbx_audit_revision_category.ordinal 
_pdbx_audit_revision_category.revision_ordinal 
_pdbx_audit_revision_category.data_content_type 
_pdbx_audit_revision_category.category 
1 3 'Structure model' software       
2 4 'Structure model' chem_comp_atom 
3 4 'Structure model' chem_comp_bond 
4 4 'Structure model' database_2     
5 4 'Structure model' struct_site    
# 
loop_
_pdbx_audit_revision_item.ordinal 
_pdbx_audit_revision_item.revision_ordinal 
_pdbx_audit_revision_item.data_content_type 
_pdbx_audit_revision_item.item 
1 3 'Structure model' '_software.name'                      
2 4 'Structure model' '_database_2.pdbx_DOI'                
3 4 'Structure model' '_database_2.pdbx_database_accession' 
4 4 'Structure model' '_struct_site.pdbx_auth_asym_id'      
5 4 'Structure model' '_struct_site.pdbx_auth_comp_id'      
6 4 'Structure model' '_struct_site.pdbx_auth_seq_id'       
# 
_pdbx_database_status.status_code                     REL 
_pdbx_database_status.entry_id                        3F3X 
_pdbx_database_status.recvd_initial_deposition_date   2008-10-31 
_pdbx_database_status.deposit_site                    RCSB 
_pdbx_database_status.process_site                    PDBJ 
_pdbx_database_status.status_code_sf                  REL 
_pdbx_database_status.status_code_mr                  ? 
_pdbx_database_status.SG_entry                        ? 
_pdbx_database_status.pdb_format_compatible           Y 
_pdbx_database_status.status_code_cs                  ? 
_pdbx_database_status.methods_development_category    ? 
_pdbx_database_status.status_code_nmr_data            ? 
# 
_pdbx_database_related.db_name        PDB 
_pdbx_database_related.db_id          2GXG 
_pdbx_database_related.details        
'Crystal structure of EmrR homolog from hyperthermophilic archaea Sulfolobus tokodaii strain7' 
_pdbx_database_related.content_type   unspecified 
# 
loop_
_audit_author.name 
_audit_author.pdbx_ordinal 
'Di Fiore, A.'  1 
'De Simone, G.' 2 
# 
_citation.id                        primary 
_citation.title                     
;Structural analysis of BldR from Sulfolobus solfataricus provides insights into the molecular basis of transcriptional activation in archaea by MarR family proteins.
;
_citation.journal_abbrev            J.Mol.Biol. 
_citation.journal_volume            388 
_citation.page_first                559 
_citation.page_last                 569 
_citation.year                      2009 
_citation.journal_id_ASTM           JMOBAK 
_citation.country                   UK 
_citation.journal_id_ISSN           0022-2836 
_citation.journal_id_CSD            0070 
_citation.book_publisher            ? 
_citation.pdbx_database_id_PubMed   19298823 
_citation.pdbx_database_id_DOI      10.1016/j.jmb.2009.03.030 
# 
loop_
_citation_author.citation_id 
_citation_author.name 
_citation_author.ordinal 
_citation_author.identifier_ORCID 
primary 'Di Fiore, A.'   1 ? 
primary 'Fiorentino, G.' 2 ? 
primary 'Vitale, R.M.'   3 ? 
primary 'Ronca, R.'      4 ? 
primary 'Amodeo, P.'     5 ? 
primary 'Pedone, C.'     6 ? 
primary 'Bartolucci, S.' 7 ? 
primary 'De Simone, G.'  8 ? 
# 
loop_
_entity.id 
_entity.type 
_entity.src_method 
_entity.pdbx_description 
_entity.formula_weight 
_entity.pdbx_number_of_molecules 
_entity.pdbx_ec 
_entity.pdbx_mutation 
_entity.pdbx_fragment 
_entity.details 
1 polymer     man 'Transcriptional regulator, marR family, putative' 16509.203 1   ? ? ? ? 
2 non-polymer syn 'SULFATE ION'                                      96.063    1   ? ? ? ? 
3 water       nat water                                              18.015    108 ? ? ? ? 
# 
_entity_poly.entity_id                      1 
_entity_poly.type                           'polypeptide(L)' 
_entity_poly.nstd_linkage                   no 
_entity_poly.nstd_monomer                   no 
_entity_poly.pdbx_seq_one_letter_code       
;MQKIDEKLQLMNTIAKIYRGSIKEFNNRLGKLMNLSYLDFSILKATSEEPRSMVYLANRYFVTQSAITAAVDKLEAKGLV
RRIRDSKDRRIVIVEITPKGRQVLLEANEVLRNLVNEMLSDVENVEELLEGLNKILSRIGSSKD
;
_entity_poly.pdbx_seq_one_letter_code_can   
;MQKIDEKLQLMNTIAKIYRGSIKEFNNRLGKLMNLSYLDFSILKATSEEPRSMVYLANRYFVTQSAITAAVDKLEAKGLV
RRIRDSKDRRIVIVEITPKGRQVLLEANEVLRNLVNEMLSDVENVEELLEGLNKILSRIGSSKD
;
_entity_poly.pdbx_strand_id                 A 
_entity_poly.pdbx_target_identifier         ? 
# 
loop_
_pdbx_entity_nonpoly.entity_id 
_pdbx_entity_nonpoly.name 
_pdbx_entity_nonpoly.comp_id 
2 'SULFATE ION' SO4 
3 water         HOH 
# 
loop_
_entity_poly_seq.entity_id 
_entity_poly_seq.num 
_entity_poly_seq.mon_id 
_entity_poly_seq.hetero 
1 1   MET n 
1 2   GLN n 
1 3   LYS n 
1 4   ILE n 
1 5   ASP n 
1 6   GLU n 
1 7   LYS n 
1 8   LEU n 
1 9   GLN n 
1 10  LEU n 
1 11  MET n 
1 12  ASN n 
1 13  THR n 
1 14  ILE n 
1 15  ALA n 
1 16  LYS n 
1 17  ILE n 
1 18  TYR n 
1 19  ARG n 
1 20  GLY n 
1 21  SER n 
1 22  ILE n 
1 23  LYS n 
1 24  GLU n 
1 25  PHE n 
1 26  ASN n 
1 27  ASN n 
1 28  ARG n 
1 29  LEU n 
1 30  GLY n 
1 31  LYS n 
1 32  LEU n 
1 33  MET n 
1 34  ASN n 
1 35  LEU n 
1 36  SER n 
1 37  TYR n 
1 38  LEU n 
1 39  ASP n 
1 40  PHE n 
1 41  SER n 
1 42  ILE n 
1 43  LEU n 
1 44  LYS n 
1 45  ALA n 
1 46  THR n 
1 47  SER n 
1 48  GLU n 
1 49  GLU n 
1 50  PRO n 
1 51  ARG n 
1 52  SER n 
1 53  MET n 
1 54  VAL n 
1 55  TYR n 
1 56  LEU n 
1 57  ALA n 
1 58  ASN n 
1 59  ARG n 
1 60  TYR n 
1 61  PHE n 
1 62  VAL n 
1 63  THR n 
1 64  GLN n 
1 65  SER n 
1 66  ALA n 
1 67  ILE n 
1 68  THR n 
1 69  ALA n 
1 70  ALA n 
1 71  VAL n 
1 72  ASP n 
1 73  LYS n 
1 74  LEU n 
1 75  GLU n 
1 76  ALA n 
1 77  LYS n 
1 78  GLY n 
1 79  LEU n 
1 80  VAL n 
1 81  ARG n 
1 82  ARG n 
1 83  ILE n 
1 84  ARG n 
1 85  ASP n 
1 86  SER n 
1 87  LYS n 
1 88  ASP n 
1 89  ARG n 
1 90  ARG n 
1 91  ILE n 
1 92  VAL n 
1 93  ILE n 
1 94  VAL n 
1 95  GLU n 
1 96  ILE n 
1 97  THR n 
1 98  PRO n 
1 99  LYS n 
1 100 GLY n 
1 101 ARG n 
1 102 GLN n 
1 103 VAL n 
1 104 LEU n 
1 105 LEU n 
1 106 GLU n 
1 107 ALA n 
1 108 ASN n 
1 109 GLU n 
1 110 VAL n 
1 111 LEU n 
1 112 ARG n 
1 113 ASN n 
1 114 LEU n 
1 115 VAL n 
1 116 ASN n 
1 117 GLU n 
1 118 MET n 
1 119 LEU n 
1 120 SER n 
1 121 ASP n 
1 122 VAL n 
1 123 GLU n 
1 124 ASN n 
1 125 VAL n 
1 126 GLU n 
1 127 GLU n 
1 128 LEU n 
1 129 LEU n 
1 130 GLU n 
1 131 GLY n 
1 132 LEU n 
1 133 ASN n 
1 134 LYS n 
1 135 ILE n 
1 136 LEU n 
1 137 SER n 
1 138 ARG n 
1 139 ILE n 
1 140 GLY n 
1 141 SER n 
1 142 SER n 
1 143 LYS n 
1 144 ASP n 
# 
_entity_src_gen.entity_id                          1 
_entity_src_gen.pdbx_src_id                        1 
_entity_src_gen.pdbx_alt_source_flag               sample 
_entity_src_gen.pdbx_seq_type                      ? 
_entity_src_gen.pdbx_beg_seq_num                   ? 
_entity_src_gen.pdbx_end_seq_num                   ? 
_entity_src_gen.gene_src_common_name               ? 
_entity_src_gen.gene_src_genus                     ? 
_entity_src_gen.pdbx_gene_src_gene                 SSO1352 
_entity_src_gen.gene_src_species                   ? 
_entity_src_gen.gene_src_strain                    ? 
_entity_src_gen.gene_src_tissue                    ? 
_entity_src_gen.gene_src_tissue_fraction           ? 
_entity_src_gen.gene_src_details                   ? 
_entity_src_gen.pdbx_gene_src_fragment             ? 
_entity_src_gen.pdbx_gene_src_scientific_name      'Sulfolobus solfataricus' 
_entity_src_gen.pdbx_gene_src_ncbi_taxonomy_id     2287 
_entity_src_gen.pdbx_gene_src_variant              ? 
_entity_src_gen.pdbx_gene_src_cell_line            ? 
_entity_src_gen.pdbx_gene_src_atcc                 ? 
_entity_src_gen.pdbx_gene_src_organ                ? 
_entity_src_gen.pdbx_gene_src_organelle            ? 
_entity_src_gen.pdbx_gene_src_cell                 ? 
_entity_src_gen.pdbx_gene_src_cellular_location    ? 
_entity_src_gen.host_org_common_name               ? 
_entity_src_gen.pdbx_host_org_scientific_name      'Escherichia coli' 
_entity_src_gen.pdbx_host_org_ncbi_taxonomy_id     562 
_entity_src_gen.host_org_genus                     ? 
_entity_src_gen.pdbx_host_org_gene                 ? 
_entity_src_gen.pdbx_host_org_organ                ? 
_entity_src_gen.host_org_species                   ? 
_entity_src_gen.pdbx_host_org_tissue               ? 
_entity_src_gen.pdbx_host_org_tissue_fraction      ? 
_entity_src_gen.pdbx_host_org_strain               'BL21(DE3)RIL' 
_entity_src_gen.pdbx_host_org_variant              ? 
_entity_src_gen.pdbx_host_org_cell_line            ? 
_entity_src_gen.pdbx_host_org_atcc                 ? 
_entity_src_gen.pdbx_host_org_culture_collection   ? 
_entity_src_gen.pdbx_host_org_cell                 ? 
_entity_src_gen.pdbx_host_org_organelle            ? 
_entity_src_gen.pdbx_host_org_cellular_location    ? 
_entity_src_gen.pdbx_host_org_vector_type          PLASMID 
_entity_src_gen.pdbx_host_org_vector               ? 
_entity_src_gen.host_org_details                   ? 
_entity_src_gen.expression_system_id               ? 
_entity_src_gen.plasmid_name                       pTrC 
_entity_src_gen.plasmid_details                    ? 
_entity_src_gen.pdbx_description                   ? 
# 
loop_
_chem_comp.id 
_chem_comp.type 
_chem_comp.mon_nstd_flag 
_chem_comp.name 
_chem_comp.pdbx_synonyms 
_chem_comp.formula 
_chem_comp.formula_weight 
ALA 'L-peptide linking' y ALANINE         ? 'C3 H7 N O2'     89.093  
ARG 'L-peptide linking' y ARGININE        ? 'C6 H15 N4 O2 1' 175.209 
ASN 'L-peptide linking' y ASPARAGINE      ? 'C4 H8 N2 O3'    132.118 
ASP 'L-peptide linking' y 'ASPARTIC ACID' ? 'C4 H7 N O4'     133.103 
GLN 'L-peptide linking' y GLUTAMINE       ? 'C5 H10 N2 O3'   146.144 
GLU 'L-peptide linking' y 'GLUTAMIC ACID' ? 'C5 H9 N O4'     147.129 
GLY 'peptide linking'   y GLYCINE         ? 'C2 H5 N O2'     75.067  
HOH non-polymer         . WATER           ? 'H2 O'           18.015  
ILE 'L-peptide linking' y ISOLEUCINE      ? 'C6 H13 N O2'    131.173 
LEU 'L-peptide linking' y LEUCINE         ? 'C6 H13 N O2'    131.173 
LYS 'L-peptide linking' y LYSINE          ? 'C6 H15 N2 O2 1' 147.195 
MET 'L-peptide linking' y METHIONINE      ? 'C5 H11 N O2 S'  149.211 
PHE 'L-peptide linking' y PHENYLALANINE   ? 'C9 H11 N O2'    165.189 
PRO 'L-peptide linking' y PROLINE         ? 'C5 H9 N O2'     115.130 
SER 'L-peptide linking' y SERINE          ? 'C3 H7 N O3'     105.093 
SO4 non-polymer         . 'SULFATE ION'   ? 'O4 S -2'        96.063  
THR 'L-peptide linking' y THREONINE       ? 'C4 H9 N O3'     119.119 
TYR 'L-peptide linking' y TYROSINE        ? 'C9 H11 N O3'    181.189 
VAL 'L-peptide linking' y VALINE          ? 'C5 H11 N O2'    117.146 
# 
loop_
_pdbx_poly_seq_scheme.asym_id 
_pdbx_poly_seq_scheme.entity_id 
_pdbx_poly_seq_scheme.seq_id 
_pdbx_poly_seq_scheme.mon_id 
_pdbx_poly_seq_scheme.ndb_seq_num 
_pdbx_poly_seq_scheme.pdb_seq_num 
_pdbx_poly_seq_scheme.auth_seq_num 
_pdbx_poly_seq_scheme.pdb_mon_id 
_pdbx_poly_seq_scheme.auth_mon_id 
_pdbx_poly_seq_scheme.pdb_strand_id 
_pdbx_poly_seq_scheme.pdb_ins_code 
_pdbx_poly_seq_scheme.hetero 
A 1 1   MET 1   1   1   MET MET A . n 
A 1 2   GLN 2   2   2   GLN GLN A . n 
A 1 3   LYS 3   3   3   LYS LYS A . n 
A 1 4   ILE 4   4   4   ILE ILE A . n 
A 1 5   ASP 5   5   5   ASP ASP A . n 
A 1 6   GLU 6   6   6   GLU GLU A . n 
A 1 7   LYS 7   7   7   LYS LYS A . n 
A 1 8   LEU 8   8   8   LEU LEU A . n 
A 1 9   GLN 9   9   9   GLN GLN A . n 
A 1 10  LEU 10  10  10  LEU LEU A . n 
A 1 11  MET 11  11  11  MET MET A . n 
A 1 12  ASN 12  12  12  ASN ASN A . n 
A 1 13  THR 13  13  13  THR THR A . n 
A 1 14  ILE 14  14  14  ILE ILE A . n 
A 1 15  ALA 15  15  15  ALA ALA A . n 
A 1 16  LYS 16  16  16  LYS LYS A . n 
A 1 17  ILE 17  17  17  ILE ILE A . n 
A 1 18  TYR 18  18  18  TYR TYR A . n 
A 1 19  ARG 19  19  19  ARG ARG A . n 
A 1 20  GLY 20  20  20  GLY GLY A . n 
A 1 21  SER 21  21  21  SER SER A . n 
A 1 22  ILE 22  22  22  ILE ILE A . n 
A 1 23  LYS 23  23  23  LYS LYS A . n 
A 1 24  GLU 24  24  24  GLU GLU A . n 
A 1 25  PHE 25  25  25  PHE PHE A . n 
A 1 26  ASN 26  26  26  ASN ASN A . n 
A 1 27  ASN 27  27  27  ASN ASN A . n 
A 1 28  ARG 28  28  28  ARG ARG A . n 
A 1 29  LEU 29  29  29  LEU LEU A . n 
A 1 30  GLY 30  30  30  GLY GLY A . n 
A 1 31  LYS 31  31  31  LYS LYS A . n 
A 1 32  LEU 32  32  32  LEU LEU A . n 
A 1 33  MET 33  33  33  MET MET A . n 
A 1 34  ASN 34  34  34  ASN ASN A . n 
A 1 35  LEU 35  35  35  LEU LEU A . n 
A 1 36  SER 36  36  36  SER SER A . n 
A 1 37  TYR 37  37  37  TYR TYR A . n 
A 1 38  LEU 38  38  38  LEU LEU A . n 
A 1 39  ASP 39  39  39  ASP ASP A . n 
A 1 40  PHE 40  40  40  PHE PHE A . n 
A 1 41  SER 41  41  41  SER SER A . n 
A 1 42  ILE 42  42  42  ILE ILE A . n 
A 1 43  LEU 43  43  43  LEU LEU A . n 
A 1 44  LYS 44  44  44  LYS LYS A . n 
A 1 45  ALA 45  45  45  ALA ALA A . n 
A 1 46  THR 46  46  46  THR THR A . n 
A 1 47  SER 47  47  47  SER SER A . n 
A 1 48  GLU 48  48  48  GLU GLU A . n 
A 1 49  GLU 49  49  49  GLU GLU A . n 
A 1 50  PRO 50  50  50  PRO PRO A . n 
A 1 51  ARG 51  51  51  ARG ARG A . n 
A 1 52  SER 52  52  52  SER SER A . n 
A 1 53  MET 53  53  53  MET MET A . n 
A 1 54  VAL 54  54  54  VAL VAL A . n 
A 1 55  TYR 55  55  55  TYR TYR A . n 
A 1 56  LEU 56  56  56  LEU LEU A . n 
A 1 57  ALA 57  57  57  ALA ALA A . n 
A 1 58  ASN 58  58  58  ASN ASN A . n 
A 1 59  ARG 59  59  59  ARG ARG A . n 
A 1 60  TYR 60  60  60  TYR TYR A . n 
A 1 61  PHE 61  61  61  PHE PHE A . n 
A 1 62  VAL 62  62  62  VAL VAL A . n 
A 1 63  THR 63  63  63  THR THR A . n 
A 1 64  GLN 64  64  64  GLN GLN A . n 
A 1 65  SER 65  65  65  SER SER A . n 
A 1 66  ALA 66  66  66  ALA ALA A . n 
A 1 67  ILE 67  67  67  ILE ILE A . n 
A 1 68  THR 68  68  68  THR THR A . n 
A 1 69  ALA 69  69  69  ALA ALA A . n 
A 1 70  ALA 70  70  70  ALA ALA A . n 
A 1 71  VAL 71  71  71  VAL VAL A . n 
A 1 72  ASP 72  72  72  ASP ASP A . n 
A 1 73  LYS 73  73  73  LYS LYS A . n 
A 1 74  LEU 74  74  74  LEU LEU A . n 
A 1 75  GLU 75  75  75  GLU GLU A . n 
A 1 76  ALA 76  76  76  ALA ALA A . n 
A 1 77  LYS 77  77  77  LYS LYS A . n 
A 1 78  GLY 78  78  78  GLY GLY A . n 
A 1 79  LEU 79  79  79  LEU LEU A . n 
A 1 80  VAL 80  80  80  VAL VAL A . n 
A 1 81  ARG 81  81  81  ARG ARG A . n 
A 1 82  ARG 82  82  82  ARG ARG A . n 
A 1 83  ILE 83  83  83  ILE ILE A . n 
A 1 84  ARG 84  84  84  ARG ARG A . n 
A 1 85  ASP 85  85  85  ASP ASP A . n 
A 1 86  SER 86  86  86  SER SER A . n 
A 1 87  LYS 87  87  87  LYS LYS A . n 
A 1 88  ASP 88  88  88  ASP ASP A . n 
A 1 89  ARG 89  89  89  ARG ARG A . n 
A 1 90  ARG 90  90  90  ARG ARG A . n 
A 1 91  ILE 91  91  91  ILE ILE A . n 
A 1 92  VAL 92  92  92  VAL VAL A . n 
A 1 93  ILE 93  93  93  ILE ILE A . n 
A 1 94  VAL 94  94  94  VAL VAL A . n 
A 1 95  GLU 95  95  95  GLU GLU A . n 
A 1 96  ILE 96  96  96  ILE ILE A . n 
A 1 97  THR 97  97  97  THR THR A . n 
A 1 98  PRO 98  98  98  PRO PRO A . n 
A 1 99  LYS 99  99  99  LYS LYS A . n 
A 1 100 GLY 100 100 100 GLY GLY A . n 
A 1 101 ARG 101 101 101 ARG ARG A . n 
A 1 102 GLN 102 102 102 GLN GLN A . n 
A 1 103 VAL 103 103 103 VAL VAL A . n 
A 1 104 LEU 104 104 104 LEU LEU A . n 
A 1 105 LEU 105 105 105 LEU LEU A . n 
A 1 106 GLU 106 106 106 GLU GLU A . n 
A 1 107 ALA 107 107 107 ALA ALA A . n 
A 1 108 ASN 108 108 108 ASN ASN A . n 
A 1 109 GLU 109 109 109 GLU GLU A . n 
A 1 110 VAL 110 110 110 VAL VAL A . n 
A 1 111 LEU 111 111 111 LEU LEU A . n 
A 1 112 ARG 112 112 112 ARG ARG A . n 
A 1 113 ASN 113 113 113 ASN ASN A . n 
A 1 114 LEU 114 114 114 LEU LEU A . n 
A 1 115 VAL 115 115 115 VAL VAL A . n 
A 1 116 ASN 116 116 116 ASN ASN A . n 
A 1 117 GLU 117 117 117 GLU GLU A . n 
A 1 118 MET 118 118 118 MET MET A . n 
A 1 119 LEU 119 119 119 LEU LEU A . n 
A 1 120 SER 120 120 120 SER SER A . n 
A 1 121 ASP 121 121 121 ASP ASP A . n 
A 1 122 VAL 122 122 122 VAL VAL A . n 
A 1 123 GLU 123 123 123 GLU GLU A . n 
A 1 124 ASN 124 124 124 ASN ASN A . n 
A 1 125 VAL 125 125 125 VAL VAL A . n 
A 1 126 GLU 126 126 126 GLU GLU A . n 
A 1 127 GLU 127 127 127 GLU GLU A . n 
A 1 128 LEU 128 128 128 LEU LEU A . n 
A 1 129 LEU 129 129 129 LEU LEU A . n 
A 1 130 GLU 130 130 130 GLU GLU A . n 
A 1 131 GLY 131 131 131 GLY GLY A . n 
A 1 132 LEU 132 132 132 LEU LEU A . n 
A 1 133 ASN 133 133 133 ASN ASN A . n 
A 1 134 LYS 134 134 134 LYS LYS A . n 
A 1 135 ILE 135 135 135 ILE ILE A . n 
A 1 136 LEU 136 136 136 LEU LEU A . n 
A 1 137 SER 137 137 137 SER SER A . n 
A 1 138 ARG 138 138 138 ARG ARG A . n 
A 1 139 ILE 139 139 139 ILE ILE A . n 
A 1 140 GLY 140 140 140 GLY GLY A . n 
A 1 141 SER 141 141 ?   ?   ?   A . n 
A 1 142 SER 142 142 ?   ?   ?   A . n 
A 1 143 LYS 143 143 ?   ?   ?   A . n 
A 1 144 ASP 144 144 ?   ?   ?   A . n 
# 
loop_
_pdbx_nonpoly_scheme.asym_id 
_pdbx_nonpoly_scheme.entity_id 
_pdbx_nonpoly_scheme.mon_id 
_pdbx_nonpoly_scheme.ndb_seq_num 
_pdbx_nonpoly_scheme.pdb_seq_num 
_pdbx_nonpoly_scheme.auth_seq_num 
_pdbx_nonpoly_scheme.pdb_mon_id 
_pdbx_nonpoly_scheme.auth_mon_id 
_pdbx_nonpoly_scheme.pdb_strand_id 
_pdbx_nonpoly_scheme.pdb_ins_code 
B 2 SO4 1   201 201 SO4 SO4 A . 
C 3 HOH 1   301 301 HOH HOH A . 
C 3 HOH 2   302 302 HOH HOH A . 
C 3 HOH 3   303 303 HOH HOH A . 
C 3 HOH 4   304 304 HOH HOH A . 
C 3 HOH 5   305 305 HOH HOH A . 
C 3 HOH 6   306 306 HOH HOH A . 
C 3 HOH 7   307 307 HOH HOH A . 
C 3 HOH 8   308 308 HOH HOH A . 
C 3 HOH 9   309 309 HOH HOH A . 
C 3 HOH 10  310 310 HOH HOH A . 
C 3 HOH 11  311 311 HOH HOH A . 
C 3 HOH 12  312 312 HOH HOH A . 
C 3 HOH 13  313 313 HOH HOH A . 
C 3 HOH 14  314 314 HOH HOH A . 
C 3 HOH 15  315 315 HOH HOH A . 
C 3 HOH 16  316 316 HOH HOH A . 
C 3 HOH 17  317 317 HOH HOH A . 
C 3 HOH 18  318 318 HOH HOH A . 
C 3 HOH 19  319 319 HOH HOH A . 
C 3 HOH 20  320 320 HOH HOH A . 
C 3 HOH 21  321 321 HOH HOH A . 
C 3 HOH 22  322 322 HOH HOH A . 
C 3 HOH 23  323 323 HOH HOH A . 
C 3 HOH 24  324 324 HOH HOH A . 
C 3 HOH 25  325 325 HOH HOH A . 
C 3 HOH 26  326 326 HOH HOH A . 
C 3 HOH 27  327 327 HOH HOH A . 
C 3 HOH 28  328 328 HOH HOH A . 
C 3 HOH 29  329 329 HOH HOH A . 
C 3 HOH 30  330 330 HOH HOH A . 
C 3 HOH 31  331 331 HOH HOH A . 
C 3 HOH 32  332 332 HOH HOH A . 
C 3 HOH 33  333 333 HOH HOH A . 
C 3 HOH 34  334 334 HOH HOH A . 
C 3 HOH 35  335 335 HOH HOH A . 
C 3 HOH 36  336 336 HOH HOH A . 
C 3 HOH 37  337 337 HOH HOH A . 
C 3 HOH 38  338 338 HOH HOH A . 
C 3 HOH 39  339 339 HOH HOH A . 
C 3 HOH 40  340 340 HOH HOH A . 
C 3 HOH 41  341 341 HOH HOH A . 
C 3 HOH 42  342 342 HOH HOH A . 
C 3 HOH 43  343 343 HOH HOH A . 
C 3 HOH 44  344 344 HOH HOH A . 
C 3 HOH 45  345 345 HOH HOH A . 
C 3 HOH 46  346 346 HOH HOH A . 
C 3 HOH 47  347 347 HOH HOH A . 
C 3 HOH 48  348 348 HOH HOH A . 
C 3 HOH 49  349 349 HOH HOH A . 
C 3 HOH 50  350 350 HOH HOH A . 
C 3 HOH 51  351 351 HOH HOH A . 
C 3 HOH 52  352 352 HOH HOH A . 
C 3 HOH 53  353 353 HOH HOH A . 
C 3 HOH 54  354 354 HOH HOH A . 
C 3 HOH 55  355 355 HOH HOH A . 
C 3 HOH 56  356 356 HOH HOH A . 
C 3 HOH 57  357 357 HOH HOH A . 
C 3 HOH 58  358 358 HOH HOH A . 
C 3 HOH 59  359 359 HOH HOH A . 
C 3 HOH 60  360 360 HOH HOH A . 
C 3 HOH 61  361 361 HOH HOH A . 
C 3 HOH 62  362 362 HOH HOH A . 
C 3 HOH 63  363 363 HOH HOH A . 
C 3 HOH 64  364 364 HOH HOH A . 
C 3 HOH 65  365 365 HOH HOH A . 
C 3 HOH 66  366 366 HOH HOH A . 
C 3 HOH 67  367 367 HOH HOH A . 
C 3 HOH 68  368 368 HOH HOH A . 
C 3 HOH 69  369 369 HOH HOH A . 
C 3 HOH 70  370 370 HOH HOH A . 
C 3 HOH 71  371 371 HOH HOH A . 
C 3 HOH 72  372 372 HOH HOH A . 
C 3 HOH 73  373 373 HOH HOH A . 
C 3 HOH 74  374 374 HOH HOH A . 
C 3 HOH 75  375 375 HOH HOH A . 
C 3 HOH 76  376 376 HOH HOH A . 
C 3 HOH 77  377 377 HOH HOH A . 
C 3 HOH 78  378 378 HOH HOH A . 
C 3 HOH 79  379 379 HOH HOH A . 
C 3 HOH 80  380 380 HOH HOH A . 
C 3 HOH 81  381 381 HOH HOH A . 
C 3 HOH 82  382 382 HOH HOH A . 
C 3 HOH 83  383 383 HOH HOH A . 
C 3 HOH 84  384 384 HOH HOH A . 
C 3 HOH 85  385 385 HOH HOH A . 
C 3 HOH 86  386 386 HOH HOH A . 
C 3 HOH 87  387 387 HOH HOH A . 
C 3 HOH 88  388 388 HOH HOH A . 
C 3 HOH 89  389 389 HOH HOH A . 
C 3 HOH 90  390 390 HOH HOH A . 
C 3 HOH 91  391 391 HOH HOH A . 
C 3 HOH 92  392 392 HOH HOH A . 
C 3 HOH 93  393 393 HOH HOH A . 
C 3 HOH 94  394 394 HOH HOH A . 
C 3 HOH 95  395 395 HOH HOH A . 
C 3 HOH 96  396 396 HOH HOH A . 
C 3 HOH 97  397 397 HOH HOH A . 
C 3 HOH 98  398 398 HOH HOH A . 
C 3 HOH 99  399 399 HOH HOH A . 
C 3 HOH 100 400 400 HOH HOH A . 
C 3 HOH 101 401 401 HOH HOH A . 
C 3 HOH 102 402 402 HOH HOH A . 
C 3 HOH 103 403 403 HOH HOH A . 
C 3 HOH 104 404 404 HOH HOH A . 
C 3 HOH 105 405 405 HOH HOH A . 
C 3 HOH 106 406 406 HOH HOH A . 
C 3 HOH 107 407 407 HOH HOH A . 
C 3 HOH 108 408 408 HOH HOH A . 
# 
loop_
_pdbx_unobs_or_zero_occ_atoms.id 
_pdbx_unobs_or_zero_occ_atoms.PDB_model_num 
_pdbx_unobs_or_zero_occ_atoms.polymer_flag 
_pdbx_unobs_or_zero_occ_atoms.occupancy_flag 
_pdbx_unobs_or_zero_occ_atoms.auth_asym_id 
_pdbx_unobs_or_zero_occ_atoms.auth_comp_id 
_pdbx_unobs_or_zero_occ_atoms.auth_seq_id 
_pdbx_unobs_or_zero_occ_atoms.PDB_ins_code 
_pdbx_unobs_or_zero_occ_atoms.auth_atom_id 
_pdbx_unobs_or_zero_occ_atoms.label_alt_id 
_pdbx_unobs_or_zero_occ_atoms.label_asym_id 
_pdbx_unobs_or_zero_occ_atoms.label_comp_id 
_pdbx_unobs_or_zero_occ_atoms.label_seq_id 
_pdbx_unobs_or_zero_occ_atoms.label_atom_id 
1 1 Y 1 A GLY 140 ? CA ? A GLY 140 CA 
2 1 Y 1 A GLY 140 ? C  ? A GLY 140 C  
3 1 Y 1 A GLY 140 ? O  ? A GLY 140 O  
# 
loop_
_software.name 
_software.classification 
_software.version 
_software.citation_id 
_software.pdbx_ordinal 
MAR345    'data collection' .   ? 1 
SOLVE     phasing           .   ? 2 
CNS       refinement        1.1 ? 3 
DENZO     'data reduction'  .   ? 4 
SCALEPACK 'data scaling'    .   ? 5 
# 
_cell.entry_id           3F3X 
_cell.length_a           86.11 
_cell.length_b           86.11 
_cell.length_c           43.24 
_cell.angle_alpha        90.00 
_cell.angle_beta         90.00 
_cell.angle_gamma        90.00 
_cell.Z_PDB              8 
_cell.pdbx_unique_axis   ? 
_cell.length_a_esd       ? 
_cell.length_b_esd       ? 
_cell.length_c_esd       ? 
_cell.angle_alpha_esd    ? 
_cell.angle_beta_esd     ? 
_cell.angle_gamma_esd    ? 
# 
_symmetry.entry_id                         3F3X 
_symmetry.space_group_name_H-M             'P 43 21 2' 
_symmetry.pdbx_full_space_group_name_H-M   ? 
_symmetry.cell_setting                     ? 
_symmetry.Int_Tables_number                96 
_symmetry.space_group_name_Hall            ? 
# 
_exptl.entry_id          3F3X 
_exptl.method            'X-RAY DIFFRACTION' 
_exptl.crystals_number   2 
# 
_exptl_crystal.id                    1 
_exptl_crystal.density_meas          ? 
_exptl_crystal.density_Matthews      2.43 
_exptl_crystal.density_percent_sol   49.33 
_exptl_crystal.description           ? 
_exptl_crystal.F_000                 ? 
_exptl_crystal.preparation           ? 
# 
_exptl_crystal_grow.crystal_id      1 
_exptl_crystal_grow.method          'VAPOR DIFFUSION, HANGING DROP' 
_exptl_crystal_grow.temp            293 
_exptl_crystal_grow.temp_details    ? 
_exptl_crystal_grow.pH              7.8 
_exptl_crystal_grow.pdbx_details    '2.0M Ammonium sulphate, 0.1M Hepes, pH 7.8, VAPOR DIFFUSION, HANGING DROP, temperature 293K' 
_exptl_crystal_grow.pdbx_pH_range   . 
# 
loop_
_diffrn.id 
_diffrn.ambient_temp 
_diffrn.ambient_temp_details 
_diffrn.crystal_id 
1 100 ? 1 
2 100 ? 1 
# 
loop_
_diffrn_detector.diffrn_id 
_diffrn_detector.detector 
_diffrn_detector.type 
_diffrn_detector.pdbx_collection_date 
_diffrn_detector.details 
1 CCD 'MAR CCD 165 mm'   2006-05-20 ? 
2 CCD 'ADSC QUANTUM 315' 2006-11-01 ? 
# 
loop_
_diffrn_radiation.diffrn_id 
_diffrn_radiation.wavelength_id 
_diffrn_radiation.pdbx_monochromatic_or_laue_m_l 
_diffrn_radiation.monochromator 
_diffrn_radiation.pdbx_diffrn_protocol 
_diffrn_radiation.pdbx_scattering_type 
1 1 M ? 'SINGLE WAVELENGTH' x-ray 
2 1 M ? MAD                 x-ray 
# 
loop_
_diffrn_radiation_wavelength.id 
_diffrn_radiation_wavelength.wavelength 
_diffrn_radiation_wavelength.wt 
1 1.2    1.0 
2 0.9792 1.0 
3 0.9794 1.0 
4 0.9757 1.0 
# 
loop_
_diffrn_source.diffrn_id 
_diffrn_source.source 
_diffrn_source.type 
_diffrn_source.pdbx_synchrotron_site 
_diffrn_source.pdbx_synchrotron_beamline 
_diffrn_source.pdbx_wavelength 
_diffrn_source.pdbx_wavelength_list 
1 SYNCHROTRON 'ELETTRA BEAMLINE 5.2R' ELETTRA 5.2R ? 1.2                      
2 SYNCHROTRON 'ESRF BEAMLINE ID29'    ESRF    ID29 ? '0.9792, 0.9794, 0.9757' 
# 
_reflns.entry_id                     3F3X 
_reflns.observed_criterion_sigma_I   ? 
_reflns.observed_criterion_sigma_F   ? 
_reflns.d_resolution_low             20.00 
_reflns.d_resolution_high            1.90 
_reflns.number_obs                   13332 
_reflns.number_all                   13332 
_reflns.percent_possible_obs         100.0 
_reflns.pdbx_Rmerge_I_obs            ? 
_reflns.pdbx_Rsym_value              0.063 
_reflns.pdbx_netI_over_sigmaI        31.7 
_reflns.B_iso_Wilson_estimate        ? 
_reflns.pdbx_redundancy              8.4 
_reflns.R_free_details               ? 
_reflns.limit_h_max                  ? 
_reflns.limit_h_min                  ? 
_reflns.limit_k_max                  ? 
_reflns.limit_k_min                  ? 
_reflns.limit_l_max                  ? 
_reflns.limit_l_min                  ? 
_reflns.observed_criterion_F_max     ? 
_reflns.observed_criterion_F_min     ? 
_reflns.pdbx_chi_squared             ? 
_reflns.pdbx_scaling_rejects         ? 
_reflns.pdbx_diffrn_id               1,2 
_reflns.pdbx_ordinal                 1 
# 
_reflns_shell.d_res_high             1.90 
_reflns_shell.d_res_low              1.97 
_reflns_shell.percent_possible_all   99.9 
_reflns_shell.Rmerge_I_obs           ? 
_reflns_shell.pdbx_Rsym_value        0.341 
_reflns_shell.meanI_over_sigI_obs    6.2 
_reflns_shell.pdbx_redundancy        ? 
_reflns_shell.percent_possible_obs   ? 
_reflns_shell.number_unique_all      1312 
_reflns_shell.number_measured_all    ? 
_reflns_shell.number_measured_obs    ? 
_reflns_shell.number_unique_obs      ? 
_reflns_shell.pdbx_chi_squared       ? 
_reflns_shell.pdbx_diffrn_id         ? 
_reflns_shell.pdbx_ordinal           1 
# 
_refine.entry_id                                 3F3X 
_refine.ls_number_reflns_obs                     13049 
_refine.ls_number_reflns_all                     13332 
_refine.pdbx_ls_sigma_I                          ? 
_refine.pdbx_ls_sigma_F                          0.0 
_refine.pdbx_data_cutoff_high_absF               ? 
_refine.pdbx_data_cutoff_low_absF                ? 
_refine.pdbx_data_cutoff_high_rms_absF           ? 
_refine.ls_d_res_low                             20.00 
_refine.ls_d_res_high                            1.90 
_refine.ls_percent_reflns_obs                    98.1 
_refine.ls_R_factor_obs                          ? 
_refine.ls_R_factor_all                          ? 
_refine.ls_R_factor_R_work                       0.201 
_refine.ls_R_factor_R_free                       0.230 
_refine.ls_R_factor_R_free_error                 ? 
_refine.ls_R_factor_R_free_error_details         ? 
_refine.ls_percent_reflns_R_free                 ? 
_refine.ls_number_reflns_R_free                  670 
_refine.ls_number_parameters                     ? 
_refine.ls_number_restraints                     ? 
_refine.occupancy_min                            ? 
_refine.occupancy_max                            ? 
_refine.correlation_coeff_Fo_to_Fc               ? 
_refine.correlation_coeff_Fo_to_Fc_free          ? 
_refine.B_iso_mean                               ? 
_refine.aniso_B[1][1]                            ? 
_refine.aniso_B[2][2]                            ? 
_refine.aniso_B[3][3]                            ? 
_refine.aniso_B[1][2]                            ? 
_refine.aniso_B[1][3]                            ? 
_refine.aniso_B[2][3]                            ? 
_refine.solvent_model_details                    ? 
_refine.solvent_model_param_ksol                 ? 
_refine.solvent_model_param_bsol                 ? 
_refine.pdbx_solvent_vdw_probe_radii             ? 
_refine.pdbx_solvent_ion_probe_radii             ? 
_refine.pdbx_solvent_shrinkage_radii             ? 
_refine.pdbx_ls_cross_valid_method               ? 
_refine.details                                  ? 
_refine.pdbx_starting_model                      ? 
_refine.pdbx_method_to_determine_struct          MAD 
_refine.pdbx_isotropic_thermal_model             ? 
_refine.pdbx_stereochemistry_target_values       'Engh & Huber' 
_refine.pdbx_stereochem_target_val_spec_case     ? 
_refine.pdbx_R_Free_selection_details            RANDOM 
_refine.pdbx_overall_ESU_R                       ? 
_refine.pdbx_overall_ESU_R_Free                  ? 
_refine.overall_SU_ML                            ? 
_refine.overall_SU_B                             ? 
_refine.ls_redundancy_reflns_obs                 ? 
_refine.B_iso_min                                ? 
_refine.B_iso_max                                ? 
_refine.overall_SU_R_Cruickshank_DPI             ? 
_refine.overall_SU_R_free                        ? 
_refine.ls_wR_factor_R_free                      ? 
_refine.ls_wR_factor_R_work                      ? 
_refine.overall_FOM_free_R_set                   ? 
_refine.overall_FOM_work_R_set                   ? 
_refine.pdbx_refine_id                           'X-RAY DIFFRACTION' 
_refine.pdbx_overall_phase_error                 ? 
_refine.pdbx_diffrn_id                           1 
_refine.pdbx_TLS_residual_ADP_flag               ? 
_refine.pdbx_overall_SU_R_free_Cruickshank_DPI   ? 
_refine.pdbx_overall_SU_R_Blow_DPI               ? 
_refine.pdbx_overall_SU_R_free_Blow_DPI          ? 
# 
_refine_hist.pdbx_refine_id                   'X-RAY DIFFRACTION' 
_refine_hist.cycle_id                         LAST 
_refine_hist.pdbx_number_atoms_protein        1145 
_refine_hist.pdbx_number_atoms_nucleic_acid   0 
_refine_hist.pdbx_number_atoms_ligand         5 
_refine_hist.number_atoms_solvent             108 
_refine_hist.number_atoms_total               1258 
_refine_hist.d_res_high                       1.90 
_refine_hist.d_res_low                        20.00 
# 
loop_
_refine_ls_restr.type 
_refine_ls_restr.dev_ideal 
_refine_ls_restr.dev_ideal_target 
_refine_ls_restr.weight 
_refine_ls_restr.number 
_refine_ls_restr.pdbx_refine_id 
_refine_ls_restr.pdbx_restraint_function 
c_bond_d    0.008 ? ? ? 'X-RAY DIFFRACTION' ? 
c_angle_deg 1.2   ? ? ? 'X-RAY DIFFRACTION' ? 
# 
_struct.entry_id                  3F3X 
_struct.title                     'Crystal structure of the transcriptional regulator BldR from Sulfolobus Solfataricus' 
_struct.pdbx_model_details        ? 
_struct.pdbx_CASP_flag            ? 
_struct.pdbx_model_type_details   ? 
# 
_struct_keywords.entry_id        3F3X 
_struct_keywords.pdbx_keywords   TRANSCRIPTION 
_struct_keywords.text            
'DNA binding protein, transcriptional regulator, DNA-binding, Transcription, Transcription regulation' 
# 
loop_
_struct_asym.id 
_struct_asym.pdbx_blank_PDB_chainid_flag 
_struct_asym.pdbx_modified 
_struct_asym.entity_id 
_struct_asym.details 
A N N 1 ? 
B N N 2 ? 
C N N 3 ? 
# 
_struct_ref.id                         1 
_struct_ref.db_name                    UNP 
_struct_ref.db_code                    Q97YG9_SULSO 
_struct_ref.pdbx_db_accession          Q97YG9 
_struct_ref.entity_id                  1 
_struct_ref.pdbx_seq_one_letter_code   
;MQKIDEKLQLMNTIAKIYRGSIKEFNNRLGKLMNLSYLDFSILKATSEEPRSMVYLANRYFVTQSAITAAVDKLEAKGLV
RRIRDSKDRRIVIVEITPKGRQVLLEANEVLRNLVNEMLSDVENVEELLEGLNKILSRIGSSKD
;
_struct_ref.pdbx_align_begin           1 
_struct_ref.pdbx_db_isoform            ? 
# 
_struct_ref_seq.align_id                      1 
_struct_ref_seq.ref_id                        1 
_struct_ref_seq.pdbx_PDB_id_code              3F3X 
_struct_ref_seq.pdbx_strand_id                A 
_struct_ref_seq.seq_align_beg                 1 
_struct_ref_seq.pdbx_seq_align_beg_ins_code   ? 
_struct_ref_seq.seq_align_end                 144 
_struct_ref_seq.pdbx_seq_align_end_ins_code   ? 
_struct_ref_seq.pdbx_db_accession             Q97YG9 
_struct_ref_seq.db_align_beg                  1 
_struct_ref_seq.pdbx_db_align_beg_ins_code    ? 
_struct_ref_seq.db_align_end                  144 
_struct_ref_seq.pdbx_db_align_end_ins_code    ? 
_struct_ref_seq.pdbx_auth_seq_align_beg       1 
_struct_ref_seq.pdbx_auth_seq_align_end       144 
# 
_pdbx_struct_assembly.id                   1 
_pdbx_struct_assembly.details              author_and_software_defined_assembly 
_pdbx_struct_assembly.method_details       PISA 
_pdbx_struct_assembly.oligomeric_details   dimeric 
_pdbx_struct_assembly.oligomeric_count     2 
# 
loop_
_pdbx_struct_assembly_prop.biol_id 
_pdbx_struct_assembly_prop.type 
_pdbx_struct_assembly_prop.value 
_pdbx_struct_assembly_prop.details 
1 'ABSA (A^2)' 6060  ? 
1 MORE         -75   ? 
1 'SSA (A^2)'  14290 ? 
# 
_pdbx_struct_assembly_gen.assembly_id       1 
_pdbx_struct_assembly_gen.oper_expression   1,2 
_pdbx_struct_assembly_gen.asym_id_list      A,B,C 
# 
loop_
_pdbx_struct_oper_list.id 
_pdbx_struct_oper_list.type 
_pdbx_struct_oper_list.name 
_pdbx_struct_oper_list.symmetry_operation 
_pdbx_struct_oper_list.matrix[1][1] 
_pdbx_struct_oper_list.matrix[1][2] 
_pdbx_struct_oper_list.matrix[1][3] 
_pdbx_struct_oper_list.vector[1] 
_pdbx_struct_oper_list.matrix[2][1] 
_pdbx_struct_oper_list.matrix[2][2] 
_pdbx_struct_oper_list.matrix[2][3] 
_pdbx_struct_oper_list.vector[2] 
_pdbx_struct_oper_list.matrix[3][1] 
_pdbx_struct_oper_list.matrix[3][2] 
_pdbx_struct_oper_list.matrix[3][3] 
_pdbx_struct_oper_list.vector[3] 
1 'identity operation'         1_555 x,y,z            1.0000000000  0.0000000000  0.0000000000 0.0000000000   0.0000000000  1.0000000000 0.0000000000  0.0000000000  0.0000000000 0.0000000000  1.0000000000  0.0000000000   
2 'crystal symmetry operation' 8_665 -y+1,-x+1,-z+1/2 -0.9376882045 -0.3400980050 0.0712332663 -16.1118696838 -0.3400980050 0.8562561389 -0.3887914244 -6.0664282057 0.0712332663 -0.3887914244 -0.9185679344 -14.8697463452 
# 
_struct_biol.id        1 
_struct_biol.details   ? 
# 
loop_
_struct_conf.conf_type_id 
_struct_conf.id 
_struct_conf.pdbx_PDB_helix_id 
_struct_conf.beg_label_comp_id 
_struct_conf.beg_label_asym_id 
_struct_conf.beg_label_seq_id 
_struct_conf.pdbx_beg_PDB_ins_code 
_struct_conf.end_label_comp_id 
_struct_conf.end_label_asym_id 
_struct_conf.end_label_seq_id 
_struct_conf.pdbx_end_PDB_ins_code 
_struct_conf.beg_auth_comp_id 
_struct_conf.beg_auth_asym_id 
_struct_conf.beg_auth_seq_id 
_struct_conf.end_auth_comp_id 
_struct_conf.end_auth_asym_id 
_struct_conf.end_auth_seq_id 
_struct_conf.pdbx_PDB_helix_class 
_struct_conf.details 
_struct_conf.pdbx_PDB_helix_length 
HELX_P HELX_P1 1 GLN A 2   ? ASN A 34  ? GLN A 2   ASN A 34  1 ? 33 
HELX_P HELX_P2 2 SER A 36  ? GLU A 49  ? SER A 36  GLU A 49  1 ? 14 
HELX_P HELX_P3 3 MET A 53  ? PHE A 61  ? MET A 53  PHE A 61  1 ? 9  
HELX_P HELX_P4 4 THR A 63  ? LYS A 77  ? THR A 63  LYS A 77  1 ? 15 
HELX_P HELX_P5 5 THR A 97  ? LEU A 119 ? THR A 97  LEU A 119 1 ? 23 
HELX_P HELX_P6 6 ASN A 124 ? ILE A 139 ? ASN A 124 ILE A 139 1 ? 16 
# 
_struct_conf_type.id          HELX_P 
_struct_conf_type.criteria    ? 
_struct_conf_type.reference   ? 
# 
_struct_sheet.id               A 
_struct_sheet.type             ? 
_struct_sheet.number_strands   3 
_struct_sheet.details          ? 
# 
loop_
_struct_sheet_order.sheet_id 
_struct_sheet_order.range_id_1 
_struct_sheet_order.range_id_2 
_struct_sheet_order.offset 
_struct_sheet_order.sense 
A 1 2 ? anti-parallel 
A 2 3 ? anti-parallel 
# 
loop_
_struct_sheet_range.sheet_id 
_struct_sheet_range.id 
_struct_sheet_range.beg_label_comp_id 
_struct_sheet_range.beg_label_asym_id 
_struct_sheet_range.beg_label_seq_id 
_struct_sheet_range.pdbx_beg_PDB_ins_code 
_struct_sheet_range.end_label_comp_id 
_struct_sheet_range.end_label_asym_id 
_struct_sheet_range.end_label_seq_id 
_struct_sheet_range.pdbx_end_PDB_ins_code 
_struct_sheet_range.beg_auth_comp_id 
_struct_sheet_range.beg_auth_asym_id 
_struct_sheet_range.beg_auth_seq_id 
_struct_sheet_range.end_auth_comp_id 
_struct_sheet_range.end_auth_asym_id 
_struct_sheet_range.end_auth_seq_id 
A 1 ARG A 51 ? SER A 52 ? ARG A 51 SER A 52 
A 2 ASP A 88 ? ILE A 96 ? ASP A 88 ILE A 96 
A 3 VAL A 80 ? ASP A 85 ? VAL A 80 ASP A 85 
# 
loop_
_pdbx_struct_sheet_hbond.sheet_id 
_pdbx_struct_sheet_hbond.range_id_1 
_pdbx_struct_sheet_hbond.range_id_2 
_pdbx_struct_sheet_hbond.range_1_label_atom_id 
_pdbx_struct_sheet_hbond.range_1_label_comp_id 
_pdbx_struct_sheet_hbond.range_1_label_asym_id 
_pdbx_struct_sheet_hbond.range_1_label_seq_id 
_pdbx_struct_sheet_hbond.range_1_PDB_ins_code 
_pdbx_struct_sheet_hbond.range_1_auth_atom_id 
_pdbx_struct_sheet_hbond.range_1_auth_comp_id 
_pdbx_struct_sheet_hbond.range_1_auth_asym_id 
_pdbx_struct_sheet_hbond.range_1_auth_seq_id 
_pdbx_struct_sheet_hbond.range_2_label_atom_id 
_pdbx_struct_sheet_hbond.range_2_label_comp_id 
_pdbx_struct_sheet_hbond.range_2_label_asym_id 
_pdbx_struct_sheet_hbond.range_2_label_seq_id 
_pdbx_struct_sheet_hbond.range_2_PDB_ins_code 
_pdbx_struct_sheet_hbond.range_2_auth_atom_id 
_pdbx_struct_sheet_hbond.range_2_auth_comp_id 
_pdbx_struct_sheet_hbond.range_2_auth_asym_id 
_pdbx_struct_sheet_hbond.range_2_auth_seq_id 
A 1 2 N ARG A 51 ? N ARG A 51 O VAL A 94 ? O VAL A 94 
A 2 3 O ILE A 93 ? O ILE A 93 N ILE A 83 ? N ILE A 83 
# 
_struct_site.id                   AC1 
_struct_site.pdbx_evidence_code   Software 
_struct_site.pdbx_auth_asym_id    A 
_struct_site.pdbx_auth_comp_id    SO4 
_struct_site.pdbx_auth_seq_id     201 
_struct_site.pdbx_auth_ins_code   ? 
_struct_site.pdbx_num_residues    9 
_struct_site.details              'BINDING SITE FOR RESIDUE SO4 A 201' 
# 
loop_
_struct_site_gen.id 
_struct_site_gen.site_id 
_struct_site_gen.pdbx_num_res 
_struct_site_gen.label_comp_id 
_struct_site_gen.label_asym_id 
_struct_site_gen.label_seq_id 
_struct_site_gen.pdbx_auth_ins_code 
_struct_site_gen.auth_comp_id 
_struct_site_gen.auth_asym_id 
_struct_site_gen.auth_seq_id 
_struct_site_gen.label_atom_id 
_struct_site_gen.label_alt_id 
_struct_site_gen.symmetry 
_struct_site_gen.details 
1 AC1 9 GLN A 9  ? GLN A 9   . ? 8_665 ? 
2 AC1 9 ASN A 12 ? ASN A 12  . ? 8_665 ? 
3 AC1 9 LYS A 16 ? LYS A 16  . ? 8_665 ? 
4 AC1 9 LYS A 44 ? LYS A 44  . ? 1_555 ? 
5 AC1 9 ARG A 59 ? ARG A 59  . ? 1_555 ? 
6 AC1 9 TYR A 60 ? TYR A 60  . ? 1_555 ? 
7 AC1 9 HOH C .  ? HOH A 305 . ? 1_555 ? 
8 AC1 9 HOH C .  ? HOH A 308 . ? 1_555 ? 
9 AC1 9 HOH C .  ? HOH A 310 . ? 1_555 ? 
# 
loop_
_pdbx_validate_torsion.id 
_pdbx_validate_torsion.PDB_model_num 
_pdbx_validate_torsion.auth_comp_id 
_pdbx_validate_torsion.auth_asym_id 
_pdbx_validate_torsion.auth_seq_id 
_pdbx_validate_torsion.PDB_ins_code 
_pdbx_validate_torsion.label_alt_id 
_pdbx_validate_torsion.phi 
_pdbx_validate_torsion.psi 
1 1 ASP A 88 ? ? -176.19 80.06 
2 1 ARG A 89 ? ? -55.79  3.23  
# 
loop_
_pdbx_unobs_or_zero_occ_residues.id 
_pdbx_unobs_or_zero_occ_residues.PDB_model_num 
_pdbx_unobs_or_zero_occ_residues.polymer_flag 
_pdbx_unobs_or_zero_occ_residues.occupancy_flag 
_pdbx_unobs_or_zero_occ_residues.auth_asym_id 
_pdbx_unobs_or_zero_occ_residues.auth_comp_id 
_pdbx_unobs_or_zero_occ_residues.auth_seq_id 
_pdbx_unobs_or_zero_occ_residues.PDB_ins_code 
_pdbx_unobs_or_zero_occ_residues.label_asym_id 
_pdbx_unobs_or_zero_occ_residues.label_comp_id 
_pdbx_unobs_or_zero_occ_residues.label_seq_id 
1 1 Y 1 A SER 141 ? A SER 141 
2 1 Y 1 A SER 142 ? A SER 142 
3 1 Y 1 A LYS 143 ? A LYS 143 
4 1 Y 1 A ASP 144 ? A ASP 144 
# 
loop_
_chem_comp_atom.comp_id 
_chem_comp_atom.atom_id 
_chem_comp_atom.type_symbol 
_chem_comp_atom.pdbx_aromatic_flag 
_chem_comp_atom.pdbx_stereo_config 
_chem_comp_atom.pdbx_ordinal 
ALA N    N N N 1   
ALA CA   C N S 2   
ALA C    C N N 3   
ALA O    O N N 4   
ALA CB   C N N 5   
ALA OXT  O N N 6   
ALA H    H N N 7   
ALA H2   H N N 8   
ALA HA   H N N 9   
ALA HB1  H N N 10  
ALA HB2  H N N 11  
ALA HB3  H N N 12  
ALA HXT  H N N 13  
ARG N    N N N 14  
ARG CA   C N S 15  
ARG C    C N N 16  
ARG O    O N N 17  
ARG CB   C N N 18  
ARG CG   C N N 19  
ARG CD   C N N 20  
ARG NE   N N N 21  
ARG CZ   C N N 22  
ARG NH1  N N N 23  
ARG NH2  N N N 24  
ARG OXT  O N N 25  
ARG H    H N N 26  
ARG H2   H N N 27  
ARG HA   H N N 28  
ARG HB2  H N N 29  
ARG HB3  H N N 30  
ARG HG2  H N N 31  
ARG HG3  H N N 32  
ARG HD2  H N N 33  
ARG HD3  H N N 34  
ARG HE   H N N 35  
ARG HH11 H N N 36  
ARG HH12 H N N 37  
ARG HH21 H N N 38  
ARG HH22 H N N 39  
ARG HXT  H N N 40  
ASN N    N N N 41  
ASN CA   C N S 42  
ASN C    C N N 43  
ASN O    O N N 44  
ASN CB   C N N 45  
ASN CG   C N N 46  
ASN OD1  O N N 47  
ASN ND2  N N N 48  
ASN OXT  O N N 49  
ASN H    H N N 50  
ASN H2   H N N 51  
ASN HA   H N N 52  
ASN HB2  H N N 53  
ASN HB3  H N N 54  
ASN HD21 H N N 55  
ASN HD22 H N N 56  
ASN HXT  H N N 57  
ASP N    N N N 58  
ASP CA   C N S 59  
ASP C    C N N 60  
ASP O    O N N 61  
ASP CB   C N N 62  
ASP CG   C N N 63  
ASP OD1  O N N 64  
ASP OD2  O N N 65  
ASP OXT  O N N 66  
ASP H    H N N 67  
ASP H2   H N N 68  
ASP HA   H N N 69  
ASP HB2  H N N 70  
ASP HB3  H N N 71  
ASP HD2  H N N 72  
ASP HXT  H N N 73  
GLN N    N N N 74  
GLN CA   C N S 75  
GLN C    C N N 76  
GLN O    O N N 77  
GLN CB   C N N 78  
GLN CG   C N N 79  
GLN CD   C N N 80  
GLN OE1  O N N 81  
GLN NE2  N N N 82  
GLN OXT  O N N 83  
GLN H    H N N 84  
GLN H2   H N N 85  
GLN HA   H N N 86  
GLN HB2  H N N 87  
GLN HB3  H N N 88  
GLN HG2  H N N 89  
GLN HG3  H N N 90  
GLN HE21 H N N 91  
GLN HE22 H N N 92  
GLN HXT  H N N 93  
GLU N    N N N 94  
GLU CA   C N S 95  
GLU C    C N N 96  
GLU O    O N N 97  
GLU CB   C N N 98  
GLU CG   C N N 99  
GLU CD   C N N 100 
GLU OE1  O N N 101 
GLU OE2  O N N 102 
GLU OXT  O N N 103 
GLU H    H N N 104 
GLU H2   H N N 105 
GLU HA   H N N 106 
GLU HB2  H N N 107 
GLU HB3  H N N 108 
GLU HG2  H N N 109 
GLU HG3  H N N 110 
GLU HE2  H N N 111 
GLU HXT  H N N 112 
GLY N    N N N 113 
GLY CA   C N N 114 
GLY C    C N N 115 
GLY O    O N N 116 
GLY OXT  O N N 117 
GLY H    H N N 118 
GLY H2   H N N 119 
GLY HA2  H N N 120 
GLY HA3  H N N 121 
GLY HXT  H N N 122 
HOH O    O N N 123 
HOH H1   H N N 124 
HOH H2   H N N 125 
ILE N    N N N 126 
ILE CA   C N S 127 
ILE C    C N N 128 
ILE O    O N N 129 
ILE CB   C N S 130 
ILE CG1  C N N 131 
ILE CG2  C N N 132 
ILE CD1  C N N 133 
ILE OXT  O N N 134 
ILE H    H N N 135 
ILE H2   H N N 136 
ILE HA   H N N 137 
ILE HB   H N N 138 
ILE HG12 H N N 139 
ILE HG13 H N N 140 
ILE HG21 H N N 141 
ILE HG22 H N N 142 
ILE HG23 H N N 143 
ILE HD11 H N N 144 
ILE HD12 H N N 145 
ILE HD13 H N N 146 
ILE HXT  H N N 147 
LEU N    N N N 148 
LEU CA   C N S 149 
LEU C    C N N 150 
LEU O    O N N 151 
LEU CB   C N N 152 
LEU CG   C N N 153 
LEU CD1  C N N 154 
LEU CD2  C N N 155 
LEU OXT  O N N 156 
LEU H    H N N 157 
LEU H2   H N N 158 
LEU HA   H N N 159 
LEU HB2  H N N 160 
LEU HB3  H N N 161 
LEU HG   H N N 162 
LEU HD11 H N N 163 
LEU HD12 H N N 164 
LEU HD13 H N N 165 
LEU HD21 H N N 166 
LEU HD22 H N N 167 
LEU HD23 H N N 168 
LEU HXT  H N N 169 
LYS N    N N N 170 
LYS CA   C N S 171 
LYS C    C N N 172 
LYS O    O N N 173 
LYS CB   C N N 174 
LYS CG   C N N 175 
LYS CD   C N N 176 
LYS CE   C N N 177 
LYS NZ   N N N 178 
LYS OXT  O N N 179 
LYS H    H N N 180 
LYS H2   H N N 181 
LYS HA   H N N 182 
LYS HB2  H N N 183 
LYS HB3  H N N 184 
LYS HG2  H N N 185 
LYS HG3  H N N 186 
LYS HD2  H N N 187 
LYS HD3  H N N 188 
LYS HE2  H N N 189 
LYS HE3  H N N 190 
LYS HZ1  H N N 191 
LYS HZ2  H N N 192 
LYS HZ3  H N N 193 
LYS HXT  H N N 194 
MET N    N N N 195 
MET CA   C N S 196 
MET C    C N N 197 
MET O    O N N 198 
MET CB   C N N 199 
MET CG   C N N 200 
MET SD   S N N 201 
MET CE   C N N 202 
MET OXT  O N N 203 
MET H    H N N 204 
MET H2   H N N 205 
MET HA   H N N 206 
MET HB2  H N N 207 
MET HB3  H N N 208 
MET HG2  H N N 209 
MET HG3  H N N 210 
MET HE1  H N N 211 
MET HE2  H N N 212 
MET HE3  H N N 213 
MET HXT  H N N 214 
PHE N    N N N 215 
PHE CA   C N S 216 
PHE C    C N N 217 
PHE O    O N N 218 
PHE CB   C N N 219 
PHE CG   C Y N 220 
PHE CD1  C Y N 221 
PHE CD2  C Y N 222 
PHE CE1  C Y N 223 
PHE CE2  C Y N 224 
PHE CZ   C Y N 225 
PHE OXT  O N N 226 
PHE H    H N N 227 
PHE H2   H N N 228 
PHE HA   H N N 229 
PHE HB2  H N N 230 
PHE HB3  H N N 231 
PHE HD1  H N N 232 
PHE HD2  H N N 233 
PHE HE1  H N N 234 
PHE HE2  H N N 235 
PHE HZ   H N N 236 
PHE HXT  H N N 237 
PRO N    N N N 238 
PRO CA   C N S 239 
PRO C    C N N 240 
PRO O    O N N 241 
PRO CB   C N N 242 
PRO CG   C N N 243 
PRO CD   C N N 244 
PRO OXT  O N N 245 
PRO H    H N N 246 
PRO HA   H N N 247 
PRO HB2  H N N 248 
PRO HB3  H N N 249 
PRO HG2  H N N 250 
PRO HG3  H N N 251 
PRO HD2  H N N 252 
PRO HD3  H N N 253 
PRO HXT  H N N 254 
SER N    N N N 255 
SER CA   C N S 256 
SER C    C N N 257 
SER O    O N N 258 
SER CB   C N N 259 
SER OG   O N N 260 
SER OXT  O N N 261 
SER H    H N N 262 
SER H2   H N N 263 
SER HA   H N N 264 
SER HB2  H N N 265 
SER HB3  H N N 266 
SER HG   H N N 267 
SER HXT  H N N 268 
SO4 S    S N N 269 
SO4 O1   O N N 270 
SO4 O2   O N N 271 
SO4 O3   O N N 272 
SO4 O4   O N N 273 
THR N    N N N 274 
THR CA   C N S 275 
THR C    C N N 276 
THR O    O N N 277 
THR CB   C N R 278 
THR OG1  O N N 279 
THR CG2  C N N 280 
THR OXT  O N N 281 
THR H    H N N 282 
THR H2   H N N 283 
THR HA   H N N 284 
THR HB   H N N 285 
THR HG1  H N N 286 
THR HG21 H N N 287 
THR HG22 H N N 288 
THR HG23 H N N 289 
THR HXT  H N N 290 
TYR N    N N N 291 
TYR CA   C N S 292 
TYR C    C N N 293 
TYR O    O N N 294 
TYR CB   C N N 295 
TYR CG   C Y N 296 
TYR CD1  C Y N 297 
TYR CD2  C Y N 298 
TYR CE1  C Y N 299 
TYR CE2  C Y N 300 
TYR CZ   C Y N 301 
TYR OH   O N N 302 
TYR OXT  O N N 303 
TYR H    H N N 304 
TYR H2   H N N 305 
TYR HA   H N N 306 
TYR HB2  H N N 307 
TYR HB3  H N N 308 
TYR HD1  H N N 309 
TYR HD2  H N N 310 
TYR HE1  H N N 311 
TYR HE2  H N N 312 
TYR HH   H N N 313 
TYR HXT  H N N 314 
VAL N    N N N 315 
VAL CA   C N S 316 
VAL C    C N N 317 
VAL O    O N N 318 
VAL CB   C N N 319 
VAL CG1  C N N 320 
VAL CG2  C N N 321 
VAL OXT  O N N 322 
VAL H    H N N 323 
VAL H2   H N N 324 
VAL HA   H N N 325 
VAL HB   H N N 326 
VAL HG11 H N N 327 
VAL HG12 H N N 328 
VAL HG13 H N N 329 
VAL HG21 H N N 330 
VAL HG22 H N N 331 
VAL HG23 H N N 332 
VAL HXT  H N N 333 
# 
loop_
_chem_comp_bond.comp_id 
_chem_comp_bond.atom_id_1 
_chem_comp_bond.atom_id_2 
_chem_comp_bond.value_order 
_chem_comp_bond.pdbx_aromatic_flag 
_chem_comp_bond.pdbx_stereo_config 
_chem_comp_bond.pdbx_ordinal 
ALA N   CA   sing N N 1   
ALA N   H    sing N N 2   
ALA N   H2   sing N N 3   
ALA CA  C    sing N N 4   
ALA CA  CB   sing N N 5   
ALA CA  HA   sing N N 6   
ALA C   O    doub N N 7   
ALA C   OXT  sing N N 8   
ALA CB  HB1  sing N N 9   
ALA CB  HB2  sing N N 10  
ALA CB  HB3  sing N N 11  
ALA OXT HXT  sing N N 12  
ARG N   CA   sing N N 13  
ARG N   H    sing N N 14  
ARG N   H2   sing N N 15  
ARG CA  C    sing N N 16  
ARG CA  CB   sing N N 17  
ARG CA  HA   sing N N 18  
ARG C   O    doub N N 19  
ARG C   OXT  sing N N 20  
ARG CB  CG   sing N N 21  
ARG CB  HB2  sing N N 22  
ARG CB  HB3  sing N N 23  
ARG CG  CD   sing N N 24  
ARG CG  HG2  sing N N 25  
ARG CG  HG3  sing N N 26  
ARG CD  NE   sing N N 27  
ARG CD  HD2  sing N N 28  
ARG CD  HD3  sing N N 29  
ARG NE  CZ   sing N N 30  
ARG NE  HE   sing N N 31  
ARG CZ  NH1  sing N N 32  
ARG CZ  NH2  doub N N 33  
ARG NH1 HH11 sing N N 34  
ARG NH1 HH12 sing N N 35  
ARG NH2 HH21 sing N N 36  
ARG NH2 HH22 sing N N 37  
ARG OXT HXT  sing N N 38  
ASN N   CA   sing N N 39  
ASN N   H    sing N N 40  
ASN N   H2   sing N N 41  
ASN CA  C    sing N N 42  
ASN CA  CB   sing N N 43  
ASN CA  HA   sing N N 44  
ASN C   O    doub N N 45  
ASN C   OXT  sing N N 46  
ASN CB  CG   sing N N 47  
ASN CB  HB2  sing N N 48  
ASN CB  HB3  sing N N 49  
ASN CG  OD1  doub N N 50  
ASN CG  ND2  sing N N 51  
ASN ND2 HD21 sing N N 52  
ASN ND2 HD22 sing N N 53  
ASN OXT HXT  sing N N 54  
ASP N   CA   sing N N 55  
ASP N   H    sing N N 56  
ASP N   H2   sing N N 57  
ASP CA  C    sing N N 58  
ASP CA  CB   sing N N 59  
ASP CA  HA   sing N N 60  
ASP C   O    doub N N 61  
ASP C   OXT  sing N N 62  
ASP CB  CG   sing N N 63  
ASP CB  HB2  sing N N 64  
ASP CB  HB3  sing N N 65  
ASP CG  OD1  doub N N 66  
ASP CG  OD2  sing N N 67  
ASP OD2 HD2  sing N N 68  
ASP OXT HXT  sing N N 69  
GLN N   CA   sing N N 70  
GLN N   H    sing N N 71  
GLN N   H2   sing N N 72  
GLN CA  C    sing N N 73  
GLN CA  CB   sing N N 74  
GLN CA  HA   sing N N 75  
GLN C   O    doub N N 76  
GLN C   OXT  sing N N 77  
GLN CB  CG   sing N N 78  
GLN CB  HB2  sing N N 79  
GLN CB  HB3  sing N N 80  
GLN CG  CD   sing N N 81  
GLN CG  HG2  sing N N 82  
GLN CG  HG3  sing N N 83  
GLN CD  OE1  doub N N 84  
GLN CD  NE2  sing N N 85  
GLN NE2 HE21 sing N N 86  
GLN NE2 HE22 sing N N 87  
GLN OXT HXT  sing N N 88  
GLU N   CA   sing N N 89  
GLU N   H    sing N N 90  
GLU N   H2   sing N N 91  
GLU CA  C    sing N N 92  
GLU CA  CB   sing N N 93  
GLU CA  HA   sing N N 94  
GLU C   O    doub N N 95  
GLU C   OXT  sing N N 96  
GLU CB  CG   sing N N 97  
GLU CB  HB2  sing N N 98  
GLU CB  HB3  sing N N 99  
GLU CG  CD   sing N N 100 
GLU CG  HG2  sing N N 101 
GLU CG  HG3  sing N N 102 
GLU CD  OE1  doub N N 103 
GLU CD  OE2  sing N N 104 
GLU OE2 HE2  sing N N 105 
GLU OXT HXT  sing N N 106 
GLY N   CA   sing N N 107 
GLY N   H    sing N N 108 
GLY N   H2   sing N N 109 
GLY CA  C    sing N N 110 
GLY CA  HA2  sing N N 111 
GLY CA  HA3  sing N N 112 
GLY C   O    doub N N 113 
GLY C   OXT  sing N N 114 
GLY OXT HXT  sing N N 115 
HOH O   H1   sing N N 116 
HOH O   H2   sing N N 117 
ILE N   CA   sing N N 118 
ILE N   H    sing N N 119 
ILE N   H2   sing N N 120 
ILE CA  C    sing N N 121 
ILE CA  CB   sing N N 122 
ILE CA  HA   sing N N 123 
ILE C   O    doub N N 124 
ILE C   OXT  sing N N 125 
ILE CB  CG1  sing N N 126 
ILE CB  CG2  sing N N 127 
ILE CB  HB   sing N N 128 
ILE CG1 CD1  sing N N 129 
ILE CG1 HG12 sing N N 130 
ILE CG1 HG13 sing N N 131 
ILE CG2 HG21 sing N N 132 
ILE CG2 HG22 sing N N 133 
ILE CG2 HG23 sing N N 134 
ILE CD1 HD11 sing N N 135 
ILE CD1 HD12 sing N N 136 
ILE CD1 HD13 sing N N 137 
ILE OXT HXT  sing N N 138 
LEU N   CA   sing N N 139 
LEU N   H    sing N N 140 
LEU N   H2   sing N N 141 
LEU CA  C    sing N N 142 
LEU CA  CB   sing N N 143 
LEU CA  HA   sing N N 144 
LEU C   O    doub N N 145 
LEU C   OXT  sing N N 146 
LEU CB  CG   sing N N 147 
LEU CB  HB2  sing N N 148 
LEU CB  HB3  sing N N 149 
LEU CG  CD1  sing N N 150 
LEU CG  CD2  sing N N 151 
LEU CG  HG   sing N N 152 
LEU CD1 HD11 sing N N 153 
LEU CD1 HD12 sing N N 154 
LEU CD1 HD13 sing N N 155 
LEU CD2 HD21 sing N N 156 
LEU CD2 HD22 sing N N 157 
LEU CD2 HD23 sing N N 158 
LEU OXT HXT  sing N N 159 
LYS N   CA   sing N N 160 
LYS N   H    sing N N 161 
LYS N   H2   sing N N 162 
LYS CA  C    sing N N 163 
LYS CA  CB   sing N N 164 
LYS CA  HA   sing N N 165 
LYS C   O    doub N N 166 
LYS C   OXT  sing N N 167 
LYS CB  CG   sing N N 168 
LYS CB  HB2  sing N N 169 
LYS CB  HB3  sing N N 170 
LYS CG  CD   sing N N 171 
LYS CG  HG2  sing N N 172 
LYS CG  HG3  sing N N 173 
LYS CD  CE   sing N N 174 
LYS CD  HD2  sing N N 175 
LYS CD  HD3  sing N N 176 
LYS CE  NZ   sing N N 177 
LYS CE  HE2  sing N N 178 
LYS CE  HE3  sing N N 179 
LYS NZ  HZ1  sing N N 180 
LYS NZ  HZ2  sing N N 181 
LYS NZ  HZ3  sing N N 182 
LYS OXT HXT  sing N N 183 
MET N   CA   sing N N 184 
MET N   H    sing N N 185 
MET N   H2   sing N N 186 
MET CA  C    sing N N 187 
MET CA  CB   sing N N 188 
MET CA  HA   sing N N 189 
MET C   O    doub N N 190 
MET C   OXT  sing N N 191 
MET CB  CG   sing N N 192 
MET CB  HB2  sing N N 193 
MET CB  HB3  sing N N 194 
MET CG  SD   sing N N 195 
MET CG  HG2  sing N N 196 
MET CG  HG3  sing N N 197 
MET SD  CE   sing N N 198 
MET CE  HE1  sing N N 199 
MET CE  HE2  sing N N 200 
MET CE  HE3  sing N N 201 
MET OXT HXT  sing N N 202 
PHE N   CA   sing N N 203 
PHE N   H    sing N N 204 
PHE N   H2   sing N N 205 
PHE CA  C    sing N N 206 
PHE CA  CB   sing N N 207 
PHE CA  HA   sing N N 208 
PHE C   O    doub N N 209 
PHE C   OXT  sing N N 210 
PHE CB  CG   sing N N 211 
PHE CB  HB2  sing N N 212 
PHE CB  HB3  sing N N 213 
PHE CG  CD1  doub Y N 214 
PHE CG  CD2  sing Y N 215 
PHE CD1 CE1  sing Y N 216 
PHE CD1 HD1  sing N N 217 
PHE CD2 CE2  doub Y N 218 
PHE CD2 HD2  sing N N 219 
PHE CE1 CZ   doub Y N 220 
PHE CE1 HE1  sing N N 221 
PHE CE2 CZ   sing Y N 222 
PHE CE2 HE2  sing N N 223 
PHE CZ  HZ   sing N N 224 
PHE OXT HXT  sing N N 225 
PRO N   CA   sing N N 226 
PRO N   CD   sing N N 227 
PRO N   H    sing N N 228 
PRO CA  C    sing N N 229 
PRO CA  CB   sing N N 230 
PRO CA  HA   sing N N 231 
PRO C   O    doub N N 232 
PRO C   OXT  sing N N 233 
PRO CB  CG   sing N N 234 
PRO CB  HB2  sing N N 235 
PRO CB  HB3  sing N N 236 
PRO CG  CD   sing N N 237 
PRO CG  HG2  sing N N 238 
PRO CG  HG3  sing N N 239 
PRO CD  HD2  sing N N 240 
PRO CD  HD3  sing N N 241 
PRO OXT HXT  sing N N 242 
SER N   CA   sing N N 243 
SER N   H    sing N N 244 
SER N   H2   sing N N 245 
SER CA  C    sing N N 246 
SER CA  CB   sing N N 247 
SER CA  HA   sing N N 248 
SER C   O    doub N N 249 
SER C   OXT  sing N N 250 
SER CB  OG   sing N N 251 
SER CB  HB2  sing N N 252 
SER CB  HB3  sing N N 253 
SER OG  HG   sing N N 254 
SER OXT HXT  sing N N 255 
SO4 S   O1   doub N N 256 
SO4 S   O2   doub N N 257 
SO4 S   O3   sing N N 258 
SO4 S   O4   sing N N 259 
THR N   CA   sing N N 260 
THR N   H    sing N N 261 
THR N   H2   sing N N 262 
THR CA  C    sing N N 263 
THR CA  CB   sing N N 264 
THR CA  HA   sing N N 265 
THR C   O    doub N N 266 
THR C   OXT  sing N N 267 
THR CB  OG1  sing N N 268 
THR CB  CG2  sing N N 269 
THR CB  HB   sing N N 270 
THR OG1 HG1  sing N N 271 
THR CG2 HG21 sing N N 272 
THR CG2 HG22 sing N N 273 
THR CG2 HG23 sing N N 274 
THR OXT HXT  sing N N 275 
TYR N   CA   sing N N 276 
TYR N   H    sing N N 277 
TYR N   H2   sing N N 278 
TYR CA  C    sing N N 279 
TYR CA  CB   sing N N 280 
TYR CA  HA   sing N N 281 
TYR C   O    doub N N 282 
TYR C   OXT  sing N N 283 
TYR CB  CG   sing N N 284 
TYR CB  HB2  sing N N 285 
TYR CB  HB3  sing N N 286 
TYR CG  CD1  doub Y N 287 
TYR CG  CD2  sing Y N 288 
TYR CD1 CE1  sing Y N 289 
TYR CD1 HD1  sing N N 290 
TYR CD2 CE2  doub Y N 291 
TYR CD2 HD2  sing N N 292 
TYR CE1 CZ   doub Y N 293 
TYR CE1 HE1  sing N N 294 
TYR CE2 CZ   sing Y N 295 
TYR CE2 HE2  sing N N 296 
TYR CZ  OH   sing N N 297 
TYR OH  HH   sing N N 298 
TYR OXT HXT  sing N N 299 
VAL N   CA   sing N N 300 
VAL N   H    sing N N 301 
VAL N   H2   sing N N 302 
VAL CA  C    sing N N 303 
VAL CA  CB   sing N N 304 
VAL CA  HA   sing N N 305 
VAL C   O    doub N N 306 
VAL C   OXT  sing N N 307 
VAL CB  CG1  sing N N 308 
VAL CB  CG2  sing N N 309 
VAL CB  HB   sing N N 310 
VAL CG1 HG11 sing N N 311 
VAL CG1 HG12 sing N N 312 
VAL CG1 HG13 sing N N 313 
VAL CG2 HG21 sing N N 314 
VAL CG2 HG22 sing N N 315 
VAL CG2 HG23 sing N N 316 
VAL OXT HXT  sing N N 317 
# 
_atom_sites.entry_id                    3F3X 
_atom_sites.fract_transf_matrix[1][1]   -0.00934973 
_atom_sites.fract_transf_matrix[1][2]   0.00616878 
_atom_sites.fract_transf_matrix[1][3]   -0.00306438 
_atom_sites.fract_transf_matrix[2][1]   -0.00645085 
_atom_sites.fract_transf_matrix[2][2]   -0.00965329 
_atom_sites.fract_transf_matrix[2][3]   0.00024954 
_atom_sites.fract_transf_matrix[3][1]   -0.00480883 
_atom_sites.fract_transf_matrix[3][2]   0.00379003 
_atom_sites.fract_transf_matrix[3][3]   0.02230177 
_atom_sites.fract_transf_vector[1]      0.193026 
_atom_sites.fract_transf_vector[2]      0.648184 
_atom_sites.fract_transf_vector[3]      0.388570 
# 
loop_
_atom_type.symbol 
C 
N 
O 
S 
# 
loop_
_atom_site.group_PDB 
_atom_site.id 
_atom_site.type_symbol 
_atom_site.label_atom_id 
_atom_site.label_alt_id 
_atom_site.label_comp_id 
_atom_site.label_asym_id 
_atom_site.label_entity_id 
_atom_site.label_seq_id 
_atom_site.pdbx_PDB_ins_code 
_atom_site.Cartn_x 
_atom_site.Cartn_y 
_atom_site.Cartn_z 
_atom_site.occupancy 
_atom_site.B_iso_or_equiv 
_atom_site.pdbx_formal_charge 
_atom_site.auth_seq_id 
_atom_site.auth_comp_id 
_atom_site.auth_asym_id 
_atom_site.auth_atom_id 
_atom_site.pdbx_PDB_model_num 
ATOM   1    N N   . MET A 1 1   ? -17.164 -22.344 -19.465 1.00 68.44 ? 1   MET A N   1 
ATOM   2    C CA  . MET A 1 1   ? -16.108 -21.935 -18.503 1.00 68.21 ? 1   MET A CA  1 
ATOM   3    C C   . MET A 1 1   ? -14.966 -22.940 -18.466 1.00 66.90 ? 1   MET A C   1 
ATOM   4    O O   . MET A 1 1   ? -14.804 -23.662 -17.485 1.00 66.73 ? 1   MET A O   1 
ATOM   5    C CB  . MET A 1 1   ? -16.697 -21.807 -17.088 1.00 70.08 ? 1   MET A CB  1 
ATOM   6    C CG  . MET A 1 1   ? -15.681 -21.472 -15.997 1.00 72.06 ? 1   MET A CG  1 
ATOM   7    S SD  . MET A 1 1   ? -15.433 -19.693 -15.796 1.00 76.13 ? 1   MET A SD  1 
ATOM   8    C CE  . MET A 1 1   ? -13.815 -19.632 -15.133 1.00 73.27 ? 1   MET A CE  1 
ATOM   9    N N   . GLN A 1 2   ? -14.188 -22.995 -19.540 1.00 65.33 ? 2   GLN A N   1 
ATOM   10   C CA  . GLN A 1 2   ? -13.057 -23.894 -19.575 1.00 63.22 ? 2   GLN A CA  1 
ATOM   11   C C   . GLN A 1 2   ? -11.897 -23.218 -18.887 1.00 60.73 ? 2   GLN A C   1 
ATOM   12   O O   . GLN A 1 2   ? -12.084 -22.205 -18.237 1.00 60.15 ? 2   GLN A O   1 
ATOM   13   C CB  . GLN A 1 2   ? -12.679 -24.278 -21.005 1.00 64.96 ? 2   GLN A CB  1 
ATOM   14   C CG  . GLN A 1 2   ? -13.821 -25.047 -21.686 1.00 67.38 ? 2   GLN A CG  1 
ATOM   15   C CD  . GLN A 1 2   ? -13.390 -26.324 -22.417 1.00 68.84 ? 2   GLN A CD  1 
ATOM   16   O OE1 . GLN A 1 2   ? -12.516 -26.292 -23.287 1.00 69.47 ? 2   GLN A OE1 1 
ATOM   17   N NE2 . GLN A 1 2   ? -14.028 -27.447 -22.082 1.00 69.49 ? 2   GLN A NE2 1 
ATOM   18   N N   . LYS A 1 3   ? -10.692 -23.754 -19.021 1.00 58.52 ? 3   LYS A N   1 
ATOM   19   C CA  . LYS A 1 3   ? -9.569  -23.145 -18.327 1.00 55.97 ? 3   LYS A CA  1 
ATOM   20   C C   . LYS A 1 3   ? -9.201  -21.820 -18.924 1.00 53.09 ? 3   LYS A C   1 
ATOM   21   O O   . LYS A 1 3   ? -8.715  -20.933 -18.234 1.00 52.81 ? 3   LYS A O   1 
ATOM   22   C CB  . LYS A 1 3   ? -8.346  -24.048 -18.365 1.00 57.39 ? 3   LYS A CB  1 
ATOM   23   C CG  . LYS A 1 3   ? -8.667  -25.495 -18.115 1.00 59.47 ? 3   LYS A CG  1 
ATOM   24   C CD  . LYS A 1 3   ? -7.533  -26.177 -17.366 1.00 61.29 ? 3   LYS A CD  1 
ATOM   25   C CE  . LYS A 1 3   ? -7.929  -27.596 -16.979 1.00 62.39 ? 3   LYS A CE  1 
ATOM   26   N NZ  . LYS A 1 3   ? -6.961  -28.248 -16.058 1.00 62.55 ? 3   LYS A NZ  1 
ATOM   27   N N   . ILE A 1 4   ? -9.431  -21.706 -20.221 1.00 50.37 ? 4   ILE A N   1 
ATOM   28   C CA  . ILE A 1 4   ? -9.103  -20.503 -20.950 1.00 47.36 ? 4   ILE A CA  1 
ATOM   29   C C   . ILE A 1 4   ? -9.790  -19.307 -20.329 1.00 42.51 ? 4   ILE A C   1 
ATOM   30   O O   . ILE A 1 4   ? -9.277  -18.199 -20.387 1.00 42.52 ? 4   ILE A O   1 
ATOM   31   C CB  . ILE A 1 4   ? -9.555  -20.615 -22.397 1.00 49.27 ? 4   ILE A CB  1 
ATOM   32   C CG1 . ILE A 1 4   ? -11.082 -20.681 -22.442 1.00 51.48 ? 4   ILE A CG1 1 
ATOM   33   C CG2 . ILE A 1 4   ? -8.994  -21.885 -23.013 1.00 51.53 ? 4   ILE A CG2 1 
ATOM   34   C CD1 . ILE A 1 4   ? -11.670 -20.334 -23.780 1.00 52.01 ? 4   ILE A CD1 1 
ATOM   35   N N   . ASP A 1 5   ? -10.950 -19.544 -19.724 1.00 37.85 ? 5   ASP A N   1 
ATOM   36   C CA  . ASP A 1 5   ? -11.732 -18.473 -19.114 1.00 33.11 ? 5   ASP A CA  1 
ATOM   37   C C   . ASP A 1 5   ? -11.474 -18.279 -17.632 1.00 31.39 ? 5   ASP A C   1 
ATOM   38   O O   . ASP A 1 5   ? -11.758 -17.212 -17.091 1.00 29.03 ? 5   ASP A O   1 
ATOM   39   C CB  . ASP A 1 5   ? -13.223 -18.733 -19.313 1.00 33.48 ? 5   ASP A CB  1 
ATOM   40   C CG  . ASP A 1 5   ? -13.606 -18.822 -20.771 1.00 33.88 ? 5   ASP A CG  1 
ATOM   41   O OD1 . ASP A 1 5   ? -13.205 -17.930 -21.548 1.00 31.48 ? 5   ASP A OD1 1 
ATOM   42   O OD2 . ASP A 1 5   ? -14.316 -19.783 -21.135 1.00 36.12 ? 5   ASP A OD2 1 
ATOM   43   N N   . GLU A 1 6   ? -10.945 -19.307 -16.974 1.00 29.77 ? 6   GLU A N   1 
ATOM   44   C CA  . GLU A 1 6   ? -10.687 -19.223 -15.541 1.00 29.60 ? 6   GLU A CA  1 
ATOM   45   C C   . GLU A 1 6   ? -9.741  -18.113 -15.131 1.00 26.28 ? 6   GLU A C   1 
ATOM   46   O O   . GLU A 1 6   ? -9.963  -17.457 -14.117 1.00 25.30 ? 6   GLU A O   1 
ATOM   47   C CB  . GLU A 1 6   ? -10.136 -20.545 -15.015 1.00 32.71 ? 6   GLU A CB  1 
ATOM   48   C CG  . GLU A 1 6   ? -11.070 -21.715 -15.179 1.00 35.42 ? 6   GLU A CG  1 
ATOM   49   C CD  . GLU A 1 6   ? -10.487 -22.977 -14.591 1.00 37.80 ? 6   GLU A CD  1 
ATOM   50   O OE1 . GLU A 1 6   ? -9.294  -23.241 -14.844 1.00 36.84 ? 6   GLU A OE1 1 
ATOM   51   O OE2 . GLU A 1 6   ? -11.220 -23.701 -13.884 1.00 40.31 ? 6   GLU A OE2 1 
ATOM   52   N N   . LYS A 1 7   ? -8.681  -17.900 -15.904 1.00 25.04 ? 7   LYS A N   1 
ATOM   53   C CA  . LYS A 1 7   ? -7.719  -16.866 -15.547 1.00 24.49 ? 7   LYS A CA  1 
ATOM   54   C C   . LYS A 1 7   ? -8.321  -15.471 -15.624 1.00 24.64 ? 7   LYS A C   1 
ATOM   55   O O   . LYS A 1 7   ? -8.057  -14.630 -14.763 1.00 23.43 ? 7   LYS A O   1 
ATOM   56   C CB  . LYS A 1 7   ? -6.467  -16.981 -16.424 1.00 26.45 ? 7   LYS A CB  1 
ATOM   57   C CG  . LYS A 1 7   ? -5.689  -18.272 -16.151 1.00 26.52 ? 7   LYS A CG  1 
ATOM   58   C CD  . LYS A 1 7   ? -4.451  -18.411 -17.025 1.00 31.23 ? 7   LYS A CD  1 
ATOM   59   C CE  . LYS A 1 7   ? -3.779  -19.757 -16.792 1.00 34.33 ? 7   LYS A CE  1 
ATOM   60   N NZ  . LYS A 1 7   ? -2.586  -19.960 -17.668 1.00 37.52 ? 7   LYS A NZ  1 
ATOM   61   N N   . LEU A 1 8   ? -9.141  -15.219 -16.641 1.00 23.96 ? 8   LEU A N   1 
ATOM   62   C CA  . LEU A 1 8   ? -9.773  -13.910 -16.749 1.00 24.00 ? 8   LEU A CA  1 
ATOM   63   C C   . LEU A 1 8   ? -10.739 -13.718 -15.582 1.00 23.08 ? 8   LEU A C   1 
ATOM   64   O O   . LEU A 1 8   ? -10.856 -12.620 -15.038 1.00 22.88 ? 8   LEU A O   1 
ATOM   65   C CB  . LEU A 1 8   ? -10.543 -13.771 -18.066 1.00 23.92 ? 8   LEU A CB  1 
ATOM   66   C CG  . LEU A 1 8   ? -11.341 -12.464 -18.192 1.00 22.84 ? 8   LEU A CG  1 
ATOM   67   C CD1 . LEU A 1 8   ? -10.432 -11.261 -17.938 1.00 21.91 ? 8   LEU A CD1 1 
ATOM   68   C CD2 . LEU A 1 8   ? -11.975 -12.381 -19.573 1.00 25.15 ? 8   LEU A CD2 1 
ATOM   69   N N   . GLN A 1 9   ? -11.431 -14.788 -15.196 1.00 23.80 ? 9   GLN A N   1 
ATOM   70   C CA  . GLN A 1 9   ? -12.383 -14.688 -14.093 1.00 24.10 ? 9   GLN A CA  1 
ATOM   71   C C   . GLN A 1 9   ? -11.631 -14.393 -12.806 1.00 24.77 ? 9   GLN A C   1 
ATOM   72   O O   . GLN A 1 9   ? -12.131 -13.693 -11.922 1.00 22.32 ? 9   GLN A O   1 
ATOM   73   C CB  . GLN A 1 9   ? -13.188 -15.983 -13.957 1.00 25.82 ? 9   GLN A CB  1 
ATOM   74   C CG  . GLN A 1 9   ? -14.433 -15.858 -13.079 1.00 26.39 ? 9   GLN A CG  1 
ATOM   75   C CD  . GLN A 1 9   ? -15.293 -14.652 -13.441 1.00 27.85 ? 9   GLN A CD  1 
ATOM   76   O OE1 . GLN A 1 9   ? -15.415 -14.295 -14.612 1.00 26.43 ? 9   GLN A OE1 1 
ATOM   77   N NE2 . GLN A 1 9   ? -15.902 -14.028 -12.434 1.00 25.29 ? 9   GLN A NE2 1 
ATOM   78   N N   . LEU A 1 10  ? -10.416 -14.922 -12.715 1.00 25.37 ? 10  LEU A N   1 
ATOM   79   C CA  . LEU A 1 10  ? -9.573  -14.698 -11.550 1.00 25.63 ? 10  LEU A CA  1 
ATOM   80   C C   . LEU A 1 10  ? -9.348  -13.193 -11.429 1.00 23.68 ? 10  LEU A C   1 
ATOM   81   O O   . LEU A 1 10  ? -9.456  -12.615 -10.344 1.00 22.38 ? 10  LEU A O   1 
ATOM   82   C CB  . LEU A 1 10  ? -8.235  -15.416 -11.744 1.00 30.51 ? 10  LEU A CB  1 
ATOM   83   C CG  . LEU A 1 10  ? -7.327  -15.582 -10.532 1.00 34.06 ? 10  LEU A CG  1 
ATOM   84   C CD1 . LEU A 1 10  ? -8.020  -16.464 -9.500  1.00 35.52 ? 10  LEU A CD1 1 
ATOM   85   C CD2 . LEU A 1 10  ? -6.018  -16.221 -10.972 1.00 35.75 ? 10  LEU A CD2 1 
ATOM   86   N N   . MET A 1 11  ? -9.047  -12.561 -12.559 1.00 22.86 ? 11  MET A N   1 
ATOM   87   C CA  . MET A 1 11  ? -8.811  -11.125 -12.587 1.00 23.73 ? 11  MET A CA  1 
ATOM   88   C C   . MET A 1 11  ? -10.099 -10.331 -12.334 1.00 25.32 ? 11  MET A C   1 
ATOM   89   O O   . MET A 1 11  ? -10.066 -9.282  -11.682 1.00 24.12 ? 11  MET A O   1 
ATOM   90   C CB  . MET A 1 11  ? -8.177  -10.722 -13.923 1.00 25.22 ? 11  MET A CB  1 
ATOM   91   C CG  . MET A 1 11  ? -6.850  -11.437 -14.217 1.00 27.11 ? 11  MET A CG  1 
ATOM   92   S SD  . MET A 1 11  ? -5.558  -11.196 -12.946 1.00 30.01 ? 11  MET A SD  1 
ATOM   93   C CE  . MET A 1 11  ? -5.215  -9.513  -13.168 1.00 28.70 ? 11  MET A CE  1 
ATOM   94   N N   . ASN A 1 12  ? -11.231 -10.825 -12.841 1.00 23.11 ? 12  ASN A N   1 
ATOM   95   C CA  . ASN A 1 12  ? -12.501 -10.140 -12.624 1.00 23.25 ? 12  ASN A CA  1 
ATOM   96   C C   . ASN A 1 12  ? -12.811 -10.092 -11.134 1.00 23.70 ? 12  ASN A C   1 
ATOM   97   O O   . ASN A 1 12  ? -13.310 -9.093  -10.626 1.00 23.86 ? 12  ASN A O   1 
ATOM   98   C CB  . ASN A 1 12  ? -13.652 -10.863 -13.330 1.00 23.68 ? 12  ASN A CB  1 
ATOM   99   C CG  . ASN A 1 12  ? -13.605 -10.710 -14.827 1.00 24.35 ? 12  ASN A CG  1 
ATOM   100  O OD1 . ASN A 1 12  ? -13.167 -9.683  -15.345 1.00 27.28 ? 12  ASN A OD1 1 
ATOM   101  N ND2 . ASN A 1 12  ? -14.084 -11.721 -15.536 1.00 25.43 ? 12  ASN A ND2 1 
ATOM   102  N N   . THR A 1 13  ? -12.522 -11.186 -10.442 1.00 21.98 ? 13  THR A N   1 
ATOM   103  C CA  . THR A 1 13  ? -12.782 -11.268 -9.008  1.00 23.52 ? 13  THR A CA  1 
ATOM   104  C C   . THR A 1 13  ? -11.818 -10.366 -8.230  1.00 23.04 ? 13  THR A C   1 
ATOM   105  O O   . THR A 1 13  ? -12.219 -9.676  -7.295  1.00 23.06 ? 13  THR A O   1 
ATOM   106  C CB  . THR A 1 13  ? -12.644 -12.717 -8.521  1.00 24.09 ? 13  THR A CB  1 
ATOM   107  O OG1 . THR A 1 13  ? -13.522 -13.556 -9.283  1.00 24.18 ? 13  THR A OG1 1 
ATOM   108  C CG2 . THR A 1 13  ? -12.999 -12.827 -7.044  1.00 23.63 ? 13  THR A CG2 1 
ATOM   109  N N   . ILE A 1 14  ? -10.551 -10.367 -8.628  1.00 22.88 ? 14  ILE A N   1 
ATOM   110  C CA  . ILE A 1 14  ? -9.550  -9.533  -7.974  1.00 23.93 ? 14  ILE A CA  1 
ATOM   111  C C   . ILE A 1 14  ? -9.957  -8.068  -8.093  1.00 24.70 ? 14  ILE A C   1 
ATOM   112  O O   . ILE A 1 14  ? -9.787  -7.285  -7.157  1.00 25.68 ? 14  ILE A O   1 
ATOM   113  C CB  . ILE A 1 14  ? -8.150  -9.771  -8.603  1.00 25.95 ? 14  ILE A CB  1 
ATOM   114  C CG1 . ILE A 1 14  ? -7.609  -11.116 -8.107  1.00 24.87 ? 14  ILE A CG1 1 
ATOM   115  C CG2 . ILE A 1 14  ? -7.194  -8.620  -8.271  1.00 26.01 ? 14  ILE A CG2 1 
ATOM   116  C CD1 . ILE A 1 14  ? -6.271  -11.507 -8.695  1.00 27.36 ? 14  ILE A CD1 1 
ATOM   117  N N   . ALA A 1 15  ? -10.516 -7.705  -9.241  1.00 22.90 ? 15  ALA A N   1 
ATOM   118  C CA  . ALA A 1 15  ? -10.963 -6.339  -9.476  1.00 24.54 ? 15  ALA A CA  1 
ATOM   119  C C   . ALA A 1 15  ? -12.022 -5.931  -8.459  1.00 25.08 ? 15  ALA A C   1 
ATOM   120  O O   . ALA A 1 15  ? -11.968 -4.830  -7.907  1.00 25.57 ? 15  ALA A O   1 
ATOM   121  C CB  . ALA A 1 15  ? -11.523 -6.205  -10.895 1.00 25.55 ? 15  ALA A CB  1 
ATOM   122  N N   A LYS A 1 16  ? -12.977 -6.827  -8.217  0.50 24.50 ? 16  LYS A N   1 
ATOM   123  N N   B LYS A 1 16  ? -12.987 -6.815  -8.213  0.50 24.20 ? 16  LYS A N   1 
ATOM   124  C CA  A LYS A 1 16  ? -14.057 -6.576  -7.269  0.50 25.03 ? 16  LYS A CA  1 
ATOM   125  C CA  B LYS A 1 16  ? -14.052 -6.526  -7.259  0.50 24.49 ? 16  LYS A CA  1 
ATOM   126  C C   A LYS A 1 16  ? -13.526 -6.462  -5.844  0.50 23.94 ? 16  LYS A C   1 
ATOM   127  C C   B LYS A 1 16  ? -13.524 -6.454  -5.830  0.50 23.59 ? 16  LYS A C   1 
ATOM   128  O O   A LYS A 1 16  ? -13.931 -5.578  -5.092  0.50 24.91 ? 16  LYS A O   1 
ATOM   129  O O   B LYS A 1 16  ? -13.931 -5.588  -5.059  0.50 24.65 ? 16  LYS A O   1 
ATOM   130  C CB  A LYS A 1 16  ? -15.086 -7.710  -7.322  0.50 25.57 ? 16  LYS A CB  1 
ATOM   131  C CB  B LYS A 1 16  ? -15.154 -7.587  -7.342  0.50 24.57 ? 16  LYS A CB  1 
ATOM   132  C CG  A LYS A 1 16  ? -15.715 -7.947  -8.687  0.50 26.69 ? 16  LYS A CG  1 
ATOM   133  C CG  B LYS A 1 16  ? -15.872 -7.631  -8.681  0.50 24.15 ? 16  LYS A CG  1 
ATOM   134  C CD  A LYS A 1 16  ? -16.641 -9.157  -8.632  0.50 26.53 ? 16  LYS A CD  1 
ATOM   135  C CD  B LYS A 1 16  ? -17.028 -8.619  -8.643  0.50 24.62 ? 16  LYS A CD  1 
ATOM   136  C CE  A LYS A 1 16  ? -17.230 -9.488  -9.992  0.50 25.70 ? 16  LYS A CE  1 
ATOM   137  C CE  B LYS A 1 16  ? -17.616 -8.831  -10.028 0.50 23.74 ? 16  LYS A CE  1 
ATOM   138  N NZ  A LYS A 1 16  ? -18.156 -10.650 -9.897  0.50 26.09 ? 16  LYS A NZ  1 
ATOM   139  N NZ  B LYS A 1 16  ? -16.612 -9.436  -10.941 0.50 23.03 ? 16  LYS A NZ  1 
ATOM   140  N N   . ILE A 1 17  ? -12.626 -7.369  -5.479  1.00 23.70 ? 17  ILE A N   1 
ATOM   141  C CA  . ILE A 1 17  ? -12.045 -7.383  -4.141  1.00 24.09 ? 17  ILE A CA  1 
ATOM   142  C C   . ILE A 1 17  ? -11.355 -6.051  -3.853  1.00 24.59 ? 17  ILE A C   1 
ATOM   143  O O   . ILE A 1 17  ? -11.526 -5.475  -2.778  1.00 23.94 ? 17  ILE A O   1 
ATOM   144  C CB  . ILE A 1 17  ? -11.032 -8.539  -3.979  1.00 23.95 ? 17  ILE A CB  1 
ATOM   145  C CG1 . ILE A 1 17  ? -11.756 -9.883  -4.140  1.00 21.94 ? 17  ILE A CG1 1 
ATOM   146  C CG2 . ILE A 1 17  ? -10.359 -8.460  -2.606  1.00 24.49 ? 17  ILE A CG2 1 
ATOM   147  C CD1 . ILE A 1 17  ? -10.848 -11.111 -4.105  1.00 20.93 ? 17  ILE A CD1 1 
ATOM   148  N N   . TYR A 1 18  ? -10.588 -5.553  -4.818  1.00 25.41 ? 18  TYR A N   1 
ATOM   149  C CA  . TYR A 1 18  ? -9.902  -4.280  -4.626  1.00 27.57 ? 18  TYR A CA  1 
ATOM   150  C C   . TYR A 1 18  ? -10.882 -3.130  -4.434  1.00 27.53 ? 18  TYR A C   1 
ATOM   151  O O   . TYR A 1 18  ? -10.775 -2.370  -3.476  1.00 25.84 ? 18  TYR A O   1 
ATOM   152  C CB  . TYR A 1 18  ? -9.006  -3.947  -5.815  1.00 30.39 ? 18  TYR A CB  1 
ATOM   153  C CG  . TYR A 1 18  ? -8.414  -2.564  -5.703  1.00 33.05 ? 18  TYR A CG  1 
ATOM   154  C CD1 . TYR A 1 18  ? -7.347  -2.309  -4.844  1.00 34.16 ? 18  TYR A CD1 1 
ATOM   155  C CD2 . TYR A 1 18  ? -8.961  -1.494  -6.410  1.00 34.92 ? 18  TYR A CD2 1 
ATOM   156  C CE1 . TYR A 1 18  ? -6.830  -1.026  -4.698  1.00 36.66 ? 18  TYR A CE1 1 
ATOM   157  C CE2 . TYR A 1 18  ? -8.453  -0.204  -6.272  1.00 36.81 ? 18  TYR A CE2 1 
ATOM   158  C CZ  . TYR A 1 18  ? -7.390  0.021   -5.413  1.00 36.77 ? 18  TYR A CZ  1 
ATOM   159  O OH  . TYR A 1 18  ? -6.875  1.290   -5.289  1.00 39.49 ? 18  TYR A OH  1 
ATOM   160  N N   . ARG A 1 19  ? -11.825 -2.991  -5.363  1.00 26.74 ? 19  ARG A N   1 
ATOM   161  C CA  . ARG A 1 19  ? -12.810 -1.921  -5.285  1.00 29.07 ? 19  ARG A CA  1 
ATOM   162  C C   . ARG A 1 19  ? -13.561 -1.959  -3.964  1.00 29.69 ? 19  ARG A C   1 
ATOM   163  O O   . ARG A 1 19  ? -13.778 -0.926  -3.331  1.00 31.06 ? 19  ARG A O   1 
ATOM   164  C CB  . ARG A 1 19  ? -13.807 -2.033  -6.439  1.00 29.11 ? 19  ARG A CB  1 
ATOM   165  C CG  . ARG A 1 19  ? -13.195 -1.791  -7.803  1.00 30.12 ? 19  ARG A CG  1 
ATOM   166  C CD  . ARG A 1 19  ? -14.224 -2.031  -8.884  1.00 32.56 ? 19  ARG A CD  1 
ATOM   167  N NE  . ARG A 1 19  ? -13.654 -1.899  -10.219 1.00 35.05 ? 19  ARG A NE  1 
ATOM   168  C CZ  . ARG A 1 19  ? -14.101 -2.565  -11.277 1.00 35.98 ? 19  ARG A CZ  1 
ATOM   169  N NH1 . ARG A 1 19  ? -15.119 -3.406  -11.143 1.00 36.36 ? 19  ARG A NH1 1 
ATOM   170  N NH2 . ARG A 1 19  ? -13.531 -2.395  -12.462 1.00 36.91 ? 19  ARG A NH2 1 
ATOM   171  N N   . GLY A 1 20  ? -13.961 -3.154  -3.549  1.00 29.64 ? 20  GLY A N   1 
ATOM   172  C CA  . GLY A 1 20  ? -14.687 -3.278  -2.299  1.00 30.28 ? 20  GLY A CA  1 
ATOM   173  C C   . GLY A 1 20  ? -13.819 -3.020  -1.080  1.00 30.94 ? 20  GLY A C   1 
ATOM   174  O O   . GLY A 1 20  ? -14.200 -2.261  -0.189  1.00 31.48 ? 20  GLY A O   1 
ATOM   175  N N   . SER A 1 21  ? -12.647 -3.644  -1.037  1.00 29.58 ? 21  SER A N   1 
ATOM   176  C CA  . SER A 1 21  ? -11.756 -3.480  0.105   1.00 30.32 ? 21  SER A CA  1 
ATOM   177  C C   . SER A 1 21  ? -11.165 -2.082  0.238   1.00 31.01 ? 21  SER A C   1 
ATOM   178  O O   . SER A 1 21  ? -11.049 -1.567  1.352   1.00 30.90 ? 21  SER A O   1 
ATOM   179  C CB  . SER A 1 21  ? -10.626 -4.508  0.054   1.00 29.83 ? 21  SER A CB  1 
ATOM   180  O OG  . SER A 1 21  ? -9.719  -4.217  -0.991  1.00 30.94 ? 21  SER A OG  1 
ATOM   181  N N   . ILE A 1 22  ? -10.799 -1.457  -0.879  1.00 30.68 ? 22  ILE A N   1 
ATOM   182  C CA  . ILE A 1 22  ? -10.216 -0.120  -0.805  1.00 34.31 ? 22  ILE A CA  1 
ATOM   183  C C   . ILE A 1 22  ? -11.198 0.890   -0.228  1.00 33.30 ? 22  ILE A C   1 
ATOM   184  O O   . ILE A 1 22  ? -10.799 1.811   0.479   1.00 31.20 ? 22  ILE A O   1 
ATOM   185  C CB  . ILE A 1 22  ? -9.744  0.401   -2.179  1.00 36.55 ? 22  ILE A CB  1 
ATOM   186  C CG1 . ILE A 1 22  ? -8.967  1.704   -1.979  1.00 39.43 ? 22  ILE A CG1 1 
ATOM   187  C CG2 . ILE A 1 22  ? -10.940 0.648   -3.095  1.00 39.10 ? 22  ILE A CG2 1 
ATOM   188  C CD1 . ILE A 1 22  ? -8.457  2.328   -3.249  1.00 43.21 ? 22  ILE A CD1 1 
ATOM   189  N N   . LYS A 1 23  ? -12.481 0.725   -0.537  1.00 32.67 ? 23  LYS A N   1 
ATOM   190  C CA  . LYS A 1 23  ? -13.483 1.640   -0.012  1.00 33.56 ? 23  LYS A CA  1 
ATOM   191  C C   . LYS A 1 23  ? -13.513 1.496   1.504   1.00 31.91 ? 23  LYS A C   1 
ATOM   192  O O   . LYS A 1 23  ? -13.578 2.486   2.235   1.00 31.74 ? 23  LYS A O   1 
ATOM   193  C CB  . LYS A 1 23  ? -14.870 1.326   -0.583  1.00 36.25 ? 23  LYS A CB  1 
ATOM   194  C CG  . LYS A 1 23  ? -15.946 2.295   -0.102  1.00 39.39 ? 23  LYS A CG  1 
ATOM   195  C CD  . LYS A 1 23  ? -17.344 1.872   -0.535  1.00 43.43 ? 23  LYS A CD  1 
ATOM   196  C CE  . LYS A 1 23  ? -18.396 2.799   0.063   1.00 45.13 ? 23  LYS A CE  1 
ATOM   197  N NZ  . LYS A 1 23  ? -19.784 2.342   -0.235  1.00 49.07 ? 23  LYS A NZ  1 
ATOM   198  N N   . GLU A 1 24  ? -13.465 0.257   1.976   1.00 31.56 ? 24  GLU A N   1 
ATOM   199  C CA  . GLU A 1 24  ? -13.485 0.003   3.411   1.00 32.36 ? 24  GLU A CA  1 
ATOM   200  C C   . GLU A 1 24  ? -12.200 0.489   4.060   1.00 30.74 ? 24  GLU A C   1 
ATOM   201  O O   . GLU A 1 24  ? -12.229 1.101   5.131   1.00 29.88 ? 24  GLU A O   1 
ATOM   202  C CB  . GLU A 1 24  ? -13.677 -1.486  3.690   1.00 36.08 ? 24  GLU A CB  1 
ATOM   203  C CG  . GLU A 1 24  ? -15.035 -2.004  3.262   1.00 43.29 ? 24  GLU A CG  1 
ATOM   204  C CD  . GLU A 1 24  ? -15.597 -3.007  4.244   1.00 47.71 ? 24  GLU A CD  1 
ATOM   205  O OE1 . GLU A 1 24  ? -15.699 -2.664  5.442   1.00 51.88 ? 24  GLU A OE1 1 
ATOM   206  O OE2 . GLU A 1 24  ? -15.941 -4.132  3.822   1.00 50.80 ? 24  GLU A OE2 1 
ATOM   207  N N   . PHE A 1 25  ? -11.075 0.227   3.402   1.00 27.74 ? 25  PHE A N   1 
ATOM   208  C CA  . PHE A 1 25  ? -9.773  0.650   3.911   1.00 27.87 ? 25  PHE A CA  1 
ATOM   209  C C   . PHE A 1 25  ? -9.695  2.166   4.041   1.00 28.18 ? 25  PHE A C   1 
ATOM   210  O O   . PHE A 1 25  ? -9.341  2.684   5.101   1.00 27.14 ? 25  PHE A O   1 
ATOM   211  C CB  . PHE A 1 25  ? -8.650  0.164   2.989   1.00 26.53 ? 25  PHE A CB  1 
ATOM   212  C CG  . PHE A 1 25  ? -8.375  -1.312  3.077   1.00 27.82 ? 25  PHE A CG  1 
ATOM   213  C CD1 . PHE A 1 25  ? -9.128  -2.129  3.911   1.00 28.05 ? 25  PHE A CD1 1 
ATOM   214  C CD2 . PHE A 1 25  ? -7.346  -1.882  2.332   1.00 28.57 ? 25  PHE A CD2 1 
ATOM   215  C CE1 . PHE A 1 25  ? -8.869  -3.497  3.998   1.00 29.13 ? 25  PHE A CE1 1 
ATOM   216  C CE2 . PHE A 1 25  ? -7.077  -3.249  2.410   1.00 32.08 ? 25  PHE A CE2 1 
ATOM   217  C CZ  . PHE A 1 25  ? -7.841  -4.058  3.251   1.00 29.83 ? 25  PHE A CZ  1 
ATOM   218  N N   . ASN A 1 26  ? -10.018 2.876   2.961   1.00 28.23 ? 26  ASN A N   1 
ATOM   219  C CA  . ASN A 1 26  ? -9.972  4.336   2.981   1.00 29.09 ? 26  ASN A CA  1 
ATOM   220  C C   . ASN A 1 26  ? -10.978 4.940   3.961   1.00 29.79 ? 26  ASN A C   1 
ATOM   221  O O   . ASN A 1 26  ? -10.699 5.965   4.586   1.00 30.81 ? 26  ASN A O   1 
ATOM   222  C CB  . ASN A 1 26  ? -10.222 4.912   1.579   1.00 27.98 ? 26  ASN A CB  1 
ATOM   223  C CG  . ASN A 1 26  ? -9.027  4.744   0.652   1.00 31.32 ? 26  ASN A CG  1 
ATOM   224  O OD1 . ASN A 1 26  ? -7.891  4.606   1.104   1.00 31.10 ? 26  ASN A OD1 1 
ATOM   225  N ND2 . ASN A 1 26  ? -9.278  4.779   -0.651  1.00 31.46 ? 26  ASN A ND2 1 
ATOM   226  N N   . ASN A 1 27  ? -12.143 4.306   4.093   1.00 29.92 ? 27  ASN A N   1 
ATOM   227  C CA  . ASN A 1 27  ? -13.169 4.795   5.003   1.00 31.66 ? 27  ASN A CA  1 
ATOM   228  C C   . ASN A 1 27  ? -12.672 4.688   6.444   1.00 30.25 ? 27  ASN A C   1 
ATOM   229  O O   . ASN A 1 27  ? -12.723 5.662   7.201   1.00 30.94 ? 27  ASN A O   1 
ATOM   230  C CB  . ASN A 1 27  ? -14.467 4.002   4.857   1.00 33.21 ? 27  ASN A CB  1 
ATOM   231  C CG  . ASN A 1 27  ? -15.508 4.440   5.854   1.00 37.36 ? 27  ASN A CG  1 
ATOM   232  O OD1 . ASN A 1 27  ? -15.945 3.658   6.702   1.00 40.15 ? 27  ASN A OD1 1 
ATOM   233  N ND2 . ASN A 1 27  ? -15.903 5.702   5.772   1.00 37.72 ? 27  ASN A ND2 1 
ATOM   234  N N   . ARG A 1 28  ? -12.180 3.505   6.804   1.00 30.18 ? 28  ARG A N   1 
ATOM   235  C CA  . ARG A 1 28  ? -11.670 3.226   8.137   1.00 30.75 ? 28  ARG A CA  1 
ATOM   236  C C   . ARG A 1 28  ? -10.475 4.115   8.493   1.00 30.09 ? 28  ARG A C   1 
ATOM   237  O O   . ARG A 1 28  ? -10.494 4.812   9.508   1.00 28.63 ? 28  ARG A O   1 
ATOM   238  C CB  . ARG A 1 28  ? -11.239 1.762   8.220   1.00 33.62 ? 28  ARG A CB  1 
ATOM   239  C CG  . ARG A 1 28  ? -11.325 1.149   9.590   1.00 40.00 ? 28  ARG A CG  1 
ATOM   240  C CD  . ARG A 1 28  ? -12.757 0.768   9.910   1.00 44.22 ? 28  ARG A CD  1 
ATOM   241  N NE  . ARG A 1 28  ? -12.759 -0.261  10.937  1.00 48.27 ? 28  ARG A NE  1 
ATOM   242  C CZ  . ARG A 1 28  ? -13.808 -0.995  11.281  1.00 49.79 ? 28  ARG A CZ  1 
ATOM   243  N NH1 . ARG A 1 28  ? -14.983 -0.827  10.687  1.00 50.65 ? 28  ARG A NH1 1 
ATOM   244  N NH2 . ARG A 1 28  ? -13.664 -1.915  12.221  1.00 52.75 ? 28  ARG A NH2 1 
ATOM   245  N N   . LEU A 1 29  ? -9.424  4.061   7.677   1.00 26.72 ? 29  LEU A N   1 
ATOM   246  C CA  . LEU A 1 29  ? -8.237  4.881   7.936   1.00 26.69 ? 29  LEU A CA  1 
ATOM   247  C C   . LEU A 1 29  ? -8.549  6.382   7.861   1.00 26.52 ? 29  LEU A C   1 
ATOM   248  O O   . LEU A 1 29  ? -7.984  7.190   8.612   1.00 26.63 ? 29  LEU A O   1 
ATOM   249  C CB  . LEU A 1 29  ? -7.114  4.558   6.944   1.00 25.85 ? 29  LEU A CB  1 
ATOM   250  C CG  . LEU A 1 29  ? -6.471  3.173   7.075   1.00 26.93 ? 29  LEU A CG  1 
ATOM   251  C CD1 . LEU A 1 29  ? -5.467  2.968   5.937   1.00 28.54 ? 29  LEU A CD1 1 
ATOM   252  C CD2 . LEU A 1 29  ? -5.786  3.036   8.435   1.00 26.22 ? 29  LEU A CD2 1 
ATOM   253  N N   . GLY A 1 30  ? -9.445  6.741   6.944   1.00 24.92 ? 30  GLY A N   1 
ATOM   254  C CA  . GLY A 1 30  ? -9.826  8.131   6.766   1.00 25.24 ? 30  GLY A CA  1 
ATOM   255  C C   . GLY A 1 30  ? -10.544 8.701   7.964   1.00 26.59 ? 30  GLY A C   1 
ATOM   256  O O   . GLY A 1 30  ? -10.177 9.760   8.488   1.00 25.45 ? 30  GLY A O   1 
ATOM   257  N N   . LYS A 1 31  ? -11.556 7.980   8.434   1.00 26.94 ? 31  LYS A N   1 
ATOM   258  C CA  . LYS A 1 31  ? -12.329 8.446   9.579   1.00 28.04 ? 31  LYS A CA  1 
ATOM   259  C C   . LYS A 1 31  ? -11.607 8.352   10.917  1.00 26.80 ? 31  LYS A C   1 
ATOM   260  O O   . LYS A 1 31  ? -11.761 9.224   11.768  1.00 28.68 ? 31  LYS A O   1 
ATOM   261  C CB  . LYS A 1 31  ? -13.667 7.706   9.612   1.00 30.01 ? 31  LYS A CB  1 
ATOM   262  C CG  . LYS A 1 31  ? -14.520 8.083   8.418   1.00 32.33 ? 31  LYS A CG  1 
ATOM   263  C CD  . LYS A 1 31  ? -15.825 7.351   8.383   1.00 36.13 ? 31  LYS A CD  1 
ATOM   264  C CE  . LYS A 1 31  ? -16.721 7.967   7.333   1.00 38.34 ? 31  LYS A CE  1 
ATOM   265  N NZ  . LYS A 1 31  ? -17.995 7.219   7.203   1.00 43.22 ? 31  LYS A NZ  1 
ATOM   266  N N   . LEU A 1 32  ? -10.788 7.320   11.090  1.00 26.86 ? 32  LEU A N   1 
ATOM   267  C CA  . LEU A 1 32  ? -10.060 7.141   12.348  1.00 26.91 ? 32  LEU A CA  1 
ATOM   268  C C   . LEU A 1 32  ? -8.717  7.866   12.420  1.00 27.71 ? 32  LEU A C   1 
ATOM   269  O O   . LEU A 1 32  ? -8.302  8.328   13.491  1.00 27.01 ? 32  LEU A O   1 
ATOM   270  C CB  . LEU A 1 32  ? -9.824  5.646   12.607  1.00 26.87 ? 32  LEU A CB  1 
ATOM   271  C CG  . LEU A 1 32  ? -11.078 4.777   12.750  1.00 27.56 ? 32  LEU A CG  1 
ATOM   272  C CD1 . LEU A 1 32  ? -10.685 3.332   12.953  1.00 28.27 ? 32  LEU A CD1 1 
ATOM   273  C CD2 . LEU A 1 32  ? -11.909 5.265   13.921  1.00 28.20 ? 32  LEU A CD2 1 
ATOM   274  N N   . MET A 1 33  ? -8.042  7.981   11.280  1.00 25.73 ? 33  MET A N   1 
ATOM   275  C CA  . MET A 1 33  ? -6.719  8.597   11.274  1.00 27.22 ? 33  MET A CA  1 
ATOM   276  C C   . MET A 1 33  ? -6.458  9.670   10.223  1.00 28.22 ? 33  MET A C   1 
ATOM   277  O O   . MET A 1 33  ? -5.363  10.232  10.173  1.00 29.65 ? 33  MET A O   1 
ATOM   278  C CB  . MET A 1 33  ? -5.667  7.494   11.135  1.00 27.00 ? 33  MET A CB  1 
ATOM   279  C CG  . MET A 1 33  ? -5.807  6.385   12.165  1.00 27.57 ? 33  MET A CG  1 
ATOM   280  S SD  . MET A 1 33  ? -4.617  5.053   11.944  1.00 29.31 ? 33  MET A SD  1 
ATOM   281  C CE  . MET A 1 33  ? -3.146  5.815   12.661  1.00 28.00 ? 33  MET A CE  1 
ATOM   282  N N   . ASN A 1 34  ? -7.456  9.956   9.396   1.00 29.14 ? 34  ASN A N   1 
ATOM   283  C CA  . ASN A 1 34  ? -7.320  10.949  8.342   1.00 30.69 ? 34  ASN A CA  1 
ATOM   284  C C   . ASN A 1 34  ? -6.178  10.527  7.419   1.00 30.20 ? 34  ASN A C   1 
ATOM   285  O O   . ASN A 1 34  ? -5.383  11.350  6.963   1.00 28.74 ? 34  ASN A O   1 
ATOM   286  C CB  . ASN A 1 34  ? -7.054  12.335  8.944   1.00 34.91 ? 34  ASN A CB  1 
ATOM   287  C CG  . ASN A 1 34  ? -7.054  13.432  7.905   1.00 39.66 ? 34  ASN A CG  1 
ATOM   288  O OD1 . ASN A 1 34  ? -7.885  13.442  6.996   1.00 43.80 ? 34  ASN A OD1 1 
ATOM   289  N ND2 . ASN A 1 34  ? -6.127  14.378  8.039   1.00 43.17 ? 34  ASN A ND2 1 
ATOM   290  N N   . LEU A 1 35  ? -6.106  9.223   7.169   1.00 28.54 ? 35  LEU A N   1 
ATOM   291  C CA  . LEU A 1 35  ? -5.094  8.646   6.291   1.00 27.88 ? 35  LEU A CA  1 
ATOM   292  C C   . LEU A 1 35  ? -5.795  7.824   5.229   1.00 26.90 ? 35  LEU A C   1 
ATOM   293  O O   . LEU A 1 35  ? -6.955  7.449   5.390   1.00 25.96 ? 35  LEU A O   1 
ATOM   294  C CB  . LEU A 1 35  ? -4.146  7.721   7.063   1.00 29.09 ? 35  LEU A CB  1 
ATOM   295  C CG  . LEU A 1 35  ? -3.206  8.311   8.113   1.00 32.24 ? 35  LEU A CG  1 
ATOM   296  C CD1 . LEU A 1 35  ? -2.388  7.179   8.738   1.00 31.63 ? 35  LEU A CD1 1 
ATOM   297  C CD2 . LEU A 1 35  ? -2.291  9.352   7.468   1.00 31.11 ? 35  LEU A CD2 1 
ATOM   298  N N   . SER A 1 36  ? -5.082  7.546   4.144   1.00 27.20 ? 36  SER A N   1 
ATOM   299  C CA  . SER A 1 36  ? -5.618  6.731   3.067   1.00 25.25 ? 36  SER A CA  1 
ATOM   300  C C   . SER A 1 36  ? -4.831  5.426   3.061   1.00 25.15 ? 36  SER A C   1 
ATOM   301  O O   . SER A 1 36  ? -3.847  5.280   3.789   1.00 23.37 ? 36  SER A O   1 
ATOM   302  C CB  . SER A 1 36  ? -5.447  7.431   1.721   1.00 26.45 ? 36  SER A CB  1 
ATOM   303  O OG  . SER A 1 36  ? -4.081  7.476   1.342   1.00 25.94 ? 36  SER A OG  1 
ATOM   304  N N   . TYR A 1 37  ? -5.260  4.481   2.238   1.00 23.32 ? 37  TYR A N   1 
ATOM   305  C CA  . TYR A 1 37  ? -4.571  3.205   2.141   1.00 25.09 ? 37  TYR A CA  1 
ATOM   306  C C   . TYR A 1 37  ? -3.189  3.414   1.528   1.00 24.65 ? 37  TYR A C   1 
ATOM   307  O O   . TYR A 1 37  ? -2.224  2.759   1.919   1.00 23.10 ? 37  TYR A O   1 
ATOM   308  C CB  . TYR A 1 37  ? -5.375  2.241   1.280   1.00 27.65 ? 37  TYR A CB  1 
ATOM   309  C CG  . TYR A 1 37  ? -4.778  0.857   1.174   1.00 30.44 ? 37  TYR A CG  1 
ATOM   310  C CD1 . TYR A 1 37  ? -4.350  0.169   2.310   1.00 31.48 ? 37  TYR A CD1 1 
ATOM   311  C CD2 . TYR A 1 37  ? -4.708  0.208   -0.055  1.00 34.30 ? 37  TYR A CD2 1 
ATOM   312  C CE1 . TYR A 1 37  ? -3.873  -1.139  2.223   1.00 33.97 ? 37  TYR A CE1 1 
ATOM   313  C CE2 . TYR A 1 37  ? -4.235  -1.097  -0.153  1.00 37.58 ? 37  TYR A CE2 1 
ATOM   314  C CZ  . TYR A 1 37  ? -3.826  -1.765  0.989   1.00 36.87 ? 37  TYR A CZ  1 
ATOM   315  O OH  . TYR A 1 37  ? -3.410  -3.074  0.882   1.00 40.46 ? 37  TYR A OH  1 
ATOM   316  N N   . LEU A 1 38  ? -3.100  4.324   0.564   1.00 24.91 ? 38  LEU A N   1 
ATOM   317  C CA  . LEU A 1 38  ? -1.822  4.609   -0.081  1.00 23.71 ? 38  LEU A CA  1 
ATOM   318  C C   . LEU A 1 38  ? -0.876  5.225   0.943   1.00 23.42 ? 38  LEU A C   1 
ATOM   319  O O   . LEU A 1 38  ? 0.330   4.984   0.903   1.00 23.25 ? 38  LEU A O   1 
ATOM   320  C CB  . LEU A 1 38  ? -2.005  5.571   -1.258  1.00 24.25 ? 38  LEU A CB  1 
ATOM   321  C CG  . LEU A 1 38  ? -0.718  5.900   -2.025  1.00 24.37 ? 38  LEU A CG  1 
ATOM   322  C CD1 . LEU A 1 38  ? -0.107  4.619   -2.565  1.00 24.86 ? 38  LEU A CD1 1 
ATOM   323  C CD2 . LEU A 1 38  ? -1.022  6.865   -3.168  1.00 26.40 ? 38  LEU A CD2 1 
ATOM   324  N N   . ASP A 1 39  ? -1.431  6.030   1.849   1.00 22.32 ? 39  ASP A N   1 
ATOM   325  C CA  . ASP A 1 39  ? -0.640  6.665   2.902   1.00 21.91 ? 39  ASP A CA  1 
ATOM   326  C C   . ASP A 1 39  ? 0.006   5.557   3.729   1.00 20.68 ? 39  ASP A C   1 
ATOM   327  O O   . ASP A 1 39  ? 1.192   5.621   4.063   1.00 20.06 ? 39  ASP A O   1 
ATOM   328  C CB  . ASP A 1 39  ? -1.524  7.504   3.826   1.00 22.11 ? 39  ASP A CB  1 
ATOM   329  C CG  . ASP A 1 39  ? -1.987  8.805   3.195   1.00 26.01 ? 39  ASP A CG  1 
ATOM   330  O OD1 . ASP A 1 39  ? -2.947  9.392   3.741   1.00 26.85 ? 39  ASP A OD1 1 
ATOM   331  O OD2 . ASP A 1 39  ? -1.396  9.250   2.184   1.00 26.94 ? 39  ASP A OD2 1 
ATOM   332  N N   . PHE A 1 40  ? -0.794  4.552   4.072   1.00 18.80 ? 40  PHE A N   1 
ATOM   333  C CA  . PHE A 1 40  ? -0.301  3.425   4.848   1.00 19.37 ? 40  PHE A CA  1 
ATOM   334  C C   . PHE A 1 40  ? 0.843   2.722   4.113   1.00 20.30 ? 40  PHE A C   1 
ATOM   335  O O   . PHE A 1 40  ? 1.865   2.391   4.714   1.00 19.18 ? 40  PHE A O   1 
ATOM   336  C CB  . PHE A 1 40  ? -1.424  2.418   5.102   1.00 20.23 ? 40  PHE A CB  1 
ATOM   337  C CG  . PHE A 1 40  ? -0.932  1.042   5.443   1.00 22.36 ? 40  PHE A CG  1 
ATOM   338  C CD1 . PHE A 1 40  ? -0.376  0.768   6.693   1.00 20.52 ? 40  PHE A CD1 1 
ATOM   339  C CD2 . PHE A 1 40  ? -0.990  0.023   4.497   1.00 22.74 ? 40  PHE A CD2 1 
ATOM   340  C CE1 . PHE A 1 40  ? 0.111   -0.509  6.990   1.00 24.32 ? 40  PHE A CE1 1 
ATOM   341  C CE2 . PHE A 1 40  ? -0.508  -1.248  4.784   1.00 23.59 ? 40  PHE A CE2 1 
ATOM   342  C CZ  . PHE A 1 40  ? 0.046   -1.519  6.030   1.00 22.05 ? 40  PHE A CZ  1 
ATOM   343  N N   . SER A 1 41  ? 0.658   2.483   2.819   1.00 18.75 ? 41  SER A N   1 
ATOM   344  C CA  . SER A 1 41  ? 1.681   1.813   2.017   1.00 20.84 ? 41  SER A CA  1 
ATOM   345  C C   . SER A 1 41  ? 3.003   2.581   1.999   1.00 19.49 ? 41  SER A C   1 
ATOM   346  O O   . SER A 1 41  ? 4.081   1.990   2.125   1.00 20.36 ? 41  SER A O   1 
ATOM   347  C CB  . SER A 1 41  ? 1.185   1.623   0.583   1.00 21.98 ? 41  SER A CB  1 
ATOM   348  O OG  . SER A 1 41  ? 0.065   0.758   0.546   1.00 23.89 ? 41  SER A OG  1 
ATOM   349  N N   . ILE A 1 42  ? 2.920   3.896   1.832   1.00 18.55 ? 42  ILE A N   1 
ATOM   350  C CA  . ILE A 1 42  ? 4.115   4.727   1.800   1.00 18.07 ? 42  ILE A CA  1 
ATOM   351  C C   . ILE A 1 42  ? 4.829   4.660   3.145   1.00 18.23 ? 42  ILE A C   1 
ATOM   352  O O   . ILE A 1 42  ? 6.056   4.531   3.200   1.00 15.63 ? 42  ILE A O   1 
ATOM   353  C CB  . ILE A 1 42  ? 3.763   6.194   1.448   1.00 19.54 ? 42  ILE A CB  1 
ATOM   354  C CG1 . ILE A 1 42  ? 3.270   6.259   -0.004  1.00 20.75 ? 42  ILE A CG1 1 
ATOM   355  C CG2 . ILE A 1 42  ? 4.980   7.108   1.655   1.00 18.34 ? 42  ILE A CG2 1 
ATOM   356  C CD1 . ILE A 1 42  ? 2.755   7.624   -0.419  1.00 22.28 ? 42  ILE A CD1 1 
ATOM   357  N N   . LEU A 1 43  ? 4.066   4.741   4.230   1.00 15.90 ? 43  LEU A N   1 
ATOM   358  C CA  . LEU A 1 43  ? 4.666   4.660   5.553   1.00 16.82 ? 43  LEU A CA  1 
ATOM   359  C C   . LEU A 1 43  ? 5.339   3.300   5.744   1.00 17.23 ? 43  LEU A C   1 
ATOM   360  O O   . LEU A 1 43  ? 6.446   3.223   6.262   1.00 16.69 ? 43  LEU A O   1 
ATOM   361  C CB  . LEU A 1 43  ? 3.610   4.884   6.643   1.00 16.99 ? 43  LEU A CB  1 
ATOM   362  C CG  . LEU A 1 43  ? 3.063   6.316   6.714   1.00 19.42 ? 43  LEU A CG  1 
ATOM   363  C CD1 . LEU A 1 43  ? 1.973   6.415   7.777   1.00 21.33 ? 43  LEU A CD1 1 
ATOM   364  C CD2 . LEU A 1 43  ? 4.194   7.282   7.046   1.00 21.74 ? 43  LEU A CD2 1 
ATOM   365  N N   . LYS A 1 44  ? 4.686   2.226   5.312   1.00 17.56 ? 44  LYS A N   1 
ATOM   366  C CA  . LYS A 1 44  ? 5.284   0.905   5.476   1.00 19.01 ? 44  LYS A CA  1 
ATOM   367  C C   . LYS A 1 44  ? 6.611   0.775   4.725   1.00 19.87 ? 44  LYS A C   1 
ATOM   368  O O   . LYS A 1 44  ? 7.617   0.341   5.291   1.00 18.99 ? 44  LYS A O   1 
ATOM   369  C CB  . LYS A 1 44  ? 4.328   -0.188  5.000   1.00 19.35 ? 44  LYS A CB  1 
ATOM   370  C CG  . LYS A 1 44  ? 4.914   -1.598  5.140   1.00 19.21 ? 44  LYS A CG  1 
ATOM   371  C CD  . LYS A 1 44  ? 3.965   -2.660  4.608   1.00 21.03 ? 44  LYS A CD  1 
ATOM   372  C CE  . LYS A 1 44  ? 4.575   -4.052  4.731   1.00 20.89 ? 44  LYS A CE  1 
ATOM   373  N NZ  . LYS A 1 44  ? 3.711   -5.080  4.074   1.00 23.91 ? 44  LYS A NZ  1 
ATOM   374  N N   . ALA A 1 45  ? 6.617   1.158   3.451   1.00 19.77 ? 45  ALA A N   1 
ATOM   375  C CA  . ALA A 1 45  ? 7.827   1.060   2.636   1.00 19.59 ? 45  ALA A CA  1 
ATOM   376  C C   . ALA A 1 45  ? 8.985   1.915   3.171   1.00 19.23 ? 45  ALA A C   1 
ATOM   377  O O   . ALA A 1 45  ? 10.139  1.468   3.192   1.00 18.16 ? 45  ALA A O   1 
ATOM   378  C CB  . ALA A 1 45  ? 7.514   1.452   1.198   1.00 15.76 ? 45  ALA A CB  1 
ATOM   379  N N   . THR A 1 46  ? 8.685   3.143   3.588   1.00 19.15 ? 46  THR A N   1 
ATOM   380  C CA  . THR A 1 46  ? 9.730   4.017   4.110   1.00 17.68 ? 46  THR A CA  1 
ATOM   381  C C   . THR A 1 46  ? 10.174  3.612   5.516   1.00 17.75 ? 46  THR A C   1 
ATOM   382  O O   . THR A 1 46  ? 11.286  3.932   5.928   1.00 18.62 ? 46  THR A O   1 
ATOM   383  C CB  . THR A 1 46  ? 9.297   5.515   4.104   1.00 17.34 ? 46  THR A CB  1 
ATOM   384  O OG1 . THR A 1 46  ? 8.096   5.690   4.867   1.00 18.98 ? 46  THR A OG1 1 
ATOM   385  C CG2 . THR A 1 46  ? 9.064   5.996   2.661   1.00 18.56 ? 46  THR A CG2 1 
ATOM   386  N N   . SER A 1 47  ? 9.321   2.899   6.249   1.00 19.83 ? 47  SER A N   1 
ATOM   387  C CA  . SER A 1 47  ? 9.699   2.455   7.589   1.00 20.72 ? 47  SER A CA  1 
ATOM   388  C C   . SER A 1 47  ? 10.834  1.435   7.456   1.00 22.22 ? 47  SER A C   1 
ATOM   389  O O   . SER A 1 47  ? 11.620  1.239   8.386   1.00 19.76 ? 47  SER A O   1 
ATOM   390  C CB  . SER A 1 47  ? 8.511   1.814   8.317   1.00 21.19 ? 47  SER A CB  1 
ATOM   391  O OG  . SER A 1 47  ? 8.224   0.521   7.809   1.00 21.87 ? 47  SER A OG  1 
ATOM   392  N N   . GLU A 1 48  ? 10.902  0.788   6.293   1.00 21.34 ? 48  GLU A N   1 
ATOM   393  C CA  . GLU A 1 48  ? 11.939  -0.207  6.007   1.00 23.99 ? 48  GLU A CA  1 
ATOM   394  C C   . GLU A 1 48  ? 13.285  0.480   5.750   1.00 24.36 ? 48  GLU A C   1 
ATOM   395  O O   . GLU A 1 48  ? 14.327  0.046   6.248   1.00 23.61 ? 48  GLU A O   1 
ATOM   396  C CB  . GLU A 1 48  ? 11.526  -1.045  4.788   1.00 23.88 ? 48  GLU A CB  1 
ATOM   397  C CG  . GLU A 1 48  ? 10.286  -1.902  5.036   1.00 21.76 ? 48  GLU A CG  1 
ATOM   398  C CD  . GLU A 1 48  ? 9.600   -2.345  3.755   1.00 25.94 ? 48  GLU A CD  1 
ATOM   399  O OE1 . GLU A 1 48  ? 10.127  -2.072  2.654   1.00 23.73 ? 48  GLU A OE1 1 
ATOM   400  O OE2 . GLU A 1 48  ? 8.519   -2.964  3.854   1.00 28.29 ? 48  GLU A OE2 1 
ATOM   401  N N   . GLU A 1 49  ? 13.248  1.549   4.965   1.00 22.02 ? 49  GLU A N   1 
ATOM   402  C CA  . GLU A 1 49  ? 14.429  2.347   4.643   1.00 23.49 ? 49  GLU A CA  1 
ATOM   403  C C   . GLU A 1 49  ? 13.932  3.486   3.755   1.00 21.60 ? 49  GLU A C   1 
ATOM   404  O O   . GLU A 1 49  ? 12.859  3.382   3.159   1.00 19.62 ? 49  GLU A O   1 
ATOM   405  C CB  . GLU A 1 49  ? 15.486  1.513   3.890   1.00 24.14 ? 49  GLU A CB  1 
ATOM   406  C CG  . GLU A 1 49  ? 15.164  1.238   2.413   1.00 24.05 ? 49  GLU A CG  1 
ATOM   407  C CD  . GLU A 1 49  ? 16.268  0.454   1.707   1.00 27.38 ? 49  GLU A CD  1 
ATOM   408  O OE1 . GLU A 1 49  ? 16.412  -0.755  1.977   1.00 25.85 ? 49  GLU A OE1 1 
ATOM   409  O OE2 . GLU A 1 49  ? 16.998  1.052   0.888   1.00 27.46 ? 49  GLU A OE2 1 
ATOM   410  N N   . PRO A 1 50  ? 14.686  4.596   3.671   1.00 20.31 ? 50  PRO A N   1 
ATOM   411  C CA  . PRO A 1 50  ? 14.252  5.715   2.829   1.00 21.02 ? 50  PRO A CA  1 
ATOM   412  C C   . PRO A 1 50  ? 14.034  5.226   1.398   1.00 21.76 ? 50  PRO A C   1 
ATOM   413  O O   . PRO A 1 50  ? 14.822  4.432   0.890   1.00 23.05 ? 50  PRO A O   1 
ATOM   414  C CB  . PRO A 1 50  ? 15.412  6.700   2.947   1.00 21.98 ? 50  PRO A CB  1 
ATOM   415  C CG  . PRO A 1 50  ? 15.922  6.442   4.354   1.00 22.14 ? 50  PRO A CG  1 
ATOM   416  C CD  . PRO A 1 50  ? 15.930  4.928   4.389   1.00 22.20 ? 50  PRO A CD  1 
ATOM   417  N N   . ARG A 1 51  ? 12.963  5.692   0.760   1.00 20.54 ? 51  ARG A N   1 
ATOM   418  C CA  . ARG A 1 51  ? 12.632  5.261   -0.595  1.00 19.72 ? 51  ARG A CA  1 
ATOM   419  C C   . ARG A 1 51  ? 12.459  6.432   -1.549  1.00 21.20 ? 51  ARG A C   1 
ATOM   420  O O   . ARG A 1 51  ? 11.896  7.464   -1.178  1.00 19.25 ? 51  ARG A O   1 
ATOM   421  C CB  . ARG A 1 51  ? 11.322  4.471   -0.591  1.00 19.21 ? 51  ARG A CB  1 
ATOM   422  C CG  . ARG A 1 51  ? 11.251  3.313   0.394   1.00 17.14 ? 51  ARG A CG  1 
ATOM   423  C CD  . ARG A 1 51  ? 12.252  2.227   0.045   1.00 18.17 ? 51  ARG A CD  1 
ATOM   424  N NE  . ARG A 1 51  ? 11.976  0.993   0.772   1.00 18.85 ? 51  ARG A NE  1 
ATOM   425  C CZ  . ARG A 1 51  ? 12.607  -0.157  0.563   1.00 19.12 ? 51  ARG A CZ  1 
ATOM   426  N NH1 . ARG A 1 51  ? 13.562  -0.239  -0.356  1.00 20.46 ? 51  ARG A NH1 1 
ATOM   427  N NH2 . ARG A 1 51  ? 12.274  -1.227  1.262   1.00 17.78 ? 51  ARG A NH2 1 
ATOM   428  N N   . SER A 1 52  ? 12.912  6.261   -2.789  1.00 20.58 ? 52  SER A N   1 
ATOM   429  C CA  . SER A 1 52  ? 12.764  7.318   -3.786  1.00 22.42 ? 52  SER A CA  1 
ATOM   430  C C   . SER A 1 52  ? 11.309  7.347   -4.248  1.00 23.34 ? 52  SER A C   1 
ATOM   431  O O   . SER A 1 52  ? 10.572  6.373   -4.064  1.00 20.71 ? 52  SER A O   1 
ATOM   432  C CB  . SER A 1 52  ? 13.679  7.064   -4.992  1.00 21.57 ? 52  SER A CB  1 
ATOM   433  O OG  . SER A 1 52  ? 13.224  5.965   -5.762  1.00 22.74 ? 52  SER A OG  1 
ATOM   434  N N   . MET A 1 53  ? 10.901  8.458   -4.853  1.00 23.74 ? 53  MET A N   1 
ATOM   435  C CA  . MET A 1 53  ? 9.532   8.606   -5.336  1.00 25.65 ? 53  MET A CA  1 
ATOM   436  C C   . MET A 1 53  ? 9.244   7.578   -6.424  1.00 24.84 ? 53  MET A C   1 
ATOM   437  O O   . MET A 1 53  ? 8.137   7.042   -6.509  1.00 23.25 ? 53  MET A O   1 
ATOM   438  C CB  . MET A 1 53  ? 9.321   10.022  -5.874  1.00 27.67 ? 53  MET A CB  1 
ATOM   439  C CG  . MET A 1 53  ? 9.591   11.114  -4.840  1.00 30.30 ? 53  MET A CG  1 
ATOM   440  S SD  . MET A 1 53  ? 8.355   11.163  -3.518  1.00 32.83 ? 53  MET A SD  1 
ATOM   441  C CE  . MET A 1 53  ? 7.218   12.375  -4.177  1.00 33.71 ? 53  MET A CE  1 
ATOM   442  N N   . VAL A 1 54  ? 10.246  7.308   -7.256  1.00 24.16 ? 54  VAL A N   1 
ATOM   443  C CA  . VAL A 1 54  ? 10.103  6.329   -8.329  1.00 25.73 ? 54  VAL A CA  1 
ATOM   444  C C   . VAL A 1 54  ? 9.919   4.939   -7.724  1.00 23.88 ? 54  VAL A C   1 
ATOM   445  O O   . VAL A 1 54  ? 9.094   4.152   -8.187  1.00 23.86 ? 54  VAL A O   1 
ATOM   446  C CB  . VAL A 1 54  ? 11.354  6.306   -9.246  1.00 27.85 ? 54  VAL A CB  1 
ATOM   447  C CG1 . VAL A 1 54  ? 11.257  5.146   -10.227 1.00 28.75 ? 54  VAL A CG1 1 
ATOM   448  C CG2 . VAL A 1 54  ? 11.473  7.622   -10.000 1.00 32.28 ? 54  VAL A CG2 1 
ATOM   449  N N   . TYR A 1 55  ? 10.695  4.638   -6.690  1.00 22.21 ? 55  TYR A N   1 
ATOM   450  C CA  . TYR A 1 55  ? 10.589  3.342   -6.032  1.00 21.61 ? 55  TYR A CA  1 
ATOM   451  C C   . TYR A 1 55  ? 9.172   3.122   -5.514  1.00 21.15 ? 55  TYR A C   1 
ATOM   452  O O   . TYR A 1 55  ? 8.611   2.041   -5.673  1.00 19.58 ? 55  TYR A O   1 
ATOM   453  C CB  . TYR A 1 55  ? 11.552  3.246   -4.852  1.00 21.07 ? 55  TYR A CB  1 
ATOM   454  C CG  . TYR A 1 55  ? 11.386  1.970   -4.055  1.00 20.53 ? 55  TYR A CG  1 
ATOM   455  C CD1 . TYR A 1 55  ? 12.144  0.841   -4.349  1.00 21.97 ? 55  TYR A CD1 1 
ATOM   456  C CD2 . TYR A 1 55  ? 10.453  1.888   -3.018  1.00 21.55 ? 55  TYR A CD2 1 
ATOM   457  C CE1 . TYR A 1 55  ? 11.985  -0.342  -3.633  1.00 21.01 ? 55  TYR A CE1 1 
ATOM   458  C CE2 . TYR A 1 55  ? 10.284  0.710   -2.292  1.00 18.15 ? 55  TYR A CE2 1 
ATOM   459  C CZ  . TYR A 1 55  ? 11.055  -0.400  -2.608  1.00 19.96 ? 55  TYR A CZ  1 
ATOM   460  O OH  . TYR A 1 55  ? 10.899  -1.563  -1.898  1.00 20.23 ? 55  TYR A OH  1 
ATOM   461  N N   . LEU A 1 56  ? 8.603   4.150   -4.889  1.00 21.09 ? 56  LEU A N   1 
ATOM   462  C CA  . LEU A 1 56  ? 7.260   4.042   -4.330  1.00 21.40 ? 56  LEU A CA  1 
ATOM   463  C C   . LEU A 1 56  ? 6.182   3.823   -5.388  1.00 22.38 ? 56  LEU A C   1 
ATOM   464  O O   . LEU A 1 56  ? 5.330   2.950   -5.239  1.00 22.67 ? 56  LEU A O   1 
ATOM   465  C CB  . LEU A 1 56  ? 6.938   5.288   -3.492  1.00 20.76 ? 56  LEU A CB  1 
ATOM   466  C CG  . LEU A 1 56  ? 7.822   5.433   -2.247  1.00 21.60 ? 56  LEU A CG  1 
ATOM   467  C CD1 . LEU A 1 56  ? 7.656   6.828   -1.657  1.00 22.88 ? 56  LEU A CD1 1 
ATOM   468  C CD2 . LEU A 1 56  ? 7.461   4.350   -1.222  1.00 23.12 ? 56  LEU A CD2 1 
ATOM   469  N N   . ALA A 1 57  ? 6.216   4.614   -6.454  1.00 23.51 ? 57  ALA A N   1 
ATOM   470  C CA  . ALA A 1 57  ? 5.233   4.477   -7.525  1.00 24.23 ? 57  ALA A CA  1 
ATOM   471  C C   . ALA A 1 57  ? 5.328   3.082   -8.134  1.00 25.52 ? 57  ALA A C   1 
ATOM   472  O O   . ALA A 1 57  ? 4.318   2.450   -8.452  1.00 26.24 ? 57  ALA A O   1 
ATOM   473  C CB  . ALA A 1 57  ? 5.483   5.528   -8.594  1.00 26.50 ? 57  ALA A CB  1 
ATOM   474  N N   . ASN A 1 58  ? 6.560   2.617   -8.292  1.00 24.98 ? 58  ASN A N   1 
ATOM   475  C CA  . ASN A 1 58  ? 6.858   1.310   -8.864  1.00 27.19 ? 58  ASN A CA  1 
ATOM   476  C C   . ASN A 1 58  ? 6.338   0.152   -8.021  1.00 26.72 ? 58  ASN A C   1 
ATOM   477  O O   . ASN A 1 58  ? 5.747   -0.796  -8.537  1.00 25.18 ? 58  ASN A O   1 
ATOM   478  C CB  . ASN A 1 58  ? 8.369   1.170   -9.019  1.00 31.76 ? 58  ASN A CB  1 
ATOM   479  C CG  . ASN A 1 58  ? 8.779   0.814   -10.424 1.00 38.28 ? 58  ASN A CG  1 
ATOM   480  O OD1 . ASN A 1 58  ? 8.649   -0.334  -10.852 1.00 41.45 ? 58  ASN A OD1 1 
ATOM   481  N ND2 . ASN A 1 58  ? 9.269   1.805   -11.160 1.00 41.55 ? 58  ASN A ND2 1 
ATOM   482  N N   . ARG A 1 59  ? 6.572   0.229   -6.717  1.00 24.24 ? 59  ARG A N   1 
ATOM   483  C CA  . ARG A 1 59  ? 6.153   -0.825  -5.811  1.00 23.78 ? 59  ARG A CA  1 
ATOM   484  C C   . ARG A 1 59  ? 4.646   -0.893  -5.640  1.00 23.03 ? 59  ARG A C   1 
ATOM   485  O O   . ARG A 1 59  ? 4.082   -1.979  -5.544  1.00 25.00 ? 59  ARG A O   1 
ATOM   486  C CB  . ARG A 1 59  ? 6.834   -0.638  -4.449  1.00 22.52 ? 59  ARG A CB  1 
ATOM   487  C CG  . ARG A 1 59  ? 6.437   -1.649  -3.372  1.00 22.17 ? 59  ARG A CG  1 
ATOM   488  C CD  . ARG A 1 59  ? 7.395   -1.560  -2.186  1.00 20.71 ? 59  ARG A CD  1 
ATOM   489  N NE  . ARG A 1 59  ? 6.871   -2.186  -0.974  1.00 19.24 ? 59  ARG A NE  1 
ATOM   490  C CZ  . ARG A 1 59  ? 7.556   -2.307  0.158   1.00 22.57 ? 59  ARG A CZ  1 
ATOM   491  N NH1 . ARG A 1 59  ? 8.806   -1.854  0.234   1.00 19.46 ? 59  ARG A NH1 1 
ATOM   492  N NH2 . ARG A 1 59  ? 6.980   -2.841  1.230   1.00 21.01 ? 59  ARG A NH2 1 
ATOM   493  N N   . TYR A 1 60  ? 3.988   0.258   -5.623  1.00 23.71 ? 60  TYR A N   1 
ATOM   494  C CA  . TYR A 1 60  ? 2.545   0.266   -5.427  1.00 26.35 ? 60  TYR A CA  1 
ATOM   495  C C   . TYR A 1 60  ? 1.693   0.471   -6.670  1.00 26.79 ? 60  TYR A C   1 
ATOM   496  O O   . TYR A 1 60  ? 0.475   0.608   -6.582  1.00 26.61 ? 60  TYR A O   1 
ATOM   497  C CB  . TYR A 1 60  ? 2.197   1.288   -4.347  1.00 23.24 ? 60  TYR A CB  1 
ATOM   498  C CG  . TYR A 1 60  ? 2.821   0.892   -3.025  1.00 22.20 ? 60  TYR A CG  1 
ATOM   499  C CD1 . TYR A 1 60  ? 3.911   1.593   -2.498  1.00 20.14 ? 60  TYR A CD1 1 
ATOM   500  C CD2 . TYR A 1 60  ? 2.394   -0.257  -2.362  1.00 20.38 ? 60  TYR A CD2 1 
ATOM   501  C CE1 . TYR A 1 60  ? 4.566   1.146   -1.344  1.00 20.09 ? 60  TYR A CE1 1 
ATOM   502  C CE2 . TYR A 1 60  ? 3.038   -0.716  -1.212  1.00 21.20 ? 60  TYR A CE2 1 
ATOM   503  C CZ  . TYR A 1 60  ? 4.126   -0.011  -0.708  1.00 20.51 ? 60  TYR A CZ  1 
ATOM   504  O OH  . TYR A 1 60  ? 4.772   -0.480  0.416   1.00 19.69 ? 60  TYR A OH  1 
ATOM   505  N N   . PHE A 1 61  ? 2.340   0.467   -7.828  1.00 27.72 ? 61  PHE A N   1 
ATOM   506  C CA  . PHE A 1 61  ? 1.648   0.635   -9.099  1.00 27.76 ? 61  PHE A CA  1 
ATOM   507  C C   . PHE A 1 61  ? 0.738   1.853   -9.187  1.00 29.32 ? 61  PHE A C   1 
ATOM   508  O O   . PHE A 1 61  ? -0.411  1.753   -9.617  1.00 30.43 ? 61  PHE A O   1 
ATOM   509  C CB  . PHE A 1 61  ? 0.846   -0.624  -9.436  1.00 28.32 ? 61  PHE A CB  1 
ATOM   510  C CG  . PHE A 1 61  ? 1.698   -1.832  -9.715  1.00 28.37 ? 61  PHE A CG  1 
ATOM   511  C CD1 . PHE A 1 61  ? 2.336   -2.509  -8.681  1.00 28.52 ? 61  PHE A CD1 1 
ATOM   512  C CD2 . PHE A 1 61  ? 1.868   -2.292  -11.019 1.00 29.79 ? 61  PHE A CD2 1 
ATOM   513  C CE1 . PHE A 1 61  ? 3.131   -3.626  -8.936  1.00 27.43 ? 61  PHE A CE1 1 
ATOM   514  C CE2 . PHE A 1 61  ? 2.663   -3.411  -11.289 1.00 27.39 ? 61  PHE A CE2 1 
ATOM   515  C CZ  . PHE A 1 61  ? 3.293   -4.078  -10.245 1.00 28.40 ? 61  PHE A CZ  1 
ATOM   516  N N   . VAL A 1 62  ? 1.248   3.005   -8.773  1.00 28.81 ? 62  VAL A N   1 
ATOM   517  C CA  . VAL A 1 62  ? 0.489   4.241   -8.860  1.00 31.02 ? 62  VAL A CA  1 
ATOM   518  C C   . VAL A 1 62  ? 1.390   5.225   -9.598  1.00 32.93 ? 62  VAL A C   1 
ATOM   519  O O   . VAL A 1 62  ? 2.600   5.019   -9.694  1.00 32.32 ? 62  VAL A O   1 
ATOM   520  C CB  . VAL A 1 62  ? 0.129   4.805   -7.464  1.00 31.08 ? 62  VAL A CB  1 
ATOM   521  C CG1 . VAL A 1 62  ? -0.848  3.875   -6.758  1.00 31.54 ? 62  VAL A CG1 1 
ATOM   522  C CG2 . VAL A 1 62  ? 1.381   4.975   -6.638  1.00 30.55 ? 62  VAL A CG2 1 
ATOM   523  N N   . THR A 1 63  ? 0.799   6.283   -10.133 1.00 34.72 ? 63  THR A N   1 
ATOM   524  C CA  . THR A 1 63  ? 1.566   7.283   -10.861 1.00 36.22 ? 63  THR A CA  1 
ATOM   525  C C   . THR A 1 63  ? 2.440   8.079   -9.895  1.00 36.67 ? 63  THR A C   1 
ATOM   526  O O   . THR A 1 63  ? 2.160   8.133   -8.695  1.00 36.25 ? 63  THR A O   1 
ATOM   527  C CB  . THR A 1 63  ? 0.626   8.255   -11.583 1.00 38.24 ? 63  THR A CB  1 
ATOM   528  O OG1 . THR A 1 63  ? -0.151  8.967   -10.613 1.00 39.05 ? 63  THR A OG1 1 
ATOM   529  C CG2 . THR A 1 63  ? -0.319  7.492   -12.507 1.00 38.99 ? 63  THR A CG2 1 
ATOM   530  N N   . GLN A 1 64  ? 3.502   8.687   -10.413 1.00 35.99 ? 64  GLN A N   1 
ATOM   531  C CA  . GLN A 1 64  ? 4.371   9.487   -9.565  1.00 37.88 ? 64  GLN A CA  1 
ATOM   532  C C   . GLN A 1 64  ? 3.569   10.672  -9.052  1.00 37.09 ? 64  GLN A C   1 
ATOM   533  O O   . GLN A 1 64  ? 3.844   11.204  -7.976  1.00 36.45 ? 64  GLN A O   1 
ATOM   534  C CB  . GLN A 1 64  ? 5.601   9.973   -10.339 1.00 40.24 ? 64  GLN A CB  1 
ATOM   535  C CG  . GLN A 1 64  ? 6.753   8.972   -10.346 1.00 44.09 ? 64  GLN A CG  1 
ATOM   536  C CD  . GLN A 1 64  ? 7.999   9.512   -11.030 1.00 47.04 ? 64  GLN A CD  1 
ATOM   537  O OE1 . GLN A 1 64  ? 8.021   9.702   -12.248 1.00 49.93 ? 64  GLN A OE1 1 
ATOM   538  N NE2 . GLN A 1 64  ? 9.040   9.771   -10.246 1.00 46.79 ? 64  GLN A NE2 1 
ATOM   539  N N   . SER A 1 65  ? 2.571   11.082  -9.831  1.00 36.49 ? 65  SER A N   1 
ATOM   540  C CA  . SER A 1 65  ? 1.722   12.198  -9.437  1.00 35.81 ? 65  SER A CA  1 
ATOM   541  C C   . SER A 1 65  ? 0.924   11.783  -8.204  1.00 32.24 ? 65  SER A C   1 
ATOM   542  O O   . SER A 1 65  ? 0.740   12.571  -7.281  1.00 33.57 ? 65  SER A O   1 
ATOM   543  C CB  . SER A 1 65  ? 0.768   12.572  -10.576 1.00 38.46 ? 65  SER A CB  1 
ATOM   544  O OG  . SER A 1 65  ? -0.120  11.505  -10.858 1.00 41.13 ? 65  SER A OG  1 
ATOM   545  N N   . ALA A 1 66  ? 0.456   10.541  -8.191  1.00 30.81 ? 66  ALA A N   1 
ATOM   546  C CA  . ALA A 1 66  ? -0.309  10.035  -7.057  1.00 30.71 ? 66  ALA A CA  1 
ATOM   547  C C   . ALA A 1 66  ? 0.584   9.974   -5.817  1.00 30.27 ? 66  ALA A C   1 
ATOM   548  O O   . ALA A 1 66  ? 0.164   10.348  -4.723  1.00 29.96 ? 66  ALA A O   1 
ATOM   549  C CB  . ALA A 1 66  ? -0.874  8.655   -7.372  1.00 30.75 ? 66  ALA A CB  1 
ATOM   550  N N   . ILE A 1 67  ? 1.817   9.498   -5.993  1.00 28.80 ? 67  ILE A N   1 
ATOM   551  C CA  . ILE A 1 67  ? 2.768   9.413   -4.887  1.00 27.58 ? 67  ILE A CA  1 
ATOM   552  C C   . ILE A 1 67  ? 3.076   10.814  -4.361  1.00 27.74 ? 67  ILE A C   1 
ATOM   553  O O   . ILE A 1 67  ? 3.060   11.048  -3.151  1.00 26.40 ? 67  ILE A O   1 
ATOM   554  C CB  . ILE A 1 67  ? 4.102   8.756   -5.333  1.00 27.66 ? 67  ILE A CB  1 
ATOM   555  C CG1 . ILE A 1 67  ? 3.874   7.280   -5.667  1.00 27.03 ? 67  ILE A CG1 1 
ATOM   556  C CG2 . ILE A 1 67  ? 5.163   8.912   -4.234  1.00 27.39 ? 67  ILE A CG2 1 
ATOM   557  C CD1 . ILE A 1 67  ? 3.376   6.441   -4.490  1.00 28.16 ? 67  ILE A CD1 1 
ATOM   558  N N   . THR A 1 68  ? 3.354   11.743  -5.274  1.00 27.18 ? 68  THR A N   1 
ATOM   559  C CA  . THR A 1 68  ? 3.674   13.116  -4.893  1.00 29.56 ? 68  THR A CA  1 
ATOM   560  C C   . THR A 1 68  ? 2.545   13.761  -4.099  1.00 30.43 ? 68  THR A C   1 
ATOM   561  O O   . THR A 1 68  ? 2.788   14.444  -3.102  1.00 29.67 ? 68  THR A O   1 
ATOM   562  C CB  . THR A 1 68  ? 3.955   13.992  -6.127  1.00 31.56 ? 68  THR A CB  1 
ATOM   563  O OG1 . THR A 1 68  ? 5.014   13.409  -6.894  1.00 32.49 ? 68  THR A OG1 1 
ATOM   564  C CG2 . THR A 1 68  ? 4.368   15.393  -5.699  1.00 33.50 ? 68  THR A CG2 1 
ATOM   565  N N   . ALA A 1 69  ? 1.311   13.551  -4.550  1.00 30.35 ? 69  ALA A N   1 
ATOM   566  C CA  . ALA A 1 69  ? 0.152   14.113  -3.869  1.00 31.08 ? 69  ALA A CA  1 
ATOM   567  C C   . ALA A 1 69  ? 0.055   13.546  -2.456  1.00 28.83 ? 69  ALA A C   1 
ATOM   568  O O   . ALA A 1 69  ? -0.185  14.286  -1.504  1.00 29.75 ? 69  ALA A O   1 
ATOM   569  C CB  . ALA A 1 69  ? -1.124  13.799  -4.648  1.00 31.48 ? 69  ALA A CB  1 
ATOM   570  N N   . ALA A 1 70  ? 0.246   12.236  -2.327  1.00 27.04 ? 70  ALA A N   1 
ATOM   571  C CA  . ALA A 1 70  ? 0.181   11.573  -1.025  1.00 26.17 ? 70  ALA A CA  1 
ATOM   572  C C   . ALA A 1 70  ? 1.291   12.069  -0.103  1.00 25.98 ? 70  ALA A C   1 
ATOM   573  O O   . ALA A 1 70  ? 1.041   12.398  1.055   1.00 26.97 ? 70  ALA A O   1 
ATOM   574  C CB  . ALA A 1 70  ? 0.280   10.057  -1.199  1.00 25.09 ? 70  ALA A CB  1 
ATOM   575  N N   . VAL A 1 71  ? 2.517   12.124  -0.619  1.00 25.79 ? 71  VAL A N   1 
ATOM   576  C CA  . VAL A 1 71  ? 3.660   12.584  0.165   1.00 25.50 ? 71  VAL A CA  1 
ATOM   577  C C   . VAL A 1 71  ? 3.488   14.037  0.602   1.00 26.94 ? 71  VAL A C   1 
ATOM   578  O O   . VAL A 1 71  ? 3.896   14.412  1.703   1.00 24.80 ? 71  VAL A O   1 
ATOM   579  C CB  . VAL A 1 71  ? 4.980   12.426  -0.636  1.00 25.62 ? 71  VAL A CB  1 
ATOM   580  C CG1 . VAL A 1 71  ? 6.145   13.047  0.127   1.00 25.09 ? 71  VAL A CG1 1 
ATOM   581  C CG2 . VAL A 1 71  ? 5.244   10.945  -0.897  1.00 23.59 ? 71  VAL A CG2 1 
ATOM   582  N N   . ASP A 1 72  ? 2.880   14.862  -0.249  1.00 29.24 ? 72  ASP A N   1 
ATOM   583  C CA  . ASP A 1 72  ? 2.668   16.257  0.118   1.00 31.58 ? 72  ASP A CA  1 
ATOM   584  C C   . ASP A 1 72  ? 1.897   16.334  1.434   1.00 31.90 ? 72  ASP A C   1 
ATOM   585  O O   . ASP A 1 72  ? 2.252   17.104  2.326   1.00 32.61 ? 72  ASP A O   1 
ATOM   586  C CB  . ASP A 1 72  ? 1.873   17.009  -0.957  1.00 34.22 ? 72  ASP A CB  1 
ATOM   587  C CG  . ASP A 1 72  ? 2.676   17.263  -2.220  1.00 36.65 ? 72  ASP A CG  1 
ATOM   588  O OD1 . ASP A 1 72  ? 3.919   17.384  -2.144  1.00 35.09 ? 72  ASP A OD1 1 
ATOM   589  O OD2 . ASP A 1 72  ? 2.047   17.362  -3.296  1.00 38.88 ? 72  ASP A OD2 1 
ATOM   590  N N   . LYS A 1 73  ? 0.841   15.534  1.556   1.00 33.05 ? 73  LYS A N   1 
ATOM   591  C CA  . LYS A 1 73  ? 0.037   15.544  2.773   1.00 33.25 ? 73  LYS A CA  1 
ATOM   592  C C   . LYS A 1 73  ? 0.779   14.915  3.941   1.00 32.16 ? 73  LYS A C   1 
ATOM   593  O O   . LYS A 1 73  ? 0.776   15.453  5.050   1.00 31.03 ? 73  LYS A O   1 
ATOM   594  C CB  . LYS A 1 73  ? -1.292  14.827  2.541   1.00 36.98 ? 73  LYS A CB  1 
ATOM   595  C CG  . LYS A 1 73  ? -2.493  15.753  2.656   1.00 43.00 ? 73  LYS A CG  1 
ATOM   596  C CD  . LYS A 1 73  ? -3.736  15.171  2.005   1.00 45.65 ? 73  LYS A CD  1 
ATOM   597  C CE  . LYS A 1 73  ? -4.864  16.194  1.993   1.00 47.70 ? 73  LYS A CE  1 
ATOM   598  N NZ  . LYS A 1 73  ? -6.044  15.733  1.209   1.00 49.69 ? 73  LYS A NZ  1 
ATOM   599  N N   . LEU A 1 74  ? 1.427   13.782  3.689   1.00 28.36 ? 74  LEU A N   1 
ATOM   600  C CA  . LEU A 1 74  ? 2.184   13.106  4.734   1.00 26.35 ? 74  LEU A CA  1 
ATOM   601  C C   . LEU A 1 74  ? 3.280   14.003  5.296   1.00 25.13 ? 74  LEU A C   1 
ATOM   602  O O   . LEU A 1 74  ? 3.490   14.049  6.508   1.00 24.68 ? 74  LEU A O   1 
ATOM   603  C CB  . LEU A 1 74  ? 2.802   11.816  4.189   1.00 23.88 ? 74  LEU A CB  1 
ATOM   604  C CG  . LEU A 1 74  ? 1.811   10.687  3.897   1.00 25.14 ? 74  LEU A CG  1 
ATOM   605  C CD1 . LEU A 1 74  ? 2.525   9.556   3.187   1.00 24.69 ? 74  LEU A CD1 1 
ATOM   606  C CD2 . LEU A 1 74  ? 1.187   10.188  5.200   1.00 24.19 ? 74  LEU A CD2 1 
ATOM   607  N N   . GLU A 1 75  ? 3.983   14.717  4.424   1.00 23.41 ? 75  GLU A N   1 
ATOM   608  C CA  . GLU A 1 75  ? 5.048   15.587  4.899   1.00 25.00 ? 75  GLU A CA  1 
ATOM   609  C C   . GLU A 1 75  ? 4.479   16.769  5.674   1.00 24.26 ? 75  GLU A C   1 
ATOM   610  O O   . GLU A 1 75  ? 5.055   17.199  6.671   1.00 24.90 ? 75  GLU A O   1 
ATOM   611  C CB  . GLU A 1 75  ? 5.919   16.078  3.732   1.00 24.29 ? 75  GLU A CB  1 
ATOM   612  C CG  . GLU A 1 75  ? 7.040   17.003  4.186   1.00 25.91 ? 75  GLU A CG  1 
ATOM   613  C CD  . GLU A 1 75  ? 8.175   17.111  3.182   1.00 25.52 ? 75  GLU A CD  1 
ATOM   614  O OE1 . GLU A 1 75  ? 7.897   17.181  1.966   1.00 25.93 ? 75  GLU A OE1 1 
ATOM   615  O OE2 . GLU A 1 75  ? 9.347   17.140  3.618   1.00 25.30 ? 75  GLU A OE2 1 
ATOM   616  N N   . ALA A 1 76  ? 3.340   17.281  5.219   1.00 27.61 ? 76  ALA A N   1 
ATOM   617  C CA  . ALA A 1 76  ? 2.694   18.404  5.888   1.00 28.74 ? 76  ALA A CA  1 
ATOM   618  C C   . ALA A 1 76  ? 2.278   17.989  7.300   1.00 29.45 ? 76  ALA A C   1 
ATOM   619  O O   . ALA A 1 76  ? 2.277   18.807  8.225   1.00 30.10 ? 76  ALA A O   1 
ATOM   620  C CB  . ALA A 1 76  ? 1.477   18.855  5.086   1.00 30.13 ? 76  ALA A CB  1 
ATOM   621  N N   . LYS A 1 77  ? 1.938   16.711  7.457   1.00 27.69 ? 77  LYS A N   1 
ATOM   622  C CA  . LYS A 1 77  ? 1.525   16.164  8.749   1.00 27.77 ? 77  LYS A CA  1 
ATOM   623  C C   . LYS A 1 77  ? 2.727   15.763  9.596   1.00 27.16 ? 77  LYS A C   1 
ATOM   624  O O   . LYS A 1 77  ? 2.566   15.302  10.727  1.00 26.36 ? 77  LYS A O   1 
ATOM   625  C CB  . LYS A 1 77  ? 0.652   14.923  8.554   1.00 29.76 ? 77  LYS A CB  1 
ATOM   626  C CG  . LYS A 1 77  ? -0.617  15.133  7.762   1.00 32.29 ? 77  LYS A CG  1 
ATOM   627  C CD  . LYS A 1 77  ? -1.285  13.793  7.502   1.00 34.50 ? 77  LYS A CD  1 
ATOM   628  C CE  . LYS A 1 77  ? -2.497  13.951  6.614   1.00 37.14 ? 77  LYS A CE  1 
ATOM   629  N NZ  . LYS A 1 77  ? -3.706  13.355  7.223   1.00 38.52 ? 77  LYS A NZ  1 
ATOM   630  N N   . GLY A 1 78  ? 3.925   15.908  9.037   1.00 23.88 ? 78  GLY A N   1 
ATOM   631  C CA  . GLY A 1 78  ? 5.127   15.548  9.768   1.00 23.25 ? 78  GLY A CA  1 
ATOM   632  C C   . GLY A 1 78  ? 5.354   14.049  9.920   1.00 21.08 ? 78  GLY A C   1 
ATOM   633  O O   . GLY A 1 78  ? 6.067   13.610  10.829  1.00 21.71 ? 78  GLY A O   1 
ATOM   634  N N   . LEU A 1 79  ? 4.755   13.258  9.038   1.00 20.39 ? 79  LEU A N   1 
ATOM   635  C CA  . LEU A 1 79  ? 4.908   11.807  9.101   1.00 21.45 ? 79  LEU A CA  1 
ATOM   636  C C   . LEU A 1 79  ? 6.092   11.319  8.269   1.00 20.90 ? 79  LEU A C   1 
ATOM   637  O O   . LEU A 1 79  ? 6.647   10.258  8.535   1.00 20.99 ? 79  LEU A O   1 
ATOM   638  C CB  . LEU A 1 79  ? 3.619   11.128  8.648   1.00 21.87 ? 79  LEU A CB  1 
ATOM   639  C CG  . LEU A 1 79  ? 2.393   11.585  9.445   1.00 23.41 ? 79  LEU A CG  1 
ATOM   640  C CD1 . LEU A 1 79  ? 1.185   10.755  9.027   1.00 23.00 ? 79  LEU A CD1 1 
ATOM   641  C CD2 . LEU A 1 79  ? 2.654   11.444  10.943  1.00 23.56 ? 79  LEU A CD2 1 
ATOM   642  N N   . VAL A 1 80  ? 6.457   12.087  7.250   1.00 19.77 ? 80  VAL A N   1 
ATOM   643  C CA  . VAL A 1 80  ? 7.614   11.768  6.420   1.00 20.00 ? 80  VAL A CA  1 
ATOM   644  C C   . VAL A 1 80  ? 8.234   13.098  6.025   1.00 20.81 ? 80  VAL A C   1 
ATOM   645  O O   . VAL A 1 80  ? 7.698   14.165  6.339   1.00 20.28 ? 80  VAL A O   1 
ATOM   646  C CB  . VAL A 1 80  ? 7.263   11.015  5.089   1.00 19.93 ? 80  VAL A CB  1 
ATOM   647  C CG1 . VAL A 1 80  ? 6.476   9.746   5.372   1.00 18.32 ? 80  VAL A CG1 1 
ATOM   648  C CG2 . VAL A 1 80  ? 6.509   11.948  4.135   1.00 18.88 ? 80  VAL A CG2 1 
ATOM   649  N N   . ARG A 1 81  ? 9.372   13.032  5.353   1.00 18.64 ? 81  ARG A N   1 
ATOM   650  C CA  . ARG A 1 81  ? 10.022  14.233  4.862   1.00 20.84 ? 81  ARG A CA  1 
ATOM   651  C C   . ARG A 1 81  ? 10.711  13.838  3.580   1.00 22.26 ? 81  ARG A C   1 
ATOM   652  O O   . ARG A 1 81  ? 11.052  12.666  3.384   1.00 21.72 ? 81  ARG A O   1 
ATOM   653  C CB  . ARG A 1 81  ? 11.063  14.776  5.858   1.00 22.34 ? 81  ARG A CB  1 
ATOM   654  C CG  . ARG A 1 81  ? 12.347  13.956  5.992   1.00 21.88 ? 81  ARG A CG  1 
ATOM   655  C CD  . ARG A 1 81  ? 13.404  14.738  6.778   1.00 23.74 ? 81  ARG A CD  1 
ATOM   656  N NE  . ARG A 1 81  ? 12.929  15.106  8.111   1.00 22.52 ? 81  ARG A NE  1 
ATOM   657  C CZ  . ARG A 1 81  ? 12.857  14.265  9.137   1.00 23.41 ? 81  ARG A CZ  1 
ATOM   658  N NH1 . ARG A 1 81  ? 13.244  13.004  8.996   1.00 23.05 ? 81  ARG A NH1 1 
ATOM   659  N NH2 . ARG A 1 81  ? 12.357  14.676  10.293  1.00 24.32 ? 81  ARG A NH2 1 
ATOM   660  N N   . ARG A 1 82  ? 10.887  14.806  2.690   1.00 21.00 ? 82  ARG A N   1 
ATOM   661  C CA  . ARG A 1 82  ? 11.593  14.553  1.449   1.00 20.90 ? 82  ARG A CA  1 
ATOM   662  C C   . ARG A 1 82  ? 12.990  15.131  1.622   1.00 23.46 ? 82  ARG A C   1 
ATOM   663  O O   . ARG A 1 82  ? 13.154  16.240  2.139   1.00 23.49 ? 82  ARG A O   1 
ATOM   664  C CB  . ARG A 1 82  ? 10.887  15.233  0.273   1.00 22.94 ? 82  ARG A CB  1 
ATOM   665  C CG  . ARG A 1 82  ? 9.833   14.360  -0.392  1.00 24.71 ? 82  ARG A CG  1 
ATOM   666  C CD  . ARG A 1 82  ? 8.961   15.147  -1.357  1.00 23.54 ? 82  ARG A CD  1 
ATOM   667  N NE  . ARG A 1 82  ? 8.093   16.065  -0.627  1.00 26.65 ? 82  ARG A NE  1 
ATOM   668  C CZ  . ARG A 1 82  ? 6.968   16.579  -1.110  1.00 26.39 ? 82  ARG A CZ  1 
ATOM   669  N NH1 . ARG A 1 82  ? 6.564   16.272  -2.339  1.00 29.19 ? 82  ARG A NH1 1 
ATOM   670  N NH2 . ARG A 1 82  ? 6.234   17.375  -0.352  1.00 28.05 ? 82  ARG A NH2 1 
ATOM   671  N N   . ILE A 1 83  ? 13.995  14.359  1.230   1.00 22.71 ? 83  ILE A N   1 
ATOM   672  C CA  . ILE A 1 83  ? 15.377  14.804  1.298   1.00 25.49 ? 83  ILE A CA  1 
ATOM   673  C C   . ILE A 1 83  ? 16.002  14.386  -0.019  1.00 28.08 ? 83  ILE A C   1 
ATOM   674  O O   . ILE A 1 83  ? 15.436  13.579  -0.757  1.00 27.80 ? 83  ILE A O   1 
ATOM   675  C CB  . ILE A 1 83  ? 16.159  14.145  2.463   1.00 26.58 ? 83  ILE A CB  1 
ATOM   676  C CG1 . ILE A 1 83  ? 15.990  12.627  2.416   1.00 27.21 ? 83  ILE A CG1 1 
ATOM   677  C CG2 . ILE A 1 83  ? 15.700  14.736  3.798   1.00 27.55 ? 83  ILE A CG2 1 
ATOM   678  C CD1 . ILE A 1 83  ? 16.792  11.888  3.462   1.00 30.06 ? 83  ILE A CD1 1 
ATOM   679  N N   . ARG A 1 84  ? 17.158  14.949  -0.332  1.00 31.42 ? 84  ARG A N   1 
ATOM   680  C CA  . ARG A 1 84  ? 17.832  14.613  -1.575  1.00 34.18 ? 84  ARG A CA  1 
ATOM   681  C C   . ARG A 1 84  ? 18.732  13.420  -1.327  1.00 36.70 ? 84  ARG A C   1 
ATOM   682  O O   . ARG A 1 84  ? 19.246  13.247  -0.219  1.00 36.09 ? 84  ARG A O   1 
ATOM   683  C CB  . ARG A 1 84  ? 18.669  15.795  -2.054  1.00 32.76 ? 84  ARG A CB  1 
ATOM   684  C CG  . ARG A 1 84  ? 17.860  17.029  -2.434  1.00 32.86 ? 84  ARG A CG  1 
ATOM   685  C CD  . ARG A 1 84  ? 18.779  18.219  -2.647  1.00 31.78 ? 84  ARG A CD  1 
ATOM   686  N NE  . ARG A 1 84  ? 19.392  18.644  -1.393  1.00 30.95 ? 84  ARG A NE  1 
ATOM   687  C CZ  . ARG A 1 84  ? 20.433  19.464  -1.304  1.00 31.52 ? 84  ARG A CZ  1 
ATOM   688  N NH1 . ARG A 1 84  ? 20.994  19.955  -2.404  1.00 30.63 ? 84  ARG A NH1 1 
ATOM   689  N NH2 . ARG A 1 84  ? 20.906  19.803  -0.111  1.00 30.21 ? 84  ARG A NH2 1 
ATOM   690  N N   . ASP A 1 85  ? 18.911  12.591  -2.351  1.00 39.35 ? 85  ASP A N   1 
ATOM   691  C CA  . ASP A 1 85  ? 19.781  11.433  -2.225  1.00 43.53 ? 85  ASP A CA  1 
ATOM   692  C C   . ASP A 1 85  ? 21.188  11.987  -2.017  1.00 45.78 ? 85  ASP A C   1 
ATOM   693  O O   . ASP A 1 85  ? 21.673  12.778  -2.825  1.00 46.11 ? 85  ASP A O   1 
ATOM   694  C CB  . ASP A 1 85  ? 19.741  10.595  -3.502  1.00 45.27 ? 85  ASP A CB  1 
ATOM   695  C CG  . ASP A 1 85  ? 20.445  9.264   -3.345  1.00 46.49 ? 85  ASP A CG  1 
ATOM   696  O OD1 . ASP A 1 85  ? 21.438  9.199   -2.589  1.00 47.47 ? 85  ASP A OD1 1 
ATOM   697  O OD2 . ASP A 1 85  ? 20.011  8.286   -3.987  1.00 48.11 ? 85  ASP A OD2 1 
ATOM   698  N N   . SER A 1 86  ? 21.835  11.577  -0.934  1.00 49.08 ? 86  SER A N   1 
ATOM   699  C CA  . SER A 1 86  ? 23.175  12.055  -0.613  1.00 53.04 ? 86  SER A CA  1 
ATOM   700  C C   . SER A 1 86  ? 24.267  11.591  -1.572  1.00 54.32 ? 86  SER A C   1 
ATOM   701  O O   . SER A 1 86  ? 25.426  11.978  -1.422  1.00 55.97 ? 86  SER A O   1 
ATOM   702  C CB  . SER A 1 86  ? 23.552  11.641  0.812   1.00 53.91 ? 86  SER A CB  1 
ATOM   703  O OG  . SER A 1 86  ? 23.528  10.230  0.956   1.00 57.43 ? 86  SER A OG  1 
ATOM   704  N N   . LYS A 1 87  ? 23.909  10.765  -2.551  1.00 54.84 ? 87  LYS A N   1 
ATOM   705  C CA  . LYS A 1 87  ? 24.889  10.274  -3.516  1.00 54.57 ? 87  LYS A CA  1 
ATOM   706  C C   . LYS A 1 87  ? 24.480  10.670  -4.928  1.00 54.93 ? 87  LYS A C   1 
ATOM   707  O O   . LYS A 1 87  ? 25.132  10.312  -5.911  1.00 54.38 ? 87  LYS A O   1 
ATOM   708  C CB  . LYS A 1 87  ? 25.029  8.754   -3.397  1.00 55.13 ? 87  LYS A CB  1 
ATOM   709  C CG  . LYS A 1 87  ? 25.445  8.301   -2.001  1.00 56.73 ? 87  LYS A CG  1 
ATOM   710  C CD  . LYS A 1 87  ? 25.781  6.815   -1.944  1.00 57.32 ? 87  LYS A CD  1 
ATOM   711  C CE  . LYS A 1 87  ? 27.057  6.504   -2.713  1.00 58.38 ? 87  LYS A CE  1 
ATOM   712  N NZ  . LYS A 1 87  ? 27.451  5.072   -2.589  1.00 58.20 ? 87  LYS A NZ  1 
ATOM   713  N N   . ASP A 1 88  ? 23.389  11.424  -5.005  1.00 54.00 ? 88  ASP A N   1 
ATOM   714  C CA  . ASP A 1 88  ? 22.847  11.919  -6.264  1.00 54.01 ? 88  ASP A CA  1 
ATOM   715  C C   . ASP A 1 88  ? 21.665  12.812  -5.909  1.00 53.51 ? 88  ASP A C   1 
ATOM   716  O O   . ASP A 1 88  ? 20.506  12.397  -5.977  1.00 52.91 ? 88  ASP A O   1 
ATOM   717  C CB  . ASP A 1 88  ? 22.399  10.757  -7.155  1.00 54.85 ? 88  ASP A CB  1 
ATOM   718  C CG  . ASP A 1 88  ? 21.799  11.226  -8.466  1.00 55.84 ? 88  ASP A CG  1 
ATOM   719  O OD1 . ASP A 1 88  ? 22.174  12.322  -8.935  1.00 56.95 ? 88  ASP A OD1 1 
ATOM   720  O OD2 . ASP A 1 88  ? 20.961  10.495  -9.033  1.00 56.50 ? 88  ASP A OD2 1 
ATOM   721  N N   . ARG A 1 89  ? 21.981  14.042  -5.520  1.00 52.50 ? 89  ARG A N   1 
ATOM   722  C CA  . ARG A 1 89  ? 20.984  15.022  -5.117  1.00 52.15 ? 89  ARG A CA  1 
ATOM   723  C C   . ARG A 1 89  ? 19.904  15.291  -6.159  1.00 51.13 ? 89  ARG A C   1 
ATOM   724  O O   . ARG A 1 89  ? 19.027  16.131  -5.959  1.00 50.90 ? 89  ARG A O   1 
ATOM   725  C CB  . ARG A 1 89  ? 21.685  16.324  -4.714  1.00 53.96 ? 89  ARG A CB  1 
ATOM   726  C CG  . ARG A 1 89  ? 22.529  16.168  -3.450  1.00 56.23 ? 89  ARG A CG  1 
ATOM   727  C CD  . ARG A 1 89  ? 23.073  17.493  -2.928  1.00 59.40 ? 89  ARG A CD  1 
ATOM   728  N NE  . ARG A 1 89  ? 24.408  17.804  -3.437  1.00 62.19 ? 89  ARG A NE  1 
ATOM   729  C CZ  . ARG A 1 89  ? 25.101  18.888  -3.095  1.00 63.55 ? 89  ARG A CZ  1 
ATOM   730  N NH1 . ARG A 1 89  ? 24.585  19.767  -2.245  1.00 63.82 ? 89  ARG A NH1 1 
ATOM   731  N NH2 . ARG A 1 89  ? 26.312  19.091  -3.595  1.00 63.94 ? 89  ARG A NH2 1 
ATOM   732  N N   . ARG A 1 90  ? 19.963  14.561  -7.266  1.00 49.66 ? 90  ARG A N   1 
ATOM   733  C CA  . ARG A 1 90  ? 18.981  14.705  -8.329  1.00 47.90 ? 90  ARG A CA  1 
ATOM   734  C C   . ARG A 1 90  ? 17.742  13.871  -8.006  1.00 45.68 ? 90  ARG A C   1 
ATOM   735  O O   . ARG A 1 90  ? 16.671  14.087  -8.574  1.00 45.58 ? 90  ARG A O   1 
ATOM   736  C CB  . ARG A 1 90  ? 19.584  14.234  -9.655  1.00 51.03 ? 90  ARG A CB  1 
ATOM   737  C CG  . ARG A 1 90  ? 18.659  14.385  -10.849 1.00 54.75 ? 90  ARG A CG  1 
ATOM   738  C CD  . ARG A 1 90  ? 18.373  15.851  -11.144 1.00 57.79 ? 90  ARG A CD  1 
ATOM   739  N NE  . ARG A 1 90  ? 17.399  16.002  -12.221 1.00 61.28 ? 90  ARG A NE  1 
ATOM   740  C CZ  . ARG A 1 90  ? 17.014  17.169  -12.732 1.00 61.49 ? 90  ARG A CZ  1 
ATOM   741  N NH1 . ARG A 1 90  ? 17.521  18.305  -12.267 1.00 61.70 ? 90  ARG A NH1 1 
ATOM   742  N NH2 . ARG A 1 90  ? 16.113  17.197  -13.704 1.00 62.23 ? 90  ARG A NH2 1 
ATOM   743  N N   . ILE A 1 91  ? 17.898  12.923  -7.084  1.00 42.72 ? 91  ILE A N   1 
ATOM   744  C CA  . ILE A 1 91  ? 16.809  12.028  -6.694  1.00 38.73 ? 91  ILE A CA  1 
ATOM   745  C C   . ILE A 1 91  ? 16.131  12.425  -5.386  1.00 35.51 ? 91  ILE A C   1 
ATOM   746  O O   . ILE A 1 91  ? 16.799  12.685  -4.385  1.00 35.01 ? 91  ILE A O   1 
ATOM   747  C CB  . ILE A 1 91  ? 17.322  10.582  -6.532  1.00 37.98 ? 91  ILE A CB  1 
ATOM   748  C CG1 . ILE A 1 91  ? 18.087  10.150  -7.789  1.00 40.40 ? 91  ILE A CG1 1 
ATOM   749  C CG2 . ILE A 1 91  ? 16.156  9.645   -6.264  1.00 38.94 ? 91  ILE A CG2 1 
ATOM   750  C CD1 . ILE A 1 91  ? 17.274  10.210  -9.066  1.00 38.80 ? 91  ILE A CD1 1 
ATOM   751  N N   . VAL A 1 92  ? 14.804  12.450  -5.394  1.00 32.30 ? 92  VAL A N   1 
ATOM   752  C CA  . VAL A 1 92  ? 14.042  12.792  -4.196  1.00 31.73 ? 92  VAL A CA  1 
ATOM   753  C C   . VAL A 1 92  ? 13.816  11.525  -3.375  1.00 29.64 ? 92  VAL A C   1 
ATOM   754  O O   . VAL A 1 92  ? 13.312  10.524  -3.887  1.00 29.98 ? 92  VAL A O   1 
ATOM   755  C CB  . VAL A 1 92  ? 12.669  13.403  -4.548  1.00 31.53 ? 92  VAL A CB  1 
ATOM   756  C CG1 . VAL A 1 92  ? 11.877  13.676  -3.278  1.00 31.18 ? 92  VAL A CG1 1 
ATOM   757  C CG2 . VAL A 1 92  ? 12.862  14.693  -5.335  1.00 31.83 ? 92  VAL A CG2 1 
ATOM   758  N N   . ILE A 1 93  ? 14.195  11.577  -2.103  1.00 26.22 ? 93  ILE A N   1 
ATOM   759  C CA  . ILE A 1 93  ? 14.042  10.443  -1.207  1.00 24.22 ? 93  ILE A CA  1 
ATOM   760  C C   . ILE A 1 93  ? 13.024  10.767  -0.124  1.00 23.21 ? 93  ILE A C   1 
ATOM   761  O O   . ILE A 1 93  ? 12.987  11.889  0.386   1.00 23.23 ? 93  ILE A O   1 
ATOM   762  C CB  . ILE A 1 93  ? 15.380  10.095  -0.513  1.00 25.03 ? 93  ILE A CB  1 
ATOM   763  C CG1 . ILE A 1 93  ? 16.439  9.736   -1.558  1.00 26.96 ? 93  ILE A CG1 1 
ATOM   764  C CG2 . ILE A 1 93  ? 15.176  8.948   0.463   1.00 27.76 ? 93  ILE A CG2 1 
ATOM   765  C CD1 . ILE A 1 93  ? 16.102  8.518   -2.384  1.00 27.67 ? 93  ILE A CD1 1 
ATOM   766  N N   . VAL A 1 94  ? 12.208  9.776   0.226   1.00 21.55 ? 94  VAL A N   1 
ATOM   767  C CA  . VAL A 1 94  ? 11.199  9.940   1.265   1.00 19.87 ? 94  VAL A CA  1 
ATOM   768  C C   . VAL A 1 94  ? 11.680  9.181   2.498   1.00 19.53 ? 94  VAL A C   1 
ATOM   769  O O   . VAL A 1 94  ? 11.930  7.982   2.443   1.00 18.71 ? 94  VAL A O   1 
ATOM   770  C CB  . VAL A 1 94  ? 9.833   9.360   0.835   1.00 20.51 ? 94  VAL A CB  1 
ATOM   771  C CG1 . VAL A 1 94  ? 8.799   9.588   1.938   1.00 18.27 ? 94  VAL A CG1 1 
ATOM   772  C CG2 . VAL A 1 94  ? 9.367   10.017  -0.461  1.00 21.29 ? 94  VAL A CG2 1 
ATOM   773  N N   . GLU A 1 95  ? 11.820  9.897   3.602   1.00 18.09 ? 95  GLU A N   1 
ATOM   774  C CA  . GLU A 1 95  ? 12.268  9.305   4.848   1.00 17.15 ? 95  GLU A CA  1 
ATOM   775  C C   . GLU A 1 95  ? 11.153  9.420   5.868   1.00 17.49 ? 95  GLU A C   1 
ATOM   776  O O   . GLU A 1 95  ? 10.524  10.473  5.994   1.00 18.44 ? 95  GLU A O   1 
ATOM   777  C CB  . GLU A 1 95  ? 13.514  10.035  5.361   1.00 18.58 ? 95  GLU A CB  1 
ATOM   778  C CG  . GLU A 1 95  ? 13.957  9.599   6.756   1.00 20.43 ? 95  GLU A CG  1 
ATOM   779  C CD  . GLU A 1 95  ? 15.150  10.394  7.266   1.00 23.73 ? 95  GLU A CD  1 
ATOM   780  O OE1 . GLU A 1 95  ? 15.148  11.634  7.112   1.00 21.60 ? 95  GLU A OE1 1 
ATOM   781  O OE2 . GLU A 1 95  ? 16.078  9.779   7.832   1.00 23.29 ? 95  GLU A OE2 1 
ATOM   782  N N   A ILE A 1 96  ? 10.895  8.336   6.593   0.50 16.40 ? 96  ILE A N   1 
ATOM   783  N N   B ILE A 1 96  ? 10.912  8.338   6.600   0.50 17.91 ? 96  ILE A N   1 
ATOM   784  C CA  A ILE A 1 96  ? 9.845   8.347   7.600   0.50 15.65 ? 96  ILE A CA  1 
ATOM   785  C CA  B ILE A 1 96  ? 9.875   8.331   7.619   0.50 18.51 ? 96  ILE A CA  1 
ATOM   786  C C   A ILE A 1 96  ? 10.373  9.076   8.838   0.50 17.31 ? 96  ILE A C   1 
ATOM   787  C C   B ILE A 1 96  ? 10.386  9.088   8.844   0.50 18.95 ? 96  ILE A C   1 
ATOM   788  O O   A ILE A 1 96  ? 11.579  9.100   9.083   0.50 17.97 ? 96  ILE A O   1 
ATOM   789  O O   B ILE A 1 96  ? 11.592  9.142   9.089   0.50 19.29 ? 96  ILE A O   1 
ATOM   790  C CB  A ILE A 1 96  ? 9.406   6.896   7.963   0.50 14.02 ? 96  ILE A CB  1 
ATOM   791  C CB  B ILE A 1 96  ? 9.511   6.880   8.034   0.50 19.91 ? 96  ILE A CB  1 
ATOM   792  C CG1 A ILE A 1 96  ? 8.025   6.915   8.620   0.50 13.37 ? 96  ILE A CG1 1 
ATOM   793  C CG1 B ILE A 1 96  ? 8.376   6.892   9.059   0.50 21.30 ? 96  ILE A CG1 1 
ATOM   794  C CG2 A ILE A 1 96  ? 10.425  6.250   8.910   0.50 13.88 ? 96  ILE A CG2 1 
ATOM   795  C CG2 B ILE A 1 96  ? 10.729  6.182   8.638   0.50 20.43 ? 96  ILE A CG2 1 
ATOM   796  C CD1 A ILE A 1 96  ? 7.431   5.528   8.833   0.50 7.80  ? 96  ILE A CD1 1 
ATOM   797  C CD1 B ILE A 1 96  ? 7.100   7.472   8.537   0.50 22.42 ? 96  ILE A CD1 1 
ATOM   798  N N   . THR A 1 97  ? 9.473   9.687   9.598   1.00 18.16 ? 97  THR A N   1 
ATOM   799  C CA  . THR A 1 97  ? 9.851   10.418  10.809  1.00 20.39 ? 97  THR A CA  1 
ATOM   800  C C   . THR A 1 97  ? 9.418   9.576   12.011  1.00 22.21 ? 97  THR A C   1 
ATOM   801  O O   . THR A 1 97  ? 8.630   8.636   11.870  1.00 20.91 ? 97  THR A O   1 
ATOM   802  C CB  . THR A 1 97  ? 9.115   11.762  10.915  1.00 21.63 ? 97  THR A CB  1 
ATOM   803  O OG1 . THR A 1 97  ? 7.718   11.507  11.111  1.00 21.89 ? 97  THR A OG1 1 
ATOM   804  C CG2 . THR A 1 97  ? 9.306   12.595  9.639   1.00 21.34 ? 97  THR A CG2 1 
ATOM   805  N N   . PRO A 1 98  ? 9.930   9.896   13.209  1.00 22.51 ? 98  PRO A N   1 
ATOM   806  C CA  . PRO A 1 98  ? 9.541   9.127   14.394  1.00 22.68 ? 98  PRO A CA  1 
ATOM   807  C C   . PRO A 1 98  ? 8.023   9.113   14.567  1.00 23.58 ? 98  PRO A C   1 
ATOM   808  O O   . PRO A 1 98  ? 7.437   8.097   14.952  1.00 24.24 ? 98  PRO A O   1 
ATOM   809  C CB  . PRO A 1 98  ? 10.258  9.859   15.522  1.00 22.92 ? 98  PRO A CB  1 
ATOM   810  C CG  . PRO A 1 98  ? 11.542  10.283  14.848  1.00 23.16 ? 98  PRO A CG  1 
ATOM   811  C CD  . PRO A 1 98  ? 11.037  10.820  13.521  1.00 22.80 ? 98  PRO A CD  1 
ATOM   812  N N   . LYS A 1 99  ? 7.388   10.241  14.274  1.00 22.84 ? 99  LYS A N   1 
ATOM   813  C CA  . LYS A 1 99  ? 5.935   10.333  14.383  1.00 25.29 ? 99  LYS A CA  1 
ATOM   814  C C   . LYS A 1 99  ? 5.304   9.403   13.351  1.00 23.27 ? 99  LYS A C   1 
ATOM   815  O O   . LYS A 1 99  ? 4.307   8.731   13.624  1.00 21.59 ? 99  LYS A O   1 
ATOM   816  C CB  . LYS A 1 99  ? 5.470   11.769  14.143  1.00 26.29 ? 99  LYS A CB  1 
ATOM   817  C CG  . LYS A 1 99  ? 3.974   11.968  14.311  1.00 33.29 ? 99  LYS A CG  1 
ATOM   818  C CD  . LYS A 1 99  ? 3.603   13.421  14.079  1.00 39.22 ? 99  LYS A CD  1 
ATOM   819  C CE  . LYS A 1 99  ? 2.103   13.629  14.148  1.00 43.04 ? 99  LYS A CE  1 
ATOM   820  N NZ  . LYS A 1 99  ? 1.745   15.035  13.822  1.00 47.62 ? 99  LYS A NZ  1 
ATOM   821  N N   . GLY A 1 100 ? 5.897   9.365   12.164  1.00 22.98 ? 100 GLY A N   1 
ATOM   822  C CA  . GLY A 1 100 ? 5.396   8.496   11.119  1.00 21.46 ? 100 GLY A CA  1 
ATOM   823  C C   . GLY A 1 100 ? 5.457   7.030   11.531  1.00 21.32 ? 100 GLY A C   1 
ATOM   824  O O   . GLY A 1 100 ? 4.533   6.270   11.249  1.00 21.18 ? 100 GLY A O   1 
ATOM   825  N N   . ARG A 1 101 ? 6.540   6.626   12.191  1.00 20.27 ? 101 ARG A N   1 
ATOM   826  C CA  . ARG A 1 101 ? 6.674   5.237   12.631  1.00 22.31 ? 101 ARG A CA  1 
ATOM   827  C C   . ARG A 1 101 ? 5.581   4.888   13.635  1.00 23.57 ? 101 ARG A C   1 
ATOM   828  O O   . ARG A 1 101 ? 5.048   3.778   13.635  1.00 21.73 ? 101 ARG A O   1 
ATOM   829  C CB  . ARG A 1 101 ? 8.051   4.992   13.258  1.00 21.55 ? 101 ARG A CB  1 
ATOM   830  C CG  . ARG A 1 101 ? 9.206   5.050   12.265  1.00 22.83 ? 101 ARG A CG  1 
ATOM   831  C CD  . ARG A 1 101 ? 10.515  4.613   12.908  1.00 25.11 ? 101 ARG A CD  1 
ATOM   832  N NE  . ARG A 1 101 ? 11.660  4.777   12.014  1.00 24.22 ? 101 ARG A NE  1 
ATOM   833  C CZ  . ARG A 1 101 ? 12.022  3.915   11.066  1.00 26.35 ? 101 ARG A CZ  1 
ATOM   834  N NH1 . ARG A 1 101 ? 11.338  2.795   10.860  1.00 23.03 ? 101 ARG A NH1 1 
ATOM   835  N NH2 . ARG A 1 101 ? 13.082  4.182   10.311  1.00 28.83 ? 101 ARG A NH2 1 
ATOM   836  N N   . GLN A 1 102 ? 5.242   5.850   14.485  1.00 23.19 ? 102 GLN A N   1 
ATOM   837  C CA  . GLN A 1 102 ? 4.209   5.636   15.485  1.00 27.14 ? 102 GLN A CA  1 
ATOM   838  C C   . GLN A 1 102 ? 2.841   5.515   14.812  1.00 25.94 ? 102 GLN A C   1 
ATOM   839  O O   . GLN A 1 102 ? 2.041   4.648   15.167  1.00 25.52 ? 102 GLN A O   1 
ATOM   840  C CB  . GLN A 1 102 ? 4.222   6.791   16.495  1.00 31.97 ? 102 GLN A CB  1 
ATOM   841  C CG  . GLN A 1 102 ? 3.038   6.818   17.443  1.00 41.08 ? 102 GLN A CG  1 
ATOM   842  C CD  . GLN A 1 102 ? 3.223   7.825   18.570  1.00 46.82 ? 102 GLN A CD  1 
ATOM   843  O OE1 . GLN A 1 102 ? 3.678   8.952   18.347  1.00 49.90 ? 102 GLN A OE1 1 
ATOM   844  N NE2 . GLN A 1 102 ? 2.861   7.425   19.786  1.00 48.77 ? 102 GLN A NE2 1 
ATOM   845  N N   . VAL A 1 103 ? 2.579   6.376   13.833  1.00 23.41 ? 103 VAL A N   1 
ATOM   846  C CA  . VAL A 1 103 ? 1.310   6.335   13.119  1.00 23.55 ? 103 VAL A CA  1 
ATOM   847  C C   . VAL A 1 103 ? 1.197   5.039   12.322  1.00 23.83 ? 103 VAL A C   1 
ATOM   848  O O   . VAL A 1 103 ? 0.119   4.449   12.241  1.00 24.41 ? 103 VAL A O   1 
ATOM   849  C CB  . VAL A 1 103 ? 1.151   7.556   12.183  1.00 23.20 ? 103 VAL A CB  1 
ATOM   850  C CG1 . VAL A 1 103 ? -0.046  7.370   11.265  1.00 26.23 ? 103 VAL A CG1 1 
ATOM   851  C CG2 . VAL A 1 103 ? 0.943   8.810   13.018  1.00 24.81 ? 103 VAL A CG2 1 
ATOM   852  N N   . LEU A 1 104 ? 2.306   4.588   11.741  1.00 22.12 ? 104 LEU A N   1 
ATOM   853  C CA  . LEU A 1 104 ? 2.288   3.342   10.985  1.00 21.84 ? 104 LEU A CA  1 
ATOM   854  C C   . LEU A 1 104 ? 1.854   2.170   11.872  1.00 22.62 ? 104 LEU A C   1 
ATOM   855  O O   . LEU A 1 104 ? 1.086   1.306   11.438  1.00 22.21 ? 104 LEU A O   1 
ATOM   856  C CB  . LEU A 1 104 ? 3.667   3.045   10.401  1.00 21.13 ? 104 LEU A CB  1 
ATOM   857  C CG  . LEU A 1 104 ? 3.829   1.652   9.787   1.00 22.00 ? 104 LEU A CG  1 
ATOM   858  C CD1 . LEU A 1 104 ? 2.796   1.435   8.679   1.00 23.36 ? 104 LEU A CD1 1 
ATOM   859  C CD2 . LEU A 1 104 ? 5.239   1.510   9.231   1.00 21.18 ? 104 LEU A CD2 1 
ATOM   860  N N   . LEU A 1 105 ? 2.350   2.134   13.107  1.00 23.77 ? 105 LEU A N   1 
ATOM   861  C CA  . LEU A 1 105 ? 1.993   1.057   14.032  1.00 24.22 ? 105 LEU A CA  1 
ATOM   862  C C   . LEU A 1 105 ? 0.483   1.020   14.239  1.00 23.51 ? 105 LEU A C   1 
ATOM   863  O O   . LEU A 1 105 ? -0.130  -0.047  14.243  1.00 24.13 ? 105 LEU A O   1 
ATOM   864  C CB  . LEU A 1 105 ? 2.690   1.246   15.381  1.00 26.39 ? 105 LEU A CB  1 
ATOM   865  C CG  . LEU A 1 105 ? 4.208   1.053   15.423  1.00 30.65 ? 105 LEU A CG  1 
ATOM   866  C CD1 . LEU A 1 105 ? 4.730   1.368   16.824  1.00 32.35 ? 105 LEU A CD1 1 
ATOM   867  C CD2 . LEU A 1 105 ? 4.553   -0.382  15.027  1.00 32.89 ? 105 LEU A CD2 1 
ATOM   868  N N   . GLU A 1 106 ? -0.109  2.197   14.401  1.00 24.91 ? 106 GLU A N   1 
ATOM   869  C CA  . GLU A 1 106 ? -1.547  2.315   14.604  1.00 26.20 ? 106 GLU A CA  1 
ATOM   870  C C   . GLU A 1 106 ? -2.317  1.943   13.338  1.00 25.96 ? 106 GLU A C   1 
ATOM   871  O O   . GLU A 1 106 ? -3.289  1.191   13.401  1.00 26.52 ? 106 GLU A O   1 
ATOM   872  C CB  . GLU A 1 106 ? -1.893  3.744   15.027  1.00 29.07 ? 106 GLU A CB  1 
ATOM   873  C CG  . GLU A 1 106 ? -1.370  4.118   16.410  1.00 36.97 ? 106 GLU A CG  1 
ATOM   874  C CD  . GLU A 1 106 ? -1.471  5.604   16.701  1.00 40.72 ? 106 GLU A CD  1 
ATOM   875  O OE1 . GLU A 1 106 ? -2.282  6.291   16.041  1.00 44.76 ? 106 GLU A OE1 1 
ATOM   876  O OE2 . GLU A 1 106 ? -0.744  6.085   17.599  1.00 43.35 ? 106 GLU A OE2 1 
ATOM   877  N N   . ALA A 1 107 ? -1.887  2.467   12.191  1.00 23.99 ? 107 ALA A N   1 
ATOM   878  C CA  . ALA A 1 107 ? -2.560  2.166   10.926  1.00 23.01 ? 107 ALA A CA  1 
ATOM   879  C C   . ALA A 1 107 ? -2.493  0.663   10.637  1.00 23.73 ? 107 ALA A C   1 
ATOM   880  O O   . ALA A 1 107 ? -3.466  0.069   10.165  1.00 23.31 ? 107 ALA A O   1 
ATOM   881  C CB  . ALA A 1 107 ? -1.914  2.961   9.775   1.00 22.28 ? 107 ALA A CB  1 
ATOM   882  N N   . ASN A 1 108 ? -1.340  0.058   10.919  1.00 23.02 ? 108 ASN A N   1 
ATOM   883  C CA  . ASN A 1 108 ? -1.154  -1.375  10.710  1.00 24.19 ? 108 ASN A CA  1 
ATOM   884  C C   . ASN A 1 108 ? -2.156  -2.147  11.560  1.00 24.13 ? 108 ASN A C   1 
ATOM   885  O O   . ASN A 1 108 ? -2.775  -3.101  11.092  1.00 23.01 ? 108 ASN A O   1 
ATOM   886  C CB  . ASN A 1 108 ? 0.270   -1.795  11.092  1.00 22.55 ? 108 ASN A CB  1 
ATOM   887  C CG  . ASN A 1 108 ? 0.466   -3.302  11.046  1.00 26.77 ? 108 ASN A CG  1 
ATOM   888  O OD1 . ASN A 1 108 ? 0.667   -3.949  12.076  1.00 27.29 ? 108 ASN A OD1 1 
ATOM   889  N ND2 . ASN A 1 108 ? 0.401   -3.868  9.850   1.00 25.31 ? 108 ASN A ND2 1 
ATOM   890  N N   . GLU A 1 109 ? -2.311  -1.727  12.812  1.00 24.63 ? 109 GLU A N   1 
ATOM   891  C CA  . GLU A 1 109 ? -3.247  -2.379  13.723  1.00 27.47 ? 109 GLU A CA  1 
ATOM   892  C C   . GLU A 1 109 ? -4.677  -2.287  13.190  1.00 25.47 ? 109 GLU A C   1 
ATOM   893  O O   . GLU A 1 109 ? -5.418  -3.270  13.208  1.00 26.38 ? 109 GLU A O   1 
ATOM   894  C CB  . GLU A 1 109 ? -3.190  -1.724  15.103  1.00 30.80 ? 109 GLU A CB  1 
ATOM   895  C CG  . GLU A 1 109 ? -3.881  -2.537  16.180  1.00 40.09 ? 109 GLU A CG  1 
ATOM   896  C CD  . GLU A 1 109 ? -2.932  -3.488  16.882  1.00 45.68 ? 109 GLU A CD  1 
ATOM   897  O OE1 . GLU A 1 109 ? -2.050  -4.068  16.209  1.00 48.70 ? 109 GLU A OE1 1 
ATOM   898  O OE2 . GLU A 1 109 ? -3.075  -3.659  18.110  1.00 49.49 ? 109 GLU A OE2 1 
ATOM   899  N N   . VAL A 1 110 ? -5.062  -1.096  12.736  1.00 24.84 ? 110 VAL A N   1 
ATOM   900  C CA  . VAL A 1 110 ? -6.399  -0.868  12.197  1.00 22.52 ? 110 VAL A CA  1 
ATOM   901  C C   . VAL A 1 110 ? -6.681  -1.769  10.991  1.00 23.79 ? 110 VAL A C   1 
ATOM   902  O O   . VAL A 1 110 ? -7.706  -2.448  10.944  1.00 21.67 ? 110 VAL A O   1 
ATOM   903  C CB  . VAL A 1 110 ? -6.593  0.615   11.769  1.00 23.29 ? 110 VAL A CB  1 
ATOM   904  C CG1 . VAL A 1 110 ? -7.864  0.765   10.944  1.00 23.52 ? 110 VAL A CG1 1 
ATOM   905  C CG2 . VAL A 1 110 ? -6.664  1.509   12.996  1.00 25.72 ? 110 VAL A CG2 1 
ATOM   906  N N   . LEU A 1 111 ? -5.771  -1.774  10.021  1.00 22.66 ? 111 LEU A N   1 
ATOM   907  C CA  . LEU A 1 111 ? -5.955  -2.586  8.821   1.00 24.14 ? 111 LEU A CA  1 
ATOM   908  C C   . LEU A 1 111 ? -5.883  -4.087  9.073   1.00 25.45 ? 111 LEU A C   1 
ATOM   909  O O   . LEU A 1 111 ? -6.669  -4.853  8.507   1.00 25.09 ? 111 LEU A O   1 
ATOM   910  C CB  . LEU A 1 111 ? -4.925  -2.200  7.755   1.00 24.07 ? 111 LEU A CB  1 
ATOM   911  C CG  . LEU A 1 111 ? -5.101  -0.799  7.169   1.00 26.41 ? 111 LEU A CG  1 
ATOM   912  C CD1 . LEU A 1 111 ? -4.067  -0.566  6.065   1.00 24.21 ? 111 LEU A CD1 1 
ATOM   913  C CD2 . LEU A 1 111 ? -6.519  -0.656  6.614   1.00 26.22 ? 111 LEU A CD2 1 
ATOM   914  N N   . ARG A 1 112 ? -4.942  -4.502  9.917   1.00 25.66 ? 112 ARG A N   1 
ATOM   915  C CA  . ARG A 1 112 ? -4.754  -5.915  10.245  1.00 26.19 ? 112 ARG A CA  1 
ATOM   916  C C   . ARG A 1 112 ? -6.000  -6.508  10.911  1.00 26.38 ? 112 ARG A C   1 
ATOM   917  O O   . ARG A 1 112 ? -6.443  -7.608  10.560  1.00 24.36 ? 112 ARG A O   1 
ATOM   918  C CB  . ARG A 1 112 ? -3.557  -6.072  11.181  1.00 29.09 ? 112 ARG A CB  1 
ATOM   919  C CG  . ARG A 1 112 ? -3.045  -7.494  11.341  1.00 34.82 ? 112 ARG A CG  1 
ATOM   920  C CD  . ARG A 1 112 ? -2.097  -7.564  12.529  1.00 40.02 ? 112 ARG A CD  1 
ATOM   921  N NE  . ARG A 1 112 ? -2.811  -7.252  13.766  1.00 44.04 ? 112 ARG A NE  1 
ATOM   922  C CZ  . ARG A 1 112 ? -2.245  -6.771  14.867  1.00 45.38 ? 112 ARG A CZ  1 
ATOM   923  N NH1 . ARG A 1 112 ? -0.939  -6.536  14.902  1.00 45.69 ? 112 ARG A NH1 1 
ATOM   924  N NH2 . ARG A 1 112 ? -2.993  -6.515  15.932  1.00 45.08 ? 112 ARG A NH2 1 
ATOM   925  N N   . ASN A 1 113 ? -6.552  -5.787  11.882  1.00 24.55 ? 113 ASN A N   1 
ATOM   926  C CA  . ASN A 1 113 ? -7.745  -6.254  12.586  1.00 27.33 ? 113 ASN A CA  1 
ATOM   927  C C   . ASN A 1 113 ? -8.948  -6.274  11.650  1.00 27.62 ? 113 ASN A C   1 
ATOM   928  O O   . ASN A 1 113 ? -9.752  -7.208  11.681  1.00 27.72 ? 113 ASN A O   1 
ATOM   929  C CB  . ASN A 1 113 ? -8.051  -5.362  13.798  1.00 28.15 ? 113 ASN A CB  1 
ATOM   930  C CG  . ASN A 1 113 ? -7.012  -5.498  14.900  1.00 29.83 ? 113 ASN A CG  1 
ATOM   931  O OD1 . ASN A 1 113 ? -6.373  -6.537  15.031  1.00 33.39 ? 113 ASN A OD1 1 
ATOM   932  N ND2 . ASN A 1 113 ? -6.851  -4.453  15.705  1.00 29.95 ? 113 ASN A ND2 1 
ATOM   933  N N   . LEU A 1 114 ? -9.062  -5.245  10.817  1.00 27.90 ? 114 LEU A N   1 
ATOM   934  C CA  . LEU A 1 114 ? -10.160 -5.146  9.865   1.00 28.79 ? 114 LEU A CA  1 
ATOM   935  C C   . LEU A 1 114 ? -10.138 -6.341  8.918   1.00 29.08 ? 114 LEU A C   1 
ATOM   936  O O   . LEU A 1 114 ? -11.151 -6.998  8.713   1.00 28.19 ? 114 LEU A O   1 
ATOM   937  C CB  . LEU A 1 114 ? -10.058 -3.853  9.052   1.00 29.71 ? 114 LEU A CB  1 
ATOM   938  C CG  . LEU A 1 114 ? -11.170 -3.634  8.023   1.00 32.26 ? 114 LEU A CG  1 
ATOM   939  C CD1 . LEU A 1 114 ? -12.523 -3.638  8.720   1.00 35.57 ? 114 LEU A CD1 1 
ATOM   940  C CD2 . LEU A 1 114 ? -10.948 -2.317  7.300   1.00 34.46 ? 114 LEU A CD2 1 
ATOM   941  N N   . VAL A 1 115 ? -8.976  -6.627  8.341   1.00 27.38 ? 115 VAL A N   1 
ATOM   942  C CA  . VAL A 1 115 ? -8.862  -7.751  7.417   1.00 28.62 ? 115 VAL A CA  1 
ATOM   943  C C   . VAL A 1 115 ? -9.064  -9.073  8.143   1.00 29.85 ? 115 VAL A C   1 
ATOM   944  O O   . VAL A 1 115 ? -9.731  -9.984  7.644   1.00 28.45 ? 115 VAL A O   1 
ATOM   945  C CB  . VAL A 1 115 ? -7.498  -7.758  6.709   1.00 28.54 ? 115 VAL A CB  1 
ATOM   946  C CG1 . VAL A 1 115 ? -7.383  -8.999  5.827   1.00 26.29 ? 115 VAL A CG1 1 
ATOM   947  C CG2 . VAL A 1 115 ? -7.364  -6.493  5.864   1.00 27.39 ? 115 VAL A CG2 1 
ATOM   948  N N   . ASN A 1 116 ? -8.479  -9.180  9.326   1.00 30.24 ? 116 ASN A N   1 
ATOM   949  C CA  . ASN A 1 116 ? -8.635  -10.395 10.108  1.00 34.95 ? 116 ASN A CA  1 
ATOM   950  C C   . ASN A 1 116 ? -10.111 -10.632 10.404  1.00 35.40 ? 116 ASN A C   1 
ATOM   951  O O   . ASN A 1 116 ? -10.597 -11.752 10.303  1.00 35.24 ? 116 ASN A O   1 
ATOM   952  C CB  . ASN A 1 116 ? -7.869  -10.269 11.424  1.00 37.67 ? 116 ASN A CB  1 
ATOM   953  C CG  . ASN A 1 116 ? -8.147  -11.423 12.392  1.00 42.60 ? 116 ASN A CG  1 
ATOM   954  O OD1 . ASN A 1 116 ? -8.991  -11.312 13.287  1.00 46.82 ? 116 ASN A OD1 1 
ATOM   955  N ND2 . ASN A 1 116 ? -7.428  -12.529 12.220  1.00 46.59 ? 116 ASN A ND2 1 
ATOM   956  N N   . GLU A 1 117 ? -10.818 -9.569  10.775  1.00 36.54 ? 117 GLU A N   1 
ATOM   957  C CA  . GLU A 1 117 ? -12.247 -9.691  11.100  1.00 39.96 ? 117 GLU A CA  1 
ATOM   958  C C   . GLU A 1 117 ? -13.042 -10.194 9.909   1.00 40.34 ? 117 GLU A C   1 
ATOM   959  O O   . GLU A 1 117 ? -13.852 -11.104 10.004  1.00 39.17 ? 117 GLU A O   1 
ATOM   960  C CB  . GLU A 1 117 ? -12.851 -8.348  11.527  1.00 42.72 ? 117 GLU A CB  1 
ATOM   961  C CG  . GLU A 1 117 ? -13.192 -7.415  10.356  1.00 47.70 ? 117 GLU A CG  1 
ATOM   962  C CD  . GLU A 1 117 ? -14.081 -6.251  10.740  1.00 50.96 ? 117 GLU A CD  1 
ATOM   963  O OE1 . GLU A 1 117 ? -15.300 -6.325  10.468  1.00 53.49 ? 117 GLU A OE1 1 
ATOM   964  O OE2 . GLU A 1 117 ? -13.574 -5.267  11.323  1.00 51.13 ? 117 GLU A OE2 1 
ATOM   965  N N   . MET A 1 118 ? -12.773 -9.593  8.767   1.00 39.79 ? 118 MET A N   1 
ATOM   966  C CA  . MET A 1 118 ? -13.490 -9.940  7.570   1.00 40.21 ? 118 MET A CA  1 
ATOM   967  C C   . MET A 1 118 ? -13.199 -11.307 7.014   1.00 39.38 ? 118 MET A C   1 
ATOM   968  O O   . MET A 1 118 ? -14.130 -12.004 6.613   1.00 37.92 ? 118 MET A O   1 
ATOM   969  C CB  . MET A 1 118 ? -13.245 -8.905  6.484   1.00 42.54 ? 118 MET A CB  1 
ATOM   970  C CG  . MET A 1 118 ? -13.651 -7.488  6.845   1.00 46.87 ? 118 MET A CG  1 
ATOM   971  S SD  . MET A 1 118 ? -13.597 -6.479  5.314   1.00 51.00 ? 118 MET A SD  1 
ATOM   972  C CE  . MET A 1 118 ? -11.801 -6.308  4.983   1.00 49.83 ? 118 MET A CE  1 
ATOM   973  N N   . LEU A 1 119 ? -11.929 -11.702 7.009   1.00 37.29 ? 119 LEU A N   1 
ATOM   974  C CA  . LEU A 1 119 ? -11.517 -12.973 6.423   1.00 36.41 ? 119 LEU A CA  1 
ATOM   975  C C   . LEU A 1 119 ? -11.198 -14.025 7.463   1.00 36.46 ? 119 LEU A C   1 
ATOM   976  O O   . LEU A 1 119 ? -10.370 -14.911 7.239   1.00 35.54 ? 119 LEU A O   1 
ATOM   977  C CB  . LEU A 1 119 ? -10.282 -12.745 5.544   1.00 35.35 ? 119 LEU A CB  1 
ATOM   978  C CG  . LEU A 1 119 ? -10.365 -11.655 4.469   1.00 35.44 ? 119 LEU A CG  1 
ATOM   979  C CD1 . LEU A 1 119 ? -9.086  -11.643 3.623   1.00 33.67 ? 119 LEU A CD1 1 
ATOM   980  C CD2 . LEU A 1 119 ? -11.584 -11.916 3.589   1.00 36.88 ? 119 LEU A CD2 1 
ATOM   981  N N   . SER A 1 120 ? -11.876 -13.933 8.596   1.00 37.62 ? 120 SER A N   1 
ATOM   982  C CA  . SER A 1 120 ? -11.653 -14.853 9.694   1.00 40.03 ? 120 SER A CA  1 
ATOM   983  C C   . SER A 1 120 ? -11.741 -16.331 9.330   1.00 41.57 ? 120 SER A C   1 
ATOM   984  O O   . SER A 1 120 ? -10.939 -17.132 9.808   1.00 42.52 ? 120 SER A O   1 
ATOM   985  C CB  . SER A 1 120 ? -12.640 -14.551 10.822  1.00 40.24 ? 120 SER A CB  1 
ATOM   986  O OG  . SER A 1 120 ? -13.975 -14.716 10.379  1.00 40.39 ? 120 SER A OG  1 
ATOM   987  N N   . ASP A 1 121 ? -12.705 -16.695 8.492   1.00 42.44 ? 121 ASP A N   1 
ATOM   988  C CA  . ASP A 1 121 ? -12.877 -18.098 8.125   1.00 45.37 ? 121 ASP A CA  1 
ATOM   989  C C   . ASP A 1 121 ? -12.240 -18.528 6.803   1.00 45.44 ? 121 ASP A C   1 
ATOM   990  O O   . ASP A 1 121 ? -12.587 -19.577 6.255   1.00 45.67 ? 121 ASP A O   1 
ATOM   991  C CB  . ASP A 1 121 ? -14.369 -18.452 8.108   1.00 47.56 ? 121 ASP A CB  1 
ATOM   992  C CG  . ASP A 1 121 ? -15.120 -17.774 6.976   1.00 50.33 ? 121 ASP A CG  1 
ATOM   993  O OD1 . ASP A 1 121 ? -14.526 -16.922 6.278   1.00 50.29 ? 121 ASP A OD1 1 
ATOM   994  O OD2 . ASP A 1 121 ? -16.312 -18.097 6.790   1.00 52.66 ? 121 ASP A OD2 1 
ATOM   995  N N   . VAL A 1 122 ? -11.311 -17.727 6.292   1.00 44.17 ? 122 VAL A N   1 
ATOM   996  C CA  . VAL A 1 122 ? -10.642 -18.057 5.038   1.00 43.72 ? 122 VAL A CA  1 
ATOM   997  C C   . VAL A 1 122 ? -9.405  -18.908 5.303   1.00 43.27 ? 122 VAL A C   1 
ATOM   998  O O   . VAL A 1 122 ? -8.496  -18.488 6.015   1.00 42.07 ? 122 VAL A O   1 
ATOM   999  C CB  . VAL A 1 122 ? -10.216 -16.785 4.283   1.00 43.04 ? 122 VAL A CB  1 
ATOM   1000 C CG1 . VAL A 1 122 ? -9.460  -17.159 3.014   1.00 44.13 ? 122 VAL A CG1 1 
ATOM   1001 C CG2 . VAL A 1 122 ? -11.440 -15.951 3.948   1.00 44.66 ? 122 VAL A CG2 1 
ATOM   1002 N N   . GLU A 1 123 ? -9.376  -20.104 4.723   1.00 43.74 ? 123 GLU A N   1 
ATOM   1003 C CA  . GLU A 1 123 ? -8.250  -21.016 4.904   1.00 45.63 ? 123 GLU A CA  1 
ATOM   1004 C C   . GLU A 1 123 ? -7.331  -21.022 3.684   1.00 44.15 ? 123 GLU A C   1 
ATOM   1005 O O   . GLU A 1 123 ? -7.641  -20.422 2.653   1.00 42.58 ? 123 GLU A O   1 
ATOM   1006 C CB  . GLU A 1 123 ? -8.753  -22.440 5.156   1.00 48.77 ? 123 GLU A CB  1 
ATOM   1007 C CG  . GLU A 1 123 ? -9.734  -22.591 6.320   1.00 53.67 ? 123 GLU A CG  1 
ATOM   1008 C CD  . GLU A 1 123 ? -9.140  -22.184 7.655   1.00 56.52 ? 123 GLU A CD  1 
ATOM   1009 O OE1 . GLU A 1 123 ? -7.920  -22.379 7.848   1.00 58.85 ? 123 GLU A OE1 1 
ATOM   1010 O OE2 . GLU A 1 123 ? -9.895  -21.683 8.517   1.00 59.09 ? 123 GLU A OE2 1 
ATOM   1011 N N   . ASN A 1 124 ? -6.203  -21.714 3.805   1.00 43.91 ? 124 ASN A N   1 
ATOM   1012 C CA  . ASN A 1 124 ? -5.228  -21.810 2.718   1.00 43.46 ? 124 ASN A CA  1 
ATOM   1013 C C   . ASN A 1 124 ? -4.718  -20.428 2.319   1.00 41.37 ? 124 ASN A C   1 
ATOM   1014 O O   . ASN A 1 124 ? -4.559  -20.126 1.135   1.00 40.14 ? 124 ASN A O   1 
ATOM   1015 C CB  . ASN A 1 124 ? -5.851  -22.491 1.496   1.00 46.16 ? 124 ASN A CB  1 
ATOM   1016 C CG  . ASN A 1 124 ? -6.329  -23.904 1.793   1.00 51.59 ? 124 ASN A CG  1 
ATOM   1017 O OD1 . ASN A 1 124 ? -5.547  -24.771 2.198   1.00 53.88 ? 124 ASN A OD1 1 
ATOM   1018 N ND2 . ASN A 1 124 ? -7.621  -24.143 1.590   1.00 53.13 ? 124 ASN A ND2 1 
ATOM   1019 N N   . VAL A 1 125 ? -4.455  -19.593 3.317   1.00 39.01 ? 125 VAL A N   1 
ATOM   1020 C CA  . VAL A 1 125 ? -3.965  -18.241 3.070   1.00 37.49 ? 125 VAL A CA  1 
ATOM   1021 C C   . VAL A 1 125 ? -2.573  -18.243 2.438   1.00 37.59 ? 125 VAL A C   1 
ATOM   1022 O O   . VAL A 1 125 ? -2.318  -17.532 1.466   1.00 36.92 ? 125 VAL A O   1 
ATOM   1023 C CB  . VAL A 1 125 ? -3.912  -17.431 4.379   1.00 36.89 ? 125 VAL A CB  1 
ATOM   1024 C CG1 . VAL A 1 125 ? -3.336  -16.042 4.114   1.00 35.84 ? 125 VAL A CG1 1 
ATOM   1025 C CG2 . VAL A 1 125 ? -5.308  -17.314 4.973   1.00 37.43 ? 125 VAL A CG2 1 
ATOM   1026 N N   . GLU A 1 126 ? -1.677  -19.047 3.003   1.00 38.48 ? 126 GLU A N   1 
ATOM   1027 C CA  . GLU A 1 126 ? -0.306  -19.135 2.513   1.00 39.40 ? 126 GLU A CA  1 
ATOM   1028 C C   . GLU A 1 126 ? -0.249  -19.481 1.027   1.00 39.69 ? 126 GLU A C   1 
ATOM   1029 O O   . GLU A 1 126 ? 0.482   -18.845 0.260   1.00 39.28 ? 126 GLU A O   1 
ATOM   1030 C CB  . GLU A 1 126 ? 0.471   -20.173 3.330   1.00 41.50 ? 126 GLU A CB  1 
ATOM   1031 C CG  . GLU A 1 126 ? 1.996   -20.084 3.234   1.00 45.47 ? 126 GLU A CG  1 
ATOM   1032 C CD  . GLU A 1 126 ? 2.511   -20.455 1.864   1.00 47.59 ? 126 GLU A CD  1 
ATOM   1033 O OE1 . GLU A 1 126 ? 1.941   -21.390 1.260   1.00 48.26 ? 126 GLU A OE1 1 
ATOM   1034 O OE2 . GLU A 1 126 ? 3.487   -19.827 1.399   1.00 48.21 ? 126 GLU A OE2 1 
ATOM   1035 N N   . GLU A 1 127 ? -1.015  -20.488 0.618   1.00 39.48 ? 127 GLU A N   1 
ATOM   1036 C CA  . GLU A 1 127 ? -1.044  -20.891 -0.783  1.00 39.72 ? 127 GLU A CA  1 
ATOM   1037 C C   . GLU A 1 127 ? -1.620  -19.780 -1.658  1.00 37.66 ? 127 GLU A C   1 
ATOM   1038 O O   . GLU A 1 127 ? -1.140  -19.546 -2.766  1.00 35.79 ? 127 GLU A O   1 
ATOM   1039 C CB  . GLU A 1 127 ? -1.871  -22.168 -0.950  1.00 43.43 ? 127 GLU A CB  1 
ATOM   1040 C CG  . GLU A 1 127 ? -1.235  -23.382 -0.290  1.00 50.76 ? 127 GLU A CG  1 
ATOM   1041 C CD  . GLU A 1 127 ? -2.086  -24.636 -0.388  1.00 55.79 ? 127 GLU A CD  1 
ATOM   1042 O OE1 . GLU A 1 127 ? -3.113  -24.630 -1.112  1.00 57.41 ? 127 GLU A OE1 1 
ATOM   1043 O OE2 . GLU A 1 127 ? -1.718  -25.646 0.257   1.00 56.53 ? 127 GLU A OE2 1 
ATOM   1044 N N   . LEU A 1 128 ? -2.651  -19.100 -1.166  1.00 35.06 ? 128 LEU A N   1 
ATOM   1045 C CA  . LEU A 1 128 ? -3.262  -18.010 -1.922  1.00 34.17 ? 128 LEU A CA  1 
ATOM   1046 C C   . LEU A 1 128 ? -2.242  -16.886 -2.081  1.00 34.19 ? 128 LEU A C   1 
ATOM   1047 O O   . LEU A 1 128 ? -2.171  -16.241 -3.130  1.00 32.86 ? 128 LEU A O   1 
ATOM   1048 C CB  . LEU A 1 128 ? -4.502  -17.477 -1.197  1.00 33.80 ? 128 LEU A CB  1 
ATOM   1049 C CG  . LEU A 1 128 ? -5.707  -18.414 -1.078  1.00 34.74 ? 128 LEU A CG  1 
ATOM   1050 C CD1 . LEU A 1 128 ? -6.811  -17.734 -0.272  1.00 34.05 ? 128 LEU A CD1 1 
ATOM   1051 C CD2 . LEU A 1 128 ? -6.210  -18.781 -2.471  1.00 35.48 ? 128 LEU A CD2 1 
ATOM   1052 N N   . LEU A 1 129 ? -1.451  -16.665 -1.031  1.00 33.43 ? 129 LEU A N   1 
ATOM   1053 C CA  . LEU A 1 129 ? -0.436  -15.628 -1.030  1.00 33.26 ? 129 LEU A CA  1 
ATOM   1054 C C   . LEU A 1 129 ? 0.622   -15.895 -2.093  1.00 32.72 ? 129 LEU A C   1 
ATOM   1055 O O   . LEU A 1 129 ? 1.023   -14.976 -2.820  1.00 32.22 ? 129 LEU A O   1 
ATOM   1056 C CB  . LEU A 1 129 ? 0.218   -15.534 0.354   1.00 35.20 ? 129 LEU A CB  1 
ATOM   1057 C CG  . LEU A 1 129 ? 1.153   -14.349 0.588   1.00 36.75 ? 129 LEU A CG  1 
ATOM   1058 C CD1 . LEU A 1 129 ? 0.433   -13.043 0.252   1.00 36.52 ? 129 LEU A CD1 1 
ATOM   1059 C CD2 . LEU A 1 129 ? 1.599   -14.361 2.042   1.00 37.01 ? 129 LEU A CD2 1 
ATOM   1060 N N   . GLU A 1 130 ? 1.073   -17.143 -2.197  1.00 32.49 ? 130 GLU A N   1 
ATOM   1061 C CA  . GLU A 1 130 ? 2.085   -17.473 -3.195  1.00 34.33 ? 130 GLU A CA  1 
ATOM   1062 C C   . GLU A 1 130 ? 1.511   -17.297 -4.593  1.00 32.86 ? 130 GLU A C   1 
ATOM   1063 O O   . GLU A 1 130 ? 2.163   -16.746 -5.469  1.00 33.57 ? 130 GLU A O   1 
ATOM   1064 C CB  . GLU A 1 130 ? 2.554   -18.916 -3.044  1.00 36.83 ? 130 GLU A CB  1 
ATOM   1065 C CG  . GLU A 1 130 ? 3.226   -19.234 -1.726  1.00 41.04 ? 130 GLU A CG  1 
ATOM   1066 C CD  . GLU A 1 130 ? 4.019   -20.523 -1.787  1.00 44.46 ? 130 GLU A CD  1 
ATOM   1067 O OE1 . GLU A 1 130 ? 4.388   -21.036 -0.711  1.00 46.71 ? 130 GLU A OE1 1 
ATOM   1068 O OE2 . GLU A 1 130 ? 4.280   -21.014 -2.910  1.00 45.48 ? 130 GLU A OE2 1 
ATOM   1069 N N   . GLY A 1 131 ? 0.289   -17.784 -4.796  1.00 33.28 ? 131 GLY A N   1 
ATOM   1070 C CA  . GLY A 1 131 ? -0.341  -17.653 -6.099  1.00 30.79 ? 131 GLY A CA  1 
ATOM   1071 C C   . GLY A 1 131 ? -0.467  -16.195 -6.506  1.00 29.70 ? 131 GLY A C   1 
ATOM   1072 O O   . GLY A 1 131 ? -0.116  -15.813 -7.624  1.00 28.81 ? 131 GLY A O   1 
ATOM   1073 N N   . LEU A 1 132 ? -0.973  -15.372 -5.593  1.00 26.62 ? 132 LEU A N   1 
ATOM   1074 C CA  . LEU A 1 132 ? -1.130  -13.955 -5.876  1.00 26.07 ? 132 LEU A CA  1 
ATOM   1075 C C   . LEU A 1 132 ? 0.212   -13.266 -6.126  1.00 25.34 ? 132 LEU A C   1 
ATOM   1076 O O   . LEU A 1 132 ? 0.315   -12.427 -7.019  1.00 22.98 ? 132 LEU A O   1 
ATOM   1077 C CB  . LEU A 1 132 ? -1.887  -13.266 -4.737  1.00 25.48 ? 132 LEU A CB  1 
ATOM   1078 C CG  . LEU A 1 132 ? -3.356  -13.698 -4.623  1.00 28.40 ? 132 LEU A CG  1 
ATOM   1079 C CD1 . LEU A 1 132 ? -4.006  -13.006 -3.437  1.00 29.58 ? 132 LEU A CD1 1 
ATOM   1080 C CD2 . LEU A 1 132 ? -4.098  -13.351 -5.913  1.00 28.87 ? 132 LEU A CD2 1 
ATOM   1081 N N   . ASN A 1 133 ? 1.242   -13.608 -5.354  1.00 23.85 ? 133 ASN A N   1 
ATOM   1082 C CA  . ASN A 1 133 ? 2.548   -12.985 -5.575  1.00 26.64 ? 133 ASN A CA  1 
ATOM   1083 C C   . ASN A 1 133 ? 3.063   -13.321 -6.973  1.00 25.99 ? 133 ASN A C   1 
ATOM   1084 O O   . ASN A 1 133 ? 3.584   -12.459 -7.675  1.00 25.87 ? 133 ASN A O   1 
ATOM   1085 C CB  . ASN A 1 133 ? 3.567   -13.438 -4.520  1.00 27.21 ? 133 ASN A CB  1 
ATOM   1086 C CG  . ASN A 1 133 ? 3.285   -12.853 -3.154  1.00 29.27 ? 133 ASN A CG  1 
ATOM   1087 O OD1 . ASN A 1 133 ? 2.897   -11.688 -3.034  1.00 30.02 ? 133 ASN A OD1 1 
ATOM   1088 N ND2 . ASN A 1 133 ? 3.486   -13.652 -2.114  1.00 31.40 ? 133 ASN A ND2 1 
ATOM   1089 N N   . LYS A 1 134 ? 2.902   -14.571 -7.386  1.00 28.48 ? 134 LYS A N   1 
ATOM   1090 C CA  . LYS A 1 134 ? 3.359   -14.957 -8.713  1.00 30.17 ? 134 LYS A CA  1 
ATOM   1091 C C   . LYS A 1 134 ? 2.584   -14.177 -9.776  1.00 30.48 ? 134 LYS A C   1 
ATOM   1092 O O   . LYS A 1 134 ? 3.170   -13.642 -10.720 1.00 30.03 ? 134 LYS A O   1 
ATOM   1093 C CB  . LYS A 1 134 ? 3.187   -16.458 -8.934  1.00 33.61 ? 134 LYS A CB  1 
ATOM   1094 C CG  . LYS A 1 134 ? 3.838   -16.941 -10.223 1.00 37.58 ? 134 LYS A CG  1 
ATOM   1095 C CD  . LYS A 1 134 ? 3.872   -18.459 -10.312 1.00 40.04 ? 134 LYS A CD  1 
ATOM   1096 C CE  . LYS A 1 134 ? 4.651   -18.914 -11.546 1.00 41.59 ? 134 LYS A CE  1 
ATOM   1097 N NZ  . LYS A 1 134 ? 4.788   -20.401 -11.623 1.00 41.66 ? 134 LYS A NZ  1 
ATOM   1098 N N   . ILE A 1 135 ? 1.267   -14.102 -9.617  1.00 30.18 ? 135 ILE A N   1 
ATOM   1099 C CA  . ILE A 1 135 ? 0.442   -13.368 -10.569 1.00 29.63 ? 135 ILE A CA  1 
ATOM   1100 C C   . ILE A 1 135 ? 0.924   -11.921 -10.690 1.00 29.45 ? 135 ILE A C   1 
ATOM   1101 O O   . ILE A 1 135 ? 1.093   -11.401 -11.799 1.00 26.59 ? 135 ILE A O   1 
ATOM   1102 C CB  . ILE A 1 135 ? -1.048  -13.395 -10.145 1.00 29.36 ? 135 ILE A CB  1 
ATOM   1103 C CG1 . ILE A 1 135 ? -1.629  -14.786 -10.418 1.00 29.48 ? 135 ILE A CG1 1 
ATOM   1104 C CG2 . ILE A 1 135 ? -1.835  -12.323 -10.889 1.00 28.79 ? 135 ILE A CG2 1 
ATOM   1105 C CD1 . ILE A 1 135 ? -3.019  -14.989 -9.866  1.00 30.52 ? 135 ILE A CD1 1 
ATOM   1106 N N   . LEU A 1 136 ? 1.167   -11.272 -9.552  1.00 27.45 ? 136 LEU A N   1 
ATOM   1107 C CA  . LEU A 1 136 ? 1.628   -9.887  -9.577  1.00 28.16 ? 136 LEU A CA  1 
ATOM   1108 C C   . LEU A 1 136 ? 2.926   -9.722  -10.371 1.00 29.10 ? 136 LEU A C   1 
ATOM   1109 O O   . LEU A 1 136 ? 3.075   -8.769  -11.139 1.00 27.97 ? 136 LEU A O   1 
ATOM   1110 C CB  . LEU A 1 136 ? 1.830   -9.352  -8.153  1.00 26.71 ? 136 LEU A CB  1 
ATOM   1111 C CG  . LEU A 1 136 ? 2.368   -7.914  -8.112  1.00 28.72 ? 136 LEU A CG  1 
ATOM   1112 C CD1 . LEU A 1 136 ? 1.377   -6.966  -8.791  1.00 27.22 ? 136 LEU A CD1 1 
ATOM   1113 C CD2 . LEU A 1 136 ? 2.604   -7.491  -6.674  1.00 28.73 ? 136 LEU A CD2 1 
ATOM   1114 N N   A SER A 1 137 ? 3.862   -10.650 -10.190 0.50 29.82 ? 137 SER A N   1 
ATOM   1115 N N   B SER A 1 137 ? 3.856   -10.653 -10.189 0.50 30.02 ? 137 SER A N   1 
ATOM   1116 C CA  A SER A 1 137 ? 5.139   -10.571 -10.895 0.50 31.23 ? 137 SER A CA  1 
ATOM   1117 C CA  B SER A 1 137 ? 5.131   -10.590 -10.892 0.50 31.67 ? 137 SER A CA  1 
ATOM   1118 C C   A SER A 1 137 ? 4.955   -10.680 -12.408 0.50 32.88 ? 137 SER A C   1 
ATOM   1119 C C   B SER A 1 137 ? 4.944   -10.672 -12.403 0.50 33.11 ? 137 SER A C   1 
ATOM   1120 O O   A SER A 1 137 ? 5.716   -10.092 -13.176 0.50 33.67 ? 137 SER A O   1 
ATOM   1121 O O   B SER A 1 137 ? 5.693   -10.058 -13.165 0.50 33.87 ? 137 SER A O   1 
ATOM   1122 C CB  A SER A 1 137 ? 6.091   -11.669 -10.410 0.50 30.12 ? 137 SER A CB  1 
ATOM   1123 C CB  B SER A 1 137 ? 6.045   -11.727 -10.437 0.50 30.85 ? 137 SER A CB  1 
ATOM   1124 O OG  A SER A 1 137 ? 5.624   -12.956 -10.764 0.50 28.95 ? 137 SER A OG  1 
ATOM   1125 O OG  B SER A 1 137 ? 7.275   -11.682 -11.138 0.50 31.31 ? 137 SER A OG  1 
ATOM   1126 N N   . ARG A 1 138 ? 3.944   -11.434 -12.830 1.00 34.13 ? 138 ARG A N   1 
ATOM   1127 C CA  . ARG A 1 138 ? 3.666   -11.613 -14.252 1.00 36.67 ? 138 ARG A CA  1 
ATOM   1128 C C   . ARG A 1 138 ? 2.968   -10.401 -14.864 1.00 38.83 ? 138 ARG A C   1 
ATOM   1129 O O   . ARG A 1 138 ? 3.075   -10.158 -16.067 1.00 39.03 ? 138 ARG A O   1 
ATOM   1130 C CB  . ARG A 1 138 ? 2.823   -12.874 -14.459 1.00 36.49 ? 138 ARG A CB  1 
ATOM   1131 C CG  . ARG A 1 138 ? 3.563   -14.164 -14.129 1.00 39.59 ? 138 ARG A CG  1 
ATOM   1132 C CD  . ARG A 1 138 ? 4.666   -14.431 -15.141 1.00 40.32 ? 138 ARG A CD  1 
ATOM   1133 N NE  . ARG A 1 138 ? 5.404   -15.664 -14.870 1.00 43.85 ? 138 ARG A NE  1 
ATOM   1134 C CZ  . ARG A 1 138 ? 6.415   -15.765 -14.009 1.00 45.66 ? 138 ARG A CZ  1 
ATOM   1135 N NH1 . ARG A 1 138 ? 6.821   -14.703 -13.323 1.00 45.06 ? 138 ARG A NH1 1 
ATOM   1136 N NH2 . ARG A 1 138 ? 7.030   -16.930 -13.838 1.00 45.45 ? 138 ARG A NH2 1 
ATOM   1137 N N   . ILE A 1 139 ? 2.268   -9.640  -14.029 1.00 41.11 ? 139 ILE A N   1 
ATOM   1138 C CA  . ILE A 1 139 ? 1.558   -8.443  -14.476 1.00 43.77 ? 139 ILE A CA  1 
ATOM   1139 C C   . ILE A 1 139 ? 2.545   -7.401  -14.996 1.00 44.39 ? 139 ILE A C   1 
ATOM   1140 O O   . ILE A 1 139 ? 2.343   -6.915  -16.129 1.00 45.22 ? 139 ILE A O   1 
ATOM   1141 C CB  . ILE A 1 139 ? 0.737   -7.805  -13.323 1.00 43.98 ? 139 ILE A CB  1 
ATOM   1142 C CG1 . ILE A 1 139 ? -0.264  -8.820  -12.764 1.00 45.22 ? 139 ILE A CG1 1 
ATOM   1143 C CG2 . ILE A 1 139 ? 0.020   -6.555  -13.817 1.00 44.57 ? 139 ILE A CG2 1 
ATOM   1144 C CD1 . ILE A 1 139 ? -1.201  -9.416  -13.802 1.00 45.67 ? 139 ILE A CD1 1 
ATOM   1145 N N   . GLY A 1 140 ? 3.506   -7.078  -14.261 1.00 45.82 ? 140 GLY A N   1 
HETATM 1146 S S   . SO4 B 2 .   ? 3.775   -4.003  0.568   1.00 27.53 ? 201 SO4 A S   1 
HETATM 1147 O O1  . SO4 B 2 .   ? 2.328   -4.043  0.278   1.00 29.51 ? 201 SO4 A O1  1 
HETATM 1148 O O2  . SO4 B 2 .   ? 4.078   -2.827  1.396   1.00 28.59 ? 201 SO4 A O2  1 
HETATM 1149 O O3  . SO4 B 2 .   ? 4.530   -3.917  -0.700  1.00 24.43 ? 201 SO4 A O3  1 
HETATM 1150 O O4  . SO4 B 2 .   ? 4.148   -5.226  1.299   1.00 28.54 ? 201 SO4 A O4  1 
HETATM 1151 O O   . HOH C 3 .   ? 12.775  6.268   5.962   1.00 18.40 ? 301 HOH A O   1 
HETATM 1152 O O   . HOH C 3 .   ? 13.358  10.482  10.725  1.00 22.30 ? 302 HOH A O   1 
HETATM 1153 O O   . HOH C 3 .   ? 14.714  3.901   -3.215  1.00 23.24 ? 303 HOH A O   1 
HETATM 1154 O O   . HOH C 3 .   ? 1.234   -5.006  5.555   1.00 24.97 ? 304 HOH A O   1 
HETATM 1155 O O   . HOH C 3 .   ? 6.206   -6.004  -1.246  1.00 30.69 ? 305 HOH A O   1 
HETATM 1156 O O   . HOH C 3 .   ? 9.779   18.122  6.161   1.00 28.40 ? 306 HOH A O   1 
HETATM 1157 O O   . HOH C 3 .   ? 9.932   -0.485  -6.364  1.00 26.15 ? 307 HOH A O   1 
HETATM 1158 O O   . HOH C 3 .   ? 0.523   -1.928  1.002   1.00 30.32 ? 308 HOH A O   1 
HETATM 1159 O O   . HOH C 3 .   ? 18.274  8.495   6.927   1.00 27.43 ? 309 HOH A O   1 
HETATM 1160 O O   . HOH C 3 .   ? 6.591   -6.187  1.928   1.00 33.02 ? 310 HOH A O   1 
HETATM 1161 O O   . HOH C 3 .   ? 14.976  -2.163  3.606   1.00 29.75 ? 311 HOH A O   1 
HETATM 1162 O O   . HOH C 3 .   ? 15.214  1.529   -1.925  1.00 28.59 ? 312 HOH A O   1 
HETATM 1163 O O   . HOH C 3 .   ? 8.493   12.849  14.484  1.00 26.79 ? 313 HOH A O   1 
HETATM 1164 O O   . HOH C 3 .   ? -13.699 -15.453 -18.060 1.00 25.02 ? 314 HOH A O   1 
HETATM 1165 O O   . HOH C 3 .   ? -5.523  5.029   -1.110  1.00 28.93 ? 315 HOH A O   1 
HETATM 1166 O O   . HOH C 3 .   ? 7.890   -4.090  6.126   1.00 26.88 ? 316 HOH A O   1 
HETATM 1167 O O   . HOH C 3 .   ? 6.595   1.533   13.037  1.00 27.54 ? 317 HOH A O   1 
HETATM 1168 O O   . HOH C 3 .   ? 16.603  -3.067  0.596   1.00 41.04 ? 318 HOH A O   1 
HETATM 1169 O O   . HOH C 3 .   ? -8.930  7.811   3.427   1.00 29.77 ? 319 HOH A O   1 
HETATM 1170 O O   . HOH C 3 .   ? 6.006   19.715  7.216   1.00 37.01 ? 320 HOH A O   1 
HETATM 1171 O O   . HOH C 3 .   ? 7.512   14.880  12.968  1.00 32.86 ? 321 HOH A O   1 
HETATM 1172 O O   . HOH C 3 .   ? 3.546   -9.994  -0.900  1.00 30.76 ? 322 HOH A O   1 
HETATM 1173 O O   . HOH C 3 .   ? -9.850  -1.915  12.573  1.00 32.76 ? 323 HOH A O   1 
HETATM 1174 O O   . HOH C 3 .   ? 0.839   -2.528  14.689  1.00 29.94 ? 324 HOH A O   1 
HETATM 1175 O O   . HOH C 3 .   ? 8.420   16.389  7.914   1.00 36.70 ? 325 HOH A O   1 
HETATM 1176 O O   . HOH C 3 .   ? 17.440  3.717   1.149   1.00 30.12 ? 326 HOH A O   1 
HETATM 1177 O O   . HOH C 3 .   ? 5.221   -10.434 -6.512  1.00 29.30 ? 327 HOH A O   1 
HETATM 1178 O O   . HOH C 3 .   ? -13.362 -15.409 -20.860 1.00 31.74 ? 328 HOH A O   1 
HETATM 1179 O O   . HOH C 3 .   ? 4.968   -7.591  4.611   1.00 35.51 ? 329 HOH A O   1 
HETATM 1180 O O   . HOH C 3 .   ? 2.178   -3.897  7.773   1.00 29.49 ? 330 HOH A O   1 
HETATM 1181 O O   . HOH C 3 .   ? 19.193  0.392   -0.284  1.00 42.14 ? 331 HOH A O   1 
HETATM 1182 O O   . HOH C 3 .   ? -15.001 -7.419  -12.184 1.00 34.26 ? 332 HOH A O   1 
HETATM 1183 O O   . HOH C 3 .   ? 7.670   -1.406  9.659   1.00 38.11 ? 333 HOH A O   1 
HETATM 1184 O O   . HOH C 3 .   ? -8.767  -16.423 -19.096 1.00 34.51 ? 334 HOH A O   1 
HETATM 1185 O O   . HOH C 3 .   ? 18.581  -3.824  -1.022  1.00 25.68 ? 335 HOH A O   1 
HETATM 1186 O O   . HOH C 3 .   ? 6.304   -0.911  11.953  1.00 31.31 ? 336 HOH A O   1 
HETATM 1187 O O   . HOH C 3 .   ? 17.747  5.719   7.235   1.00 32.30 ? 337 HOH A O   1 
HETATM 1188 O O   . HOH C 3 .   ? 12.643  9.256   -7.525  1.00 46.14 ? 338 HOH A O   1 
HETATM 1189 O O   . HOH C 3 .   ? 10.082  -4.430  7.896   1.00 38.89 ? 339 HOH A O   1 
HETATM 1190 O O   . HOH C 3 .   ? 9.269   1.446   12.165  1.00 41.34 ? 340 HOH A O   1 
HETATM 1191 O O   . HOH C 3 .   ? -2.631  10.506  -4.072  1.00 35.89 ? 341 HOH A O   1 
HETATM 1192 O O   . HOH C 3 .   ? 5.330   -4.330  -6.030  1.00 35.25 ? 342 HOH A O   1 
HETATM 1193 O O   . HOH C 3 .   ? -13.544 1.481   -4.898  1.00 36.19 ? 343 HOH A O   1 
HETATM 1194 O O   . HOH C 3 .   ? 3.826   -2.075  8.799   1.00 36.20 ? 344 HOH A O   1 
HETATM 1195 O O   . HOH C 3 .   ? 6.360   -3.316  8.233   1.00 43.19 ? 345 HOH A O   1 
HETATM 1196 O O   . HOH C 3 .   ? 8.629   6.362   16.677  1.00 33.92 ? 346 HOH A O   1 
HETATM 1197 O O   . HOH C 3 .   ? -3.105  3.071   -10.033 1.00 41.13 ? 347 HOH A O   1 
HETATM 1198 O O   . HOH C 3 .   ? 8.457   1.361   15.291  1.00 48.08 ? 348 HOH A O   1 
HETATM 1199 O O   . HOH C 3 .   ? 3.675   -2.033  11.398  1.00 33.18 ? 349 HOH A O   1 
HETATM 1200 O O   . HOH C 3 .   ? -3.426  9.170   -0.534  1.00 44.38 ? 350 HOH A O   1 
HETATM 1201 O O   . HOH C 3 .   ? 0.985   -6.678  13.192  1.00 37.81 ? 351 HOH A O   1 
HETATM 1202 O O   . HOH C 3 .   ? 6.846   -7.806  -12.383 1.00 36.15 ? 352 HOH A O   1 
HETATM 1203 O O   . HOH C 3 .   ? 8.444   15.576  -4.524  1.00 35.66 ? 353 HOH A O   1 
HETATM 1204 O O   . HOH C 3 .   ? 7.316   -3.049  13.868  1.00 46.00 ? 354 HOH A O   1 
HETATM 1205 O O   . HOH C 3 .   ? 5.691   -5.570  -8.396  1.00 39.84 ? 355 HOH A O   1 
HETATM 1206 O O   . HOH C 3 .   ? 6.400   -5.717  -4.236  1.00 37.25 ? 356 HOH A O   1 
HETATM 1207 O O   . HOH C 3 .   ? -3.502  12.222  9.672   1.00 41.08 ? 357 HOH A O   1 
HETATM 1208 O O   . HOH C 3 .   ? 7.395   4.007   17.095  1.00 39.40 ? 358 HOH A O   1 
HETATM 1209 O O   . HOH C 3 .   ? 5.948   -8.234  -7.985  1.00 44.61 ? 359 HOH A O   1 
HETATM 1210 O O   . HOH C 3 .   ? 0.853   15.656  -7.639  1.00 40.51 ? 360 HOH A O   1 
HETATM 1211 O O   . HOH C 3 .   ? 11.243  -2.459  9.332   1.00 49.45 ? 361 HOH A O   1 
HETATM 1212 O O   . HOH C 3 .   ? 19.123  3.992   5.545   1.00 44.92 ? 362 HOH A O   1 
HETATM 1213 O O   . HOH C 3 .   ? 6.871   -3.323  -9.107  1.00 30.13 ? 363 HOH A O   1 
HETATM 1214 O O   . HOH C 3 .   ? -14.027 4.923   1.110   1.00 33.24 ? 364 HOH A O   1 
HETATM 1215 O O   . HOH C 3 .   ? 7.858   14.432  -6.835  1.00 34.91 ? 365 HOH A O   1 
HETATM 1216 O O   . HOH C 3 .   ? -3.160  9.793   -11.279 1.00 52.98 ? 366 HOH A O   1 
HETATM 1217 O O   . HOH C 3 .   ? 19.279  8.939   4.721   1.00 38.96 ? 367 HOH A O   1 
HETATM 1218 O O   . HOH C 3 .   ? -15.468 -3.426  12.725  1.00 45.07 ? 368 HOH A O   1 
HETATM 1219 O O   . HOH C 3 .   ? 15.046  -1.493  8.152   1.00 43.43 ? 369 HOH A O   1 
HETATM 1220 O O   . HOH C 3 .   ? 3.704   8.403   -13.515 1.00 53.09 ? 370 HOH A O   1 
HETATM 1221 O O   . HOH C 3 .   ? -16.982 -2.106  0.183   1.00 38.12 ? 371 HOH A O   1 
HETATM 1222 O O   . HOH C 3 .   ? -4.438  15.019  11.092  1.00 53.78 ? 372 HOH A O   1 
HETATM 1223 O O   . HOH C 3 .   ? -5.083  11.161  2.614   1.00 49.18 ? 373 HOH A O   1 
HETATM 1224 O O   . HOH C 3 .   ? -5.726  7.699   -2.011  1.00 49.31 ? 374 HOH A O   1 
HETATM 1225 O O   . HOH C 3 .   ? 23.546  21.482  0.249   1.00 49.43 ? 375 HOH A O   1 
HETATM 1226 O O   . HOH C 3 .   ? -7.005  -5.028  -2.089  1.00 36.43 ? 376 HOH A O   1 
HETATM 1227 O O   . HOH C 3 .   ? -7.214  -17.832 -22.180 1.00 40.42 ? 377 HOH A O   1 
HETATM 1228 O O   . HOH C 3 .   ? 18.088  19.102  -5.944  1.00 47.95 ? 378 HOH A O   1 
HETATM 1229 O O   . HOH C 3 .   ? -0.086  19.723  9.196   1.00 44.22 ? 379 HOH A O   1 
HETATM 1230 O O   . HOH C 3 .   ? -12.087 1.972   -7.136  1.00 60.97 ? 380 HOH A O   1 
HETATM 1231 O O   . HOH C 3 .   ? -8.073  5.662   -3.522  1.00 54.32 ? 381 HOH A O   1 
HETATM 1232 O O   . HOH C 3 .   ? -16.067 -12.263 -9.534  1.00 40.05 ? 382 HOH A O   1 
HETATM 1233 O O   . HOH C 3 .   ? 2.570   11.265  -12.962 1.00 55.97 ? 383 HOH A O   1 
HETATM 1234 O O   . HOH C 3 .   ? 15.373  2.982   -5.689  1.00 50.41 ? 384 HOH A O   1 
HETATM 1235 O O   . HOH C 3 .   ? -1.979  -21.324 4.990   1.00 46.13 ? 385 HOH A O   1 
HETATM 1236 O O   . HOH C 3 .   ? 20.384  20.098  -5.161  1.00 43.31 ? 386 HOH A O   1 
HETATM 1237 O O   . HOH C 3 .   ? -8.701  8.635   0.956   1.00 50.23 ? 387 HOH A O   1 
HETATM 1238 O O   . HOH C 3 .   ? -1.371  12.032  2.103   1.00 30.81 ? 388 HOH A O   1 
HETATM 1239 O O   . HOH C 3 .   ? 1.612   17.947  -5.579  1.00 49.57 ? 389 HOH A O   1 
HETATM 1240 O O   . HOH C 3 .   ? -15.033 -4.704  -13.548 1.00 39.51 ? 390 HOH A O   1 
HETATM 1241 O O   . HOH C 3 .   ? 19.385  4.101   3.044   1.00 43.21 ? 391 HOH A O   1 
HETATM 1242 O O   . HOH C 3 .   ? 15.018  4.886   -7.425  1.00 53.06 ? 392 HOH A O   1 
HETATM 1243 O O   . HOH C 3 .   ? -3.304  11.329  -1.641  1.00 44.65 ? 393 HOH A O   1 
HETATM 1244 O O   . HOH C 3 .   ? 12.627  7.037   13.212  1.00 48.89 ? 394 HOH A O   1 
HETATM 1245 O O   . HOH C 3 .   ? 11.711  6.643   15.893  1.00 46.57 ? 395 HOH A O   1 
HETATM 1246 O O   . HOH C 3 .   ? -2.375  11.867  4.482   1.00 40.98 ? 396 HOH A O   1 
HETATM 1247 O O   . HOH C 3 .   ? -18.089 4.530   8.461   1.00 42.84 ? 397 HOH A O   1 
HETATM 1248 O O   . HOH C 3 .   ? 15.638  17.805  -7.943  1.00 64.23 ? 398 HOH A O   1 
HETATM 1249 O O   . HOH C 3 .   ? 17.373  5.601   -6.230  1.00 54.98 ? 399 HOH A O   1 
HETATM 1250 O O   . HOH C 3 .   ? -12.812 7.616   2.232   1.00 44.43 ? 400 HOH A O   1 
HETATM 1251 O O   . HOH C 3 .   ? -2.125  -22.463 2.330   1.00 38.98 ? 401 HOH A O   1 
HETATM 1252 O O   . HOH C 3 .   ? -4.407  8.094   -4.577  1.00 51.34 ? 402 HOH A O   1 
HETATM 1253 O O   . HOH C 3 .   ? 0.974   7.011   21.619  1.00 56.84 ? 403 HOH A O   1 
HETATM 1254 O O   . HOH C 3 .   ? -6.223  -17.594 -20.114 1.00 37.48 ? 404 HOH A O   1 
HETATM 1255 O O   . HOH C 3 .   ? 7.716   18.191  9.954   1.00 54.67 ? 405 HOH A O   1 
HETATM 1256 O O   . HOH C 3 .   ? 12.815  0.238   -7.576  1.00 51.69 ? 406 HOH A O   1 
HETATM 1257 O O   . HOH C 3 .   ? 4.648   4.468   18.706  1.00 54.55 ? 407 HOH A O   1 
HETATM 1258 O O   . HOH C 3 .   ? -18.086 1.604   9.583   1.00 58.53 ? 408 HOH A O   1 
# 
